data_7FAH
#
_entry.id   7FAH
#
_cell.length_a   107.740
_cell.length_b   51.122
_cell.length_c   168.248
_cell.angle_alpha   90.000
_cell.angle_beta   106.900
_cell.angle_gamma   90.000
#
_symmetry.space_group_name_H-M   'P 1 21 1'
#
loop_
_entity.id
_entity.type
_entity.pdbx_description
1 polymer Hemagglutinin
2 polymer 'heavy chain of antibody 12H5'
3 polymer 'Light chain of antibody 12H5'
4 non-polymer 2-acetamido-2-deoxy-beta-D-glucopyranose
5 non-polymer '2-(N-MORPHOLINO)-ETHANESULFONIC ACID'
#
loop_
_entity_poly.entity_id
_entity_poly.type
_entity_poly.pdbx_seq_one_letter_code
_entity_poly.pdbx_strand_id
1 'polypeptide(L)'
;MDTLCIGYHANNSTDTVDTVLEKNVTVTHSVNLLEDKHNGKLCKLRGVAPLHLGKCNIAGWILGNPECESLSTASSWSYI
VETPSSDNGTCYPGDFIDYEELREQLSSVSSFERFEIFPKTSSWPNHDSNKGVTAACPHAGAKSFYKNLIWLVKKGNSYP
KLSKSYINDKGKEVLVLWGIHHPSTSADQQSLYQNADTYVFVGSSRYSKKFKPEIAIRPKVRDQEGRMNYYWTLVEPGDK
ITFEATGNLVVPRYAFAMERNAGSGIIISDTPVHDCNTTCQTPKGAINTSLPFQNIHPITIGKCPKYVKSTKLRLATGLR
NIPSIQSRGLFGAIAGFIEGGWTGMVDGWYGYHHQNEQGSGYAADLKSTQNAIDEITNKVNSVIEKMNTQFTAVGKEFNH
LEKRIENLNKKVDDGFLDIWTYNAELLVLLENERTLDYHDSNVKNLYEKVRSQLKNNAKEIGNGCFEFYHKCDNTCMESV
KNGTYDYPKYSEEAKLNREEIDSGRLVPRGSPGSGYIPEAPRDGQAYVRKDGEWVLLSTFLGHHHHHH
;
A,B
2 'polypeptide(L)'
;QIQLVQSGPELKKPGETVRISCKASGYTFTKNGMNWVQQAPGKGLKWVGWINTYTGEPSYADDFKGRFAFSLETSASTAY
LQINNLKNEDMAAYFCARMVRDAMDFWGQGTSVTVSSAKTTPPSVYPLAPGSAAQTNSMVTLGCLVKGYFPEPVTVTWNS
GSLSSGVHTFPAVLQSDLYTLSSSVTVPSSPRPSETVTCNVAHPASSTKVDKKIVPR
;
H,C
3 'polypeptide(L)'
;DIVLTQSPASLAVSLGQRATISCKASQSVDFDGYNYLNWYQQKPGQPPKLLIYAASNLESGIPARFSGSGSGTDFTLNIH
PVEEEDAATYFCQQSNEDPYTFGGGTKLEIKRADAAPTVSIFPPSSEQLTSGGASVVCFLNNFYPKDINVKWKIDGSERQ
NGVLNSWTDQDSKDSTYSMSSTLTLTKDEYERHNSYTCEATHKTSTSPIVKSFNRNEC
;
L,D
#
# COMPACT_ATOMS: atom_id res chain seq x y z
N VAL A 48 45.18 8.23 12.13
CA VAL A 48 44.70 6.94 11.67
C VAL A 48 43.58 7.13 10.65
N ALA A 49 42.78 6.09 10.44
CA ALA A 49 41.65 6.14 9.54
C ALA A 49 40.38 5.77 10.30
N PRO A 50 39.24 6.36 9.95
CA PRO A 50 38.00 6.02 10.65
C PRO A 50 37.56 4.60 10.35
N LEU A 51 36.78 4.05 11.28
CA LEU A 51 36.21 2.72 11.12
C LEU A 51 34.94 2.84 10.30
N HIS A 52 34.80 1.97 9.30
CA HIS A 52 33.63 1.97 8.45
C HIS A 52 32.81 0.72 8.73
N LEU A 53 31.59 0.91 9.21
CA LEU A 53 30.67 -0.18 9.40
C LEU A 53 29.82 -0.34 8.14
N GLY A 54 29.31 -1.55 7.94
CA GLY A 54 28.48 -1.83 6.79
C GLY A 54 27.08 -2.22 7.20
N LYS A 55 26.08 -1.49 6.69
CA LYS A 55 24.66 -1.76 6.90
C LYS A 55 24.20 -1.34 8.30
N CYS A 56 25.09 -0.87 9.18
CA CYS A 56 24.72 -0.76 10.59
C CYS A 56 25.36 0.45 11.25
N ASN A 57 24.67 0.98 12.27
CA ASN A 57 25.19 2.00 13.15
C ASN A 57 25.94 1.36 14.31
N ILE A 58 26.50 2.18 15.20
CA ILE A 58 27.25 1.65 16.33
C ILE A 58 26.35 0.81 17.21
N ALA A 59 25.06 1.12 17.25
CA ALA A 59 24.14 0.40 18.12
C ALA A 59 24.12 -1.08 17.76
N GLY A 60 23.65 -1.41 16.55
CA GLY A 60 23.55 -2.80 16.16
C GLY A 60 24.89 -3.47 15.92
N TRP A 61 25.91 -2.68 15.56
CA TRP A 61 27.23 -3.25 15.31
C TRP A 61 27.77 -3.93 16.57
N ILE A 62 27.93 -3.17 17.66
CA ILE A 62 28.55 -3.73 18.85
C ILE A 62 27.57 -4.54 19.68
N LEU A 63 26.27 -4.33 19.50
CA LEU A 63 25.31 -5.19 20.18
C LEU A 63 25.35 -6.62 19.66
N GLY A 64 26.06 -6.87 18.55
CA GLY A 64 26.00 -8.17 17.92
C GLY A 64 24.77 -8.39 17.06
N ASN A 65 24.06 -7.32 16.72
CA ASN A 65 22.91 -7.43 15.85
C ASN A 65 23.26 -8.31 14.65
N PRO A 66 22.46 -9.32 14.31
CA PRO A 66 22.70 -10.02 13.05
C PRO A 66 22.29 -9.11 11.91
N GLU A 67 22.76 -9.45 10.72
CA GLU A 67 22.58 -8.58 9.55
C GLU A 67 23.34 -7.28 9.70
N CYS A 68 24.28 -7.21 10.65
CA CYS A 68 25.07 -6.02 10.95
C CYS A 68 26.54 -6.42 11.06
N GLU A 69 27.01 -7.17 10.08
CA GLU A 69 28.36 -7.75 10.10
C GLU A 69 29.31 -6.81 9.36
N SER A 70 30.00 -5.95 10.09
CA SER A 70 31.06 -5.16 9.48
C SER A 70 32.22 -6.07 9.09
N LEU A 71 33.00 -5.60 8.10
CA LEU A 71 34.11 -6.37 7.57
C LEU A 71 35.43 -5.64 7.71
N SER A 72 35.47 -4.54 8.48
CA SER A 72 36.66 -3.70 8.53
C SER A 72 37.88 -4.47 9.01
N THR A 73 37.70 -5.34 9.99
CA THR A 73 38.80 -6.05 10.66
C THR A 73 39.91 -5.12 11.13
N ALA A 74 39.65 -3.81 11.16
CA ALA A 74 40.59 -2.87 11.73
C ALA A 74 40.42 -2.84 13.25
N SER A 75 41.55 -2.90 13.96
CA SER A 75 41.53 -2.93 15.43
C SER A 75 42.17 -1.68 16.04
N SER A 76 42.26 -0.58 15.28
CA SER A 76 42.99 0.60 15.76
C SER A 76 42.38 1.90 15.24
N TRP A 77 41.08 1.91 14.94
CA TRP A 77 40.47 3.07 14.31
C TRP A 77 40.52 4.30 15.21
N SER A 78 40.18 5.45 14.62
CA SER A 78 40.14 6.73 15.33
C SER A 78 38.72 7.13 15.71
N TYR A 79 37.86 7.35 14.72
CA TYR A 79 36.43 7.50 14.95
C TYR A 79 35.69 6.60 13.98
N ILE A 80 34.36 6.58 14.09
CA ILE A 80 33.55 5.58 13.40
C ILE A 80 32.64 6.27 12.38
N VAL A 81 32.46 5.60 11.24
CA VAL A 81 31.54 6.02 10.20
C VAL A 81 30.55 4.89 9.98
N GLU A 82 29.26 5.21 10.06
CA GLU A 82 28.22 4.20 10.16
C GLU A 82 27.24 4.33 9.01
N THR A 83 27.08 3.26 8.25
CA THR A 83 25.99 3.21 7.28
C THR A 83 24.67 3.03 8.03
N PRO A 84 23.63 3.76 7.65
CA PRO A 84 22.40 3.78 8.47
C PRO A 84 21.24 3.00 7.85
N SER A 85 20.24 2.66 8.65
CA SER A 85 19.10 1.92 8.14
C SER A 85 17.94 2.02 9.14
N SER A 86 16.95 1.12 8.98
CA SER A 86 15.67 1.26 9.66
C SER A 86 15.76 0.76 11.09
N ASP A 87 16.21 -0.48 11.29
CA ASP A 87 16.48 -0.99 12.62
C ASP A 87 17.67 -0.21 13.15
N ASN A 88 17.40 0.85 13.91
CA ASN A 88 18.47 1.77 14.27
C ASN A 88 19.47 1.05 15.16
N GLY A 89 20.11 0.02 14.60
CA GLY A 89 20.90 -0.89 15.38
C GLY A 89 20.07 -1.83 16.20
N THR A 90 19.23 -1.28 17.07
CA THR A 90 18.45 -2.07 18.02
C THR A 90 17.28 -2.68 17.27
N CYS A 91 17.48 -3.92 16.80
CA CYS A 91 16.40 -4.66 16.15
C CYS A 91 15.27 -5.00 17.10
N TYR A 92 15.49 -4.83 18.41
CA TYR A 92 14.43 -4.94 19.40
C TYR A 92 14.12 -3.55 19.94
N PRO A 93 12.88 -3.06 19.88
CA PRO A 93 12.59 -1.71 20.37
C PRO A 93 13.11 -1.45 21.77
N GLY A 94 13.99 -0.47 21.91
CA GLY A 94 14.53 -0.14 23.22
C GLY A 94 15.27 1.17 23.17
N ASP A 95 15.94 1.48 24.27
CA ASP A 95 16.74 2.68 24.40
C ASP A 95 18.15 2.28 24.81
N PHE A 96 19.14 2.93 24.19
CA PHE A 96 20.55 2.66 24.47
C PHE A 96 21.02 3.71 25.47
N ILE A 97 21.32 3.26 26.69
CA ILE A 97 21.67 4.18 27.77
C ILE A 97 23.10 4.68 27.57
N ASP A 98 23.31 5.95 27.88
CA ASP A 98 24.62 6.58 27.72
C ASP A 98 25.23 6.24 26.36
N TYR A 99 24.39 6.28 25.32
CA TYR A 99 24.86 6.01 23.96
C TYR A 99 26.02 6.95 23.61
N GLU A 100 25.79 8.26 23.70
CA GLU A 100 26.84 9.21 23.33
C GLU A 100 28.10 9.00 24.18
N GLU A 101 27.94 8.55 25.43
CA GLU A 101 29.10 8.19 26.22
C GLU A 101 29.81 6.97 25.62
N LEU A 102 29.07 6.07 25.00
CA LEU A 102 29.68 4.92 24.36
C LEU A 102 30.30 5.31 23.02
N ARG A 103 29.66 6.24 22.31
CA ARG A 103 30.23 6.71 21.05
C ARG A 103 31.58 7.35 21.27
N GLU A 104 31.71 8.17 22.31
CA GLU A 104 32.98 8.82 22.60
C GLU A 104 33.96 7.90 23.30
N GLN A 105 33.53 6.70 23.64
CA GLN A 105 34.45 5.65 24.11
C GLN A 105 35.01 4.86 22.93
N LEU A 106 34.14 4.45 22.00
CA LEU A 106 34.55 3.74 20.79
C LEU A 106 35.17 4.73 19.79
N SER A 107 36.23 5.41 20.24
CA SER A 107 36.86 6.44 19.44
C SER A 107 38.27 6.66 19.97
N SER A 108 39.22 6.83 19.05
CA SER A 108 40.64 6.89 19.39
C SER A 108 41.10 5.55 19.97
N VAL A 109 40.77 4.48 19.26
CA VAL A 109 41.03 3.12 19.72
C VAL A 109 42.36 2.65 19.15
N SER A 110 43.14 1.97 19.97
CA SER A 110 44.44 1.42 19.58
C SER A 110 44.51 -0.09 19.77
N SER A 111 43.40 -0.72 20.14
CA SER A 111 43.32 -2.16 20.30
C SER A 111 41.86 -2.52 20.53
N PHE A 112 41.45 -3.69 20.05
CA PHE A 112 40.05 -4.06 20.15
C PHE A 112 39.84 -5.57 20.08
N GLU A 113 40.29 -6.29 21.12
CA GLU A 113 40.08 -7.73 21.19
C GLU A 113 38.68 -8.04 21.68
N ARG A 114 37.97 -8.87 20.93
CA ARG A 114 36.65 -9.35 21.33
C ARG A 114 36.79 -10.78 21.84
N PHE A 115 36.42 -11.00 23.09
CA PHE A 115 36.47 -12.33 23.71
C PHE A 115 35.08 -12.71 24.21
N GLU A 116 34.93 -13.99 24.57
CA GLU A 116 33.67 -14.50 25.07
C GLU A 116 33.70 -14.44 26.59
N ILE A 117 33.02 -13.44 27.16
CA ILE A 117 33.04 -13.24 28.60
C ILE A 117 32.27 -14.36 29.30
N PHE A 118 31.10 -14.72 28.79
CA PHE A 118 30.22 -15.72 29.39
C PHE A 118 29.93 -16.80 28.36
N PRO A 119 30.78 -17.83 28.27
CA PRO A 119 30.55 -18.88 27.26
C PRO A 119 29.18 -19.53 27.39
N LYS A 120 28.42 -19.48 26.30
CA LYS A 120 27.05 -19.99 26.31
C LYS A 120 26.98 -21.43 26.83
N THR A 121 27.89 -22.29 26.35
CA THR A 121 27.78 -23.71 26.64
C THR A 121 28.04 -24.05 28.10
N SER A 122 28.79 -23.21 28.82
CA SER A 122 29.25 -23.55 30.17
C SER A 122 28.98 -22.44 31.17
N SER A 123 27.95 -21.62 30.93
CA SER A 123 27.66 -20.49 31.81
C SER A 123 26.27 -20.51 32.43
N TRP A 124 25.26 -21.01 31.72
CA TRP A 124 23.88 -20.93 32.16
C TRP A 124 23.29 -22.34 32.22
N PRO A 125 23.60 -23.11 33.27
CA PRO A 125 23.02 -24.45 33.38
C PRO A 125 21.55 -24.43 33.76
N ASN A 126 21.16 -23.54 34.66
CA ASN A 126 19.79 -23.49 35.17
C ASN A 126 18.85 -22.73 34.24
N HIS A 127 19.35 -22.15 33.15
CA HIS A 127 18.53 -21.39 32.21
C HIS A 127 18.98 -21.75 30.80
N ASP A 128 18.01 -21.89 29.90
CA ASP A 128 18.32 -22.32 28.54
C ASP A 128 18.74 -21.12 27.70
N SER A 129 19.97 -21.15 27.18
CA SER A 129 20.45 -20.07 26.34
C SER A 129 19.70 -20.03 25.01
N ASN A 130 19.34 -21.19 24.46
CA ASN A 130 18.50 -21.24 23.27
C ASN A 130 17.12 -20.66 23.60
N LYS A 131 16.26 -20.58 22.58
CA LYS A 131 14.88 -20.18 22.74
C LYS A 131 14.75 -18.67 22.93
N GLY A 132 15.85 -17.99 23.27
CA GLY A 132 15.84 -16.56 23.43
C GLY A 132 16.03 -15.82 22.13
N VAL A 133 15.13 -16.03 21.17
CA VAL A 133 15.19 -15.40 19.86
C VAL A 133 13.78 -15.03 19.44
N THR A 134 13.66 -13.90 18.73
CA THR A 134 12.38 -13.42 18.26
C THR A 134 12.50 -13.03 16.79
N ALA A 135 11.34 -12.85 16.14
CA ALA A 135 11.31 -12.48 14.74
C ALA A 135 11.64 -11.01 14.51
N ALA A 136 11.79 -10.22 15.58
CA ALA A 136 12.20 -8.83 15.44
C ALA A 136 13.69 -8.69 15.18
N CYS A 137 14.46 -9.74 15.45
CA CYS A 137 15.90 -9.77 15.17
C CYS A 137 16.19 -11.02 14.36
N PRO A 138 15.94 -10.99 13.05
CA PRO A 138 16.08 -12.19 12.24
C PRO A 138 17.49 -12.35 11.70
N HIS A 139 17.75 -13.54 11.16
CA HIS A 139 19.01 -13.86 10.50
C HIS A 139 18.67 -14.73 9.29
N ALA A 140 18.54 -14.10 8.12
CA ALA A 140 18.14 -14.79 6.90
C ALA A 140 16.69 -15.28 6.98
N GLY A 141 15.79 -14.36 7.30
CA GLY A 141 14.38 -14.68 7.38
C GLY A 141 14.00 -15.65 8.47
N ALA A 142 14.88 -15.90 9.43
CA ALA A 142 14.62 -16.82 10.53
C ALA A 142 14.94 -16.12 11.84
N LYS A 143 14.03 -16.23 12.80
CA LYS A 143 14.20 -15.59 14.09
C LYS A 143 15.59 -15.85 14.65
N SER A 144 16.23 -14.80 15.16
CA SER A 144 17.56 -14.91 15.74
C SER A 144 17.65 -13.91 16.89
N PHE A 145 18.87 -13.50 17.22
CA PHE A 145 19.10 -12.57 18.32
C PHE A 145 20.52 -12.06 18.21
N TYR A 146 20.84 -11.04 19.01
CA TYR A 146 22.17 -10.44 18.96
C TYR A 146 23.23 -11.48 19.26
N LYS A 147 24.27 -11.52 18.42
CA LYS A 147 25.32 -12.51 18.60
C LYS A 147 26.29 -12.14 19.71
N ASN A 148 26.08 -11.02 20.39
CA ASN A 148 26.91 -10.62 21.52
C ASN A 148 26.16 -10.68 22.85
N LEU A 149 24.86 -11.00 22.82
CA LEU A 149 24.04 -11.10 24.02
C LEU A 149 23.21 -12.37 23.97
N ILE A 150 22.96 -12.95 25.14
CA ILE A 150 22.12 -14.14 25.27
C ILE A 150 20.86 -13.75 26.03
N TRP A 151 19.71 -14.13 25.48
CA TRP A 151 18.41 -13.83 26.05
C TRP A 151 17.96 -15.05 26.85
N LEU A 152 18.18 -15.01 28.16
CA LEU A 152 17.82 -16.13 29.03
C LEU A 152 16.32 -16.12 29.32
N VAL A 153 15.73 -17.32 29.34
CA VAL A 153 14.36 -17.50 29.78
C VAL A 153 14.33 -18.71 30.71
N LYS A 154 13.20 -18.90 31.38
CA LYS A 154 13.10 -19.94 32.39
C LYS A 154 13.33 -21.31 31.76
N LYS A 155 14.03 -22.16 32.50
CA LYS A 155 14.28 -23.54 32.08
C LYS A 155 13.22 -24.43 32.71
N GLY A 156 12.46 -25.12 31.86
CA GLY A 156 11.29 -25.83 32.34
C GLY A 156 10.25 -24.85 32.86
N ASN A 157 10.01 -24.87 34.17
CA ASN A 157 9.10 -23.91 34.80
C ASN A 157 9.77 -23.13 35.92
N SER A 158 11.09 -23.09 35.95
CA SER A 158 11.83 -22.44 37.01
C SER A 158 12.87 -21.49 36.43
N TYR A 159 12.98 -20.31 37.03
CA TYR A 159 14.04 -19.34 36.73
C TYR A 159 14.77 -19.10 38.04
N PRO A 160 15.78 -19.90 38.37
CA PRO A 160 16.53 -19.68 39.61
C PRO A 160 17.25 -18.34 39.65
N LYS A 161 17.94 -18.05 40.74
CA LYS A 161 18.66 -16.79 40.92
C LYS A 161 20.07 -16.95 40.36
N LEU A 162 20.28 -16.48 39.14
CA LEU A 162 21.60 -16.57 38.53
C LEU A 162 22.54 -15.58 39.18
N SER A 163 23.84 -15.89 39.11
CA SER A 163 24.85 -15.00 39.67
C SER A 163 26.20 -15.40 39.07
N LYS A 164 26.62 -14.68 38.04
CA LYS A 164 27.92 -14.87 37.41
C LYS A 164 28.80 -13.66 37.70
N SER A 165 30.10 -13.84 37.49
CA SER A 165 31.06 -12.77 37.79
C SER A 165 32.30 -12.92 36.91
N TYR A 166 32.73 -11.81 36.32
CA TYR A 166 33.95 -11.75 35.54
C TYR A 166 34.94 -10.82 36.25
N ILE A 167 36.19 -11.24 36.36
CA ILE A 167 37.19 -10.54 37.16
C ILE A 167 38.27 -9.89 36.31
N ASN A 168 38.15 -9.95 34.98
CA ASN A 168 39.01 -9.18 34.07
C ASN A 168 40.48 -9.55 34.21
N ASP A 169 40.78 -10.75 33.73
CA ASP A 169 42.16 -11.18 33.56
C ASP A 169 42.84 -10.51 32.37
N LYS A 170 42.11 -9.71 31.59
CA LYS A 170 42.71 -8.91 30.53
C LYS A 170 43.41 -7.69 31.13
N GLY A 171 44.48 -7.26 30.48
CA GLY A 171 45.22 -6.10 30.94
C GLY A 171 44.69 -4.80 30.39
N LYS A 172 43.43 -4.79 29.96
CA LYS A 172 42.84 -3.64 29.28
C LYS A 172 41.43 -3.43 29.78
N GLU A 173 40.92 -2.22 29.57
CA GLU A 173 39.51 -1.95 29.81
C GLU A 173 38.67 -2.92 28.99
N VAL A 174 37.63 -3.48 29.60
CA VAL A 174 36.76 -4.45 28.95
C VAL A 174 35.37 -3.85 28.87
N LEU A 175 34.86 -3.70 27.65
CA LEU A 175 33.51 -3.22 27.43
C LEU A 175 32.53 -4.38 27.59
N VAL A 176 31.60 -4.25 28.53
CA VAL A 176 30.58 -5.25 28.78
C VAL A 176 29.22 -4.65 28.48
N LEU A 177 28.46 -5.30 27.62
CA LEU A 177 27.11 -4.87 27.29
C LEU A 177 26.10 -5.89 27.80
N TRP A 178 24.94 -5.40 28.20
CA TRP A 178 23.84 -6.26 28.62
C TRP A 178 22.53 -5.57 28.31
N GLY A 179 21.43 -6.27 28.57
CA GLY A 179 20.11 -5.75 28.26
C GLY A 179 19.11 -6.22 29.28
N ILE A 180 18.11 -5.36 29.52
CA ILE A 180 17.06 -5.62 30.49
C ILE A 180 15.75 -5.66 29.72
N HIS A 181 15.16 -6.84 29.58
CA HIS A 181 13.90 -6.94 28.86
C HIS A 181 12.76 -6.35 29.69
N HIS A 182 11.92 -5.56 29.03
CA HIS A 182 10.71 -5.02 29.64
C HIS A 182 9.51 -5.61 28.92
N PRO A 183 8.91 -6.68 29.45
CA PRO A 183 7.73 -7.26 28.78
C PRO A 183 6.58 -6.27 28.72
N SER A 184 5.54 -6.65 27.98
CA SER A 184 4.37 -5.81 27.81
C SER A 184 3.23 -6.20 28.75
N THR A 185 3.04 -7.49 28.98
CA THR A 185 1.96 -7.99 29.82
C THR A 185 2.52 -8.66 31.06
N SER A 186 1.69 -8.74 32.10
CA SER A 186 2.06 -9.49 33.30
C SER A 186 2.13 -10.99 33.02
N ALA A 187 1.54 -11.47 31.92
CA ALA A 187 1.62 -12.86 31.56
C ALA A 187 2.87 -13.18 30.77
N ASP A 188 3.31 -12.27 29.89
CA ASP A 188 4.60 -12.44 29.23
C ASP A 188 5.72 -12.60 30.24
N GLN A 189 5.59 -11.97 31.41
CA GLN A 189 6.57 -12.15 32.46
C GLN A 189 6.57 -13.58 32.98
N GLN A 190 5.44 -14.02 33.55
CA GLN A 190 5.37 -15.35 34.15
C GLN A 190 5.68 -16.43 33.12
N SER A 191 5.17 -16.27 31.90
CA SER A 191 5.42 -17.26 30.85
C SER A 191 6.91 -17.36 30.52
N LEU A 192 7.62 -16.23 30.54
CA LEU A 192 9.03 -16.23 30.17
C LEU A 192 9.95 -16.35 31.38
N TYR A 193 9.59 -15.73 32.52
CA TYR A 193 10.46 -15.70 33.68
C TYR A 193 9.84 -16.32 34.94
N GLN A 194 8.51 -16.47 34.98
CA GLN A 194 7.83 -17.20 36.05
C GLN A 194 7.81 -16.44 37.36
N ASN A 195 8.58 -15.35 37.47
CA ASN A 195 8.67 -14.58 38.69
C ASN A 195 8.19 -13.16 38.37
N ALA A 196 7.08 -12.76 38.99
CA ALA A 196 6.58 -11.40 38.76
C ALA A 196 7.46 -10.37 39.46
N ASP A 197 8.04 -10.73 40.60
CA ASP A 197 8.90 -9.82 41.36
C ASP A 197 10.37 -10.13 41.05
N THR A 198 10.75 -9.84 39.81
CA THR A 198 12.12 -10.03 39.38
C THR A 198 12.93 -8.77 39.58
N TYR A 199 14.24 -8.93 39.49
CA TYR A 199 15.16 -7.81 39.54
C TYR A 199 16.46 -8.24 38.87
N VAL A 200 17.16 -7.27 38.30
CA VAL A 200 18.53 -7.47 37.86
C VAL A 200 19.40 -6.53 38.67
N PHE A 201 20.64 -6.97 38.93
CA PHE A 201 21.62 -6.13 39.60
C PHE A 201 22.97 -6.38 38.95
N VAL A 202 23.41 -5.44 38.12
CA VAL A 202 24.78 -5.42 37.65
C VAL A 202 25.57 -4.54 38.60
N GLY A 203 26.63 -5.09 39.17
CA GLY A 203 27.44 -4.35 40.11
C GLY A 203 28.92 -4.47 39.77
N SER A 204 29.62 -3.39 40.06
CA SER A 204 31.06 -3.32 39.80
C SER A 204 31.64 -2.23 40.69
N SER A 205 32.97 -2.17 40.75
CA SER A 205 33.61 -1.12 41.51
C SER A 205 33.24 0.26 40.97
N ARG A 206 33.11 0.38 39.64
CA ARG A 206 32.83 1.65 38.99
C ARG A 206 31.35 1.88 38.72
N TYR A 207 30.50 0.87 38.92
CA TYR A 207 29.12 0.93 38.49
C TYR A 207 28.27 0.08 39.42
N SER A 208 27.09 0.58 39.76
CA SER A 208 26.13 -0.18 40.55
C SER A 208 24.73 0.31 40.19
N LYS A 209 23.82 -0.63 39.97
CA LYS A 209 22.46 -0.27 39.57
C LYS A 209 21.55 -1.48 39.66
N LYS A 210 20.43 -1.32 40.35
CA LYS A 210 19.42 -2.37 40.46
C LYS A 210 18.32 -2.10 39.45
N PHE A 211 18.03 -3.09 38.61
CA PHE A 211 17.02 -2.96 37.58
C PHE A 211 15.74 -3.67 38.01
N LYS A 212 14.66 -3.39 37.28
CA LYS A 212 13.36 -3.98 37.58
C LYS A 212 12.51 -3.87 36.34
N PRO A 213 11.69 -4.88 36.01
CA PRO A 213 10.84 -4.78 34.82
C PRO A 213 9.92 -3.56 34.88
N GLU A 214 9.53 -3.10 33.70
CA GLU A 214 8.56 -2.01 33.56
C GLU A 214 7.46 -2.48 32.60
N ILE A 215 6.63 -3.40 33.09
CA ILE A 215 5.59 -4.00 32.28
C ILE A 215 4.61 -2.92 31.84
N ALA A 216 4.41 -2.81 30.53
CA ALA A 216 3.46 -1.85 29.98
C ALA A 216 3.30 -2.11 28.50
N ILE A 217 2.11 -1.84 27.99
CA ILE A 217 1.83 -1.97 26.56
C ILE A 217 2.42 -0.76 25.85
N ARG A 218 3.51 -0.97 25.15
CA ARG A 218 4.09 0.09 24.35
C ARG A 218 3.49 0.10 22.94
N PRO A 219 3.49 1.23 22.27
CA PRO A 219 2.97 1.27 20.89
C PRO A 219 3.74 0.30 19.99
N LYS A 220 3.01 -0.27 19.03
CA LYS A 220 3.58 -1.27 18.13
C LYS A 220 4.81 -0.70 17.44
N VAL A 221 5.94 -1.39 17.58
CA VAL A 221 7.14 -1.10 16.81
C VAL A 221 7.76 -2.44 16.44
N ARG A 222 7.75 -2.76 15.15
CA ARG A 222 8.27 -4.05 14.69
C ARG A 222 7.48 -5.20 15.32
N ASP A 223 6.18 -5.01 15.44
CA ASP A 223 5.28 -6.00 16.04
C ASP A 223 5.68 -6.32 17.48
N GLN A 224 6.20 -5.33 18.20
CA GLN A 224 6.62 -5.50 19.59
C GLN A 224 5.91 -4.46 20.43
N GLU A 225 5.16 -4.91 21.44
CA GLU A 225 4.56 -4.03 22.43
C GLU A 225 5.40 -3.93 23.69
N GLY A 226 6.55 -4.59 23.75
CA GLY A 226 7.49 -4.45 24.84
C GLY A 226 8.71 -3.66 24.40
N ARG A 227 9.66 -3.55 25.33
CA ARG A 227 10.90 -2.84 25.06
C ARG A 227 12.07 -3.68 25.56
N MET A 228 13.27 -3.12 25.42
CA MET A 228 14.48 -3.79 25.87
C MET A 228 15.64 -2.80 25.85
N ASN A 229 15.95 -2.21 27.00
CA ASN A 229 17.03 -1.24 27.06
C ASN A 229 18.37 -1.97 27.13
N TYR A 230 19.42 -1.27 26.68
CA TYR A 230 20.76 -1.82 26.67
C TYR A 230 21.68 -0.89 27.44
N TYR A 231 22.66 -1.48 28.12
CA TYR A 231 23.57 -0.75 28.97
C TYR A 231 24.99 -1.22 28.71
N TRP A 232 25.94 -0.53 29.32
CA TRP A 232 27.34 -0.87 29.13
C TRP A 232 28.15 -0.26 30.27
N THR A 233 29.37 -0.75 30.43
CA THR A 233 30.26 -0.24 31.46
C THR A 233 31.68 -0.66 31.13
N LEU A 234 32.64 0.04 31.72
CA LEU A 234 34.05 -0.27 31.57
C LEU A 234 34.54 -0.96 32.83
N VAL A 235 34.97 -2.22 32.69
CA VAL A 235 35.54 -2.98 33.80
C VAL A 235 37.05 -2.75 33.81
N GLU A 236 37.55 -2.12 34.86
CA GLU A 236 38.97 -1.83 34.94
C GLU A 236 39.79 -3.11 35.01
N PRO A 237 41.05 -3.05 34.63
CA PRO A 237 41.94 -4.22 34.82
C PRO A 237 41.99 -4.62 36.29
N GLY A 238 41.64 -5.88 36.55
CA GLY A 238 41.69 -6.42 37.90
C GLY A 238 40.42 -6.24 38.70
N ASP A 239 39.37 -5.68 38.11
CA ASP A 239 38.11 -5.47 38.81
C ASP A 239 37.12 -6.57 38.47
N LYS A 240 36.19 -6.81 39.38
CA LYS A 240 35.19 -7.86 39.24
C LYS A 240 33.82 -7.24 39.00
N ILE A 241 33.20 -7.61 37.89
CA ILE A 241 31.85 -7.16 37.55
C ILE A 241 30.89 -8.30 37.84
N THR A 242 29.94 -8.06 38.74
CA THR A 242 28.98 -9.06 39.17
C THR A 242 27.68 -8.93 38.41
N PHE A 243 27.03 -10.06 38.16
CA PHE A 243 25.68 -10.08 37.62
C PHE A 243 24.80 -10.90 38.55
N GLU A 244 23.59 -10.40 38.78
CA GLU A 244 22.66 -11.04 39.70
C GLU A 244 21.25 -10.76 39.21
N ALA A 245 20.50 -11.80 38.88
CA ALA A 245 19.17 -11.59 38.33
C ALA A 245 18.30 -12.82 38.59
N THR A 246 17.00 -12.58 38.67
CA THR A 246 15.99 -13.63 38.73
C THR A 246 15.03 -13.54 37.56
N GLY A 247 15.40 -12.84 36.51
CA GLY A 247 14.54 -12.68 35.35
C GLY A 247 14.79 -11.35 34.65
N ASN A 248 14.53 -11.34 33.34
CA ASN A 248 14.59 -10.14 32.51
C ASN A 248 16.01 -9.68 32.24
N LEU A 249 17.00 -10.55 32.39
CA LEU A 249 18.39 -10.19 32.12
C LEU A 249 18.80 -10.78 30.78
N VAL A 250 19.12 -9.90 29.83
CA VAL A 250 19.77 -10.30 28.59
C VAL A 250 21.25 -10.25 28.88
N VAL A 251 21.85 -11.43 29.04
CA VAL A 251 23.17 -11.54 29.69
C VAL A 251 24.27 -11.38 28.64
N PRO A 252 25.42 -10.80 29.01
CA PRO A 252 26.52 -10.72 28.05
C PRO A 252 26.98 -12.09 27.59
N ARG A 253 27.50 -12.13 26.36
CA ARG A 253 28.25 -13.28 25.86
C ARG A 253 29.64 -12.89 25.36
N TYR A 254 29.75 -11.79 24.62
CA TYR A 254 31.02 -11.32 24.11
C TYR A 254 31.29 -9.91 24.62
N ALA A 255 32.47 -9.72 25.19
CA ALA A 255 32.94 -8.42 25.63
C ALA A 255 34.06 -7.95 24.71
N PHE A 256 34.70 -6.83 25.07
CA PHE A 256 35.72 -6.24 24.20
C PHE A 256 36.79 -5.62 25.08
N ALA A 257 37.99 -6.22 25.09
CA ALA A 257 39.15 -5.54 25.65
C ALA A 257 39.61 -4.46 24.68
N MET A 258 40.06 -3.33 25.22
CA MET A 258 40.44 -2.22 24.35
C MET A 258 41.32 -1.24 25.10
N GLU A 259 42.20 -0.58 24.35
CA GLU A 259 42.93 0.59 24.79
C GLU A 259 42.47 1.78 23.96
N ARG A 260 42.90 2.98 24.36
CA ARG A 260 42.46 4.19 23.67
C ARG A 260 43.59 5.21 23.62
N ASN A 261 43.57 6.01 22.55
CA ASN A 261 44.55 7.07 22.29
C ASN A 261 45.83 6.48 21.70
N GLN B 1 11.34 -10.34 -9.90
CA GLN B 1 10.66 -11.65 -10.13
C GLN B 1 11.42 -12.78 -9.43
N ILE B 2 11.07 -13.02 -8.18
CA ILE B 2 11.75 -14.04 -7.40
C ILE B 2 11.48 -15.41 -8.00
N GLN B 3 12.55 -16.15 -8.29
CA GLN B 3 12.46 -17.49 -8.85
C GLN B 3 13.26 -18.46 -8.00
N LEU B 4 12.70 -19.63 -7.76
CA LEU B 4 13.43 -20.74 -7.14
C LEU B 4 13.14 -21.97 -7.99
N VAL B 5 14.09 -22.28 -8.88
CA VAL B 5 13.93 -23.36 -9.86
C VAL B 5 14.67 -24.58 -9.37
N GLN B 6 14.05 -25.75 -9.54
CA GLN B 6 14.61 -27.02 -9.08
C GLN B 6 14.80 -27.93 -10.28
N SER B 7 15.87 -28.74 -10.23
CA SER B 7 16.15 -29.66 -11.32
C SER B 7 14.96 -30.60 -11.56
N GLY B 8 14.93 -31.18 -12.75
CA GLY B 8 13.85 -32.04 -13.15
C GLY B 8 13.76 -33.30 -12.32
N PRO B 9 12.85 -34.20 -12.69
CA PRO B 9 12.66 -35.44 -11.92
C PRO B 9 13.92 -36.30 -11.94
N GLU B 10 13.98 -37.22 -10.99
CA GLU B 10 15.12 -38.12 -10.84
C GLU B 10 14.62 -39.52 -10.56
N LEU B 11 15.13 -40.49 -11.30
CA LEU B 11 14.84 -41.91 -11.09
C LEU B 11 16.14 -42.61 -10.76
N LYS B 12 16.27 -43.12 -9.54
CA LYS B 12 17.47 -43.83 -9.14
C LYS B 12 17.09 -45.13 -8.46
N LYS B 13 17.87 -46.18 -8.70
CA LYS B 13 17.64 -47.44 -8.02
C LYS B 13 17.88 -47.26 -6.53
N PRO B 14 17.22 -48.04 -5.68
CA PRO B 14 17.45 -47.92 -4.24
C PRO B 14 18.93 -48.10 -3.89
N GLY B 15 19.43 -47.19 -3.06
CA GLY B 15 20.78 -47.27 -2.55
C GLY B 15 21.81 -46.37 -3.21
N GLU B 16 21.43 -45.58 -4.22
CA GLU B 16 22.39 -44.66 -4.81
C GLU B 16 22.33 -43.35 -4.04
N THR B 17 22.57 -42.22 -4.70
CA THR B 17 22.51 -40.92 -4.05
C THR B 17 22.03 -39.91 -5.08
N VAL B 18 21.48 -38.80 -4.57
CA VAL B 18 20.89 -37.76 -5.40
C VAL B 18 21.47 -36.42 -4.97
N ARG B 19 21.54 -35.50 -5.94
CA ARG B 19 22.01 -34.13 -5.68
C ARG B 19 21.01 -33.20 -6.37
N ILE B 20 19.95 -32.85 -5.65
CA ILE B 20 18.92 -31.96 -6.16
C ILE B 20 19.41 -30.52 -6.08
N SER B 21 18.95 -29.69 -7.02
CA SER B 21 19.39 -28.31 -7.12
C SER B 21 18.25 -27.34 -6.80
N CYS B 22 18.65 -26.10 -6.49
CA CYS B 22 17.71 -25.02 -6.24
C CYS B 22 18.43 -23.71 -6.60
N LYS B 23 18.02 -23.08 -7.70
CA LYS B 23 18.68 -21.87 -8.18
C LYS B 23 17.92 -20.63 -7.74
N ALA B 24 18.63 -19.71 -7.09
CA ALA B 24 18.05 -18.47 -6.61
C ALA B 24 18.09 -17.42 -7.72
N SER B 25 16.99 -16.68 -7.86
CA SER B 25 16.91 -15.65 -8.88
C SER B 25 15.81 -14.67 -8.47
N GLY B 26 16.00 -13.41 -8.86
CA GLY B 26 15.06 -12.37 -8.53
C GLY B 26 15.25 -11.76 -7.16
N TYR B 27 16.32 -12.13 -6.45
CA TYR B 27 16.58 -11.61 -5.12
C TYR B 27 17.99 -12.06 -4.72
N THR B 28 18.49 -11.46 -3.64
CA THR B 28 19.81 -11.80 -3.13
C THR B 28 19.76 -13.15 -2.42
N PHE B 29 20.56 -14.10 -2.91
CA PHE B 29 20.57 -15.44 -2.31
C PHE B 29 20.97 -15.38 -0.84
N THR B 30 22.04 -14.66 -0.54
CA THR B 30 22.37 -14.38 0.84
C THR B 30 21.34 -13.42 1.42
N LYS B 31 21.32 -13.30 2.75
CA LYS B 31 20.35 -12.51 3.51
C LYS B 31 19.03 -13.27 3.66
N ASN B 32 18.91 -14.46 3.09
CA ASN B 32 17.70 -15.27 3.23
C ASN B 32 18.09 -16.74 3.26
N GLY B 33 17.32 -17.52 4.00
CA GLY B 33 17.59 -18.94 4.17
C GLY B 33 16.75 -19.79 3.25
N MET B 34 17.12 -21.07 3.17
CA MET B 34 16.47 -22.03 2.27
C MET B 34 15.90 -23.17 3.08
N ASN B 35 14.58 -23.34 3.02
CA ASN B 35 13.91 -24.48 3.62
C ASN B 35 13.75 -25.59 2.58
N TRP B 36 13.66 -26.83 3.07
CA TRP B 36 13.36 -27.98 2.24
C TRP B 36 12.23 -28.76 2.89
N VAL B 37 11.22 -29.12 2.09
CA VAL B 37 10.04 -29.82 2.58
C VAL B 37 9.78 -31.04 1.70
N GLN B 38 9.32 -32.12 2.33
CA GLN B 38 9.04 -33.38 1.65
C GLN B 38 7.52 -33.54 1.55
N GLN B 39 7.02 -33.69 0.33
CA GLN B 39 5.59 -33.84 0.06
C GLN B 39 5.32 -35.20 -0.55
N ALA B 40 4.53 -36.00 0.15
CA ALA B 40 4.01 -37.26 -0.38
C ALA B 40 2.48 -37.14 -0.46
N PRO B 41 1.87 -37.23 -1.64
CA PRO B 41 0.43 -36.93 -1.73
C PRO B 41 -0.39 -37.80 -0.79
N GLY B 42 -1.32 -37.16 -0.08
CA GLY B 42 -2.13 -37.81 0.93
C GLY B 42 -1.45 -37.87 2.28
N LYS B 43 -0.14 -38.10 2.30
CA LYS B 43 0.62 -38.19 3.54
C LYS B 43 1.00 -36.82 4.10
N GLY B 44 0.64 -35.73 3.42
CA GLY B 44 0.88 -34.40 3.95
C GLY B 44 2.29 -33.91 3.68
N LEU B 45 2.72 -32.98 4.54
CA LEU B 45 4.02 -32.34 4.42
C LEU B 45 4.88 -32.68 5.64
N LYS B 46 6.19 -32.67 5.43
CA LYS B 46 7.15 -32.86 6.51
C LYS B 46 8.31 -31.91 6.29
N TRP B 47 8.75 -31.25 7.36
CA TRP B 47 9.82 -30.25 7.28
C TRP B 47 11.16 -30.96 7.36
N VAL B 48 11.88 -30.99 6.25
CA VAL B 48 13.20 -31.59 6.20
C VAL B 48 14.13 -30.80 7.11
N GLY B 49 14.46 -29.59 6.70
CA GLY B 49 15.35 -28.77 7.49
C GLY B 49 15.43 -27.35 6.99
N TRP B 50 16.53 -26.70 7.34
CA TRP B 50 16.73 -25.27 7.10
C TRP B 50 18.22 -25.01 7.11
N ILE B 51 18.66 -24.11 6.22
CA ILE B 51 20.08 -23.82 6.07
C ILE B 51 20.24 -22.30 6.05
N ASN B 52 21.09 -21.78 6.94
CA ASN B 52 21.34 -20.35 7.05
C ASN B 52 22.37 -19.97 5.99
N THR B 53 21.89 -19.42 4.87
CA THR B 53 22.74 -19.19 3.71
C THR B 53 23.86 -18.20 3.97
N TYR B 54 23.89 -17.53 5.12
CA TYR B 54 25.02 -16.69 5.50
C TYR B 54 26.00 -17.45 6.39
N THR B 55 25.52 -17.98 7.51
CA THR B 55 26.39 -18.73 8.40
C THR B 55 26.73 -20.11 7.85
N GLY B 56 25.91 -20.66 6.97
CA GLY B 56 26.17 -21.96 6.40
C GLY B 56 25.90 -23.13 7.31
N GLU B 57 25.37 -22.88 8.51
CA GLU B 57 25.09 -23.95 9.46
C GLU B 57 23.69 -24.51 9.21
N PRO B 58 23.53 -25.82 9.08
CA PRO B 58 22.21 -26.40 8.84
C PRO B 58 21.51 -26.81 10.13
N SER B 59 20.18 -26.96 10.00
CA SER B 59 19.36 -27.52 11.07
C SER B 59 18.39 -28.49 10.43
N TYR B 60 18.41 -29.74 10.87
CA TYR B 60 17.60 -30.79 10.30
C TYR B 60 16.53 -31.24 11.29
N ALA B 61 15.47 -31.82 10.75
CA ALA B 61 14.51 -32.53 11.59
C ALA B 61 15.14 -33.83 12.09
N ASP B 62 14.47 -34.45 13.06
CA ASP B 62 15.00 -35.68 13.66
C ASP B 62 14.95 -36.84 12.69
N ASP B 63 14.02 -36.81 11.72
CA ASP B 63 13.83 -37.89 10.78
C ASP B 63 14.79 -37.82 9.57
N PHE B 64 15.74 -36.89 9.57
CA PHE B 64 16.64 -36.74 8.44
C PHE B 64 18.11 -36.58 8.82
N LYS B 65 18.45 -36.36 10.09
CA LYS B 65 19.83 -36.27 10.51
C LYS B 65 20.52 -37.62 10.29
N GLY B 66 21.36 -37.71 9.25
CA GLY B 66 22.08 -38.94 8.97
C GLY B 66 22.21 -39.23 7.49
N ARG B 67 21.10 -39.21 6.77
CA ARG B 67 21.11 -39.47 5.33
C ARG B 67 20.87 -38.22 4.49
N PHE B 68 20.45 -37.12 5.10
CA PHE B 68 20.17 -35.88 4.39
C PHE B 68 21.15 -34.81 4.82
N ALA B 69 21.62 -34.03 3.85
CA ALA B 69 22.54 -32.93 4.10
C ALA B 69 22.09 -31.71 3.30
N PHE B 70 22.63 -30.57 3.67
CA PHE B 70 22.45 -29.33 2.91
C PHE B 70 23.82 -28.78 2.56
N SER B 71 24.02 -28.50 1.28
CA SER B 71 25.23 -27.83 0.82
C SER B 71 24.84 -26.57 0.05
N LEU B 72 25.69 -25.56 0.12
CA LEU B 72 25.46 -24.30 -0.57
C LEU B 72 26.52 -24.08 -1.63
N GLU B 73 26.13 -23.35 -2.66
CA GLU B 73 27.05 -22.68 -3.57
C GLU B 73 26.67 -21.20 -3.51
N THR B 74 27.57 -20.36 -3.02
CA THR B 74 27.28 -18.96 -2.81
C THR B 74 27.84 -18.07 -3.90
N SER B 75 29.02 -18.39 -4.45
CA SER B 75 29.53 -17.65 -5.60
C SER B 75 28.51 -17.68 -6.73
N ALA B 76 28.23 -18.85 -7.26
CA ALA B 76 26.94 -19.07 -7.88
C ALA B 76 25.91 -19.24 -6.77
N SER B 77 24.64 -19.07 -7.11
CA SER B 77 23.58 -18.98 -6.09
C SER B 77 22.69 -20.21 -6.23
N THR B 78 23.18 -21.33 -5.70
CA THR B 78 22.45 -22.58 -5.75
C THR B 78 22.52 -23.27 -4.39
N ALA B 79 21.43 -23.98 -4.06
CA ALA B 79 21.33 -24.79 -2.86
C ALA B 79 21.04 -26.23 -3.27
N TYR B 80 21.66 -27.17 -2.56
CA TYR B 80 21.55 -28.59 -2.90
C TYR B 80 21.00 -29.37 -1.72
N LEU B 81 20.19 -30.37 -2.03
CA LEU B 81 19.71 -31.35 -1.06
C LEU B 81 20.18 -32.72 -1.50
N GLN B 82 21.03 -33.36 -0.69
CA GLN B 82 21.62 -34.64 -1.03
C GLN B 82 21.02 -35.73 -0.15
N ILE B 83 20.58 -36.81 -0.78
CA ILE B 83 19.90 -37.91 -0.10
C ILE B 83 20.68 -39.18 -0.36
N ASN B 84 21.02 -39.90 0.71
CA ASN B 84 21.73 -41.16 0.55
C ASN B 84 21.87 -41.92 1.88
N ASN B 85 21.68 -43.25 1.89
CA ASN B 85 21.24 -44.02 0.72
C ASN B 85 19.74 -43.90 0.56
N LEU B 86 19.22 -44.12 -0.64
CA LEU B 86 17.79 -43.99 -0.90
C LEU B 86 17.12 -45.32 -0.62
N LYS B 87 16.57 -45.47 0.57
CA LYS B 87 15.60 -46.53 0.75
C LYS B 87 14.40 -46.21 -0.15
N ASN B 88 13.61 -47.23 -0.47
CA ASN B 88 12.45 -46.94 -1.31
C ASN B 88 11.46 -46.03 -0.61
N GLU B 89 11.67 -45.74 0.67
CA GLU B 89 10.95 -44.67 1.35
C GLU B 89 11.37 -43.34 0.73
N ASP B 90 11.01 -42.23 1.39
CA ASP B 90 11.28 -40.89 0.88
C ASP B 90 10.88 -40.80 -0.60
N MET B 91 9.83 -41.54 -0.94
CA MET B 91 9.27 -41.56 -2.29
C MET B 91 8.25 -40.44 -2.37
N ALA B 92 8.71 -39.25 -2.75
CA ALA B 92 7.84 -38.09 -2.61
C ALA B 92 8.48 -36.89 -3.31
N ALA B 93 7.67 -35.87 -3.54
CA ALA B 93 8.19 -34.62 -4.08
C ALA B 93 8.99 -33.85 -3.03
N TYR B 94 9.91 -33.03 -3.51
CA TYR B 94 10.79 -32.23 -2.64
C TYR B 94 10.76 -30.79 -3.12
N PHE B 95 10.46 -29.87 -2.21
CA PHE B 95 10.40 -28.45 -2.50
C PHE B 95 11.48 -27.70 -1.73
N CYS B 96 12.10 -26.73 -2.39
CA CYS B 96 13.01 -25.79 -1.73
C CYS B 96 12.30 -24.46 -1.61
N ALA B 97 12.23 -23.94 -0.38
CA ALA B 97 11.48 -22.72 -0.09
C ALA B 97 12.36 -21.77 0.70
N ARG B 98 11.95 -20.51 0.72
CA ARG B 98 12.79 -19.43 1.22
C ARG B 98 12.30 -18.94 2.58
N MET B 99 13.26 -18.62 3.46
CA MET B 99 12.94 -18.01 4.75
C MET B 99 12.71 -16.52 4.56
N VAL B 100 11.63 -16.00 5.16
CA VAL B 100 11.33 -14.58 5.06
C VAL B 100 10.92 -14.03 6.42
N ARG B 101 9.89 -14.62 7.02
CA ARG B 101 9.31 -14.11 8.26
C ARG B 101 8.99 -15.28 9.18
N ASP B 102 9.97 -16.17 9.36
CA ASP B 102 9.79 -17.44 10.05
C ASP B 102 8.72 -18.29 9.37
N ALA B 103 8.46 -18.02 8.09
CA ALA B 103 7.59 -18.86 7.27
C ALA B 103 8.29 -19.18 5.95
N MET B 104 7.54 -19.69 4.98
CA MET B 104 8.05 -19.90 3.64
C MET B 104 7.13 -19.19 2.65
N ASP B 105 7.72 -18.45 1.71
CA ASP B 105 6.96 -17.59 0.81
C ASP B 105 7.04 -18.08 -0.63
N PHE B 106 8.22 -18.04 -1.25
CA PHE B 106 8.39 -18.41 -2.64
C PHE B 106 8.86 -19.86 -2.68
N TRP B 107 7.91 -20.78 -2.78
CA TRP B 107 8.26 -22.19 -2.90
C TRP B 107 8.83 -22.45 -4.30
N GLY B 108 9.43 -23.63 -4.45
CA GLY B 108 10.20 -23.95 -5.64
C GLY B 108 9.42 -24.74 -6.67
N GLN B 109 10.07 -24.91 -7.83
CA GLN B 109 9.55 -25.70 -8.94
C GLN B 109 8.93 -27.00 -8.45
N GLY B 110 9.77 -27.89 -7.92
CA GLY B 110 9.34 -29.21 -7.53
C GLY B 110 10.22 -30.28 -8.13
N THR B 111 10.64 -31.25 -7.32
CA THR B 111 11.55 -32.32 -7.77
C THR B 111 10.94 -33.65 -7.34
N SER B 112 10.17 -34.26 -8.24
CA SER B 112 9.61 -35.57 -7.96
C SER B 112 10.71 -36.63 -8.06
N VAL B 113 11.01 -37.28 -6.94
CA VAL B 113 12.02 -38.32 -6.90
C VAL B 113 11.34 -39.68 -6.88
N THR B 114 11.87 -40.61 -7.68
CA THR B 114 11.37 -41.96 -7.75
C THR B 114 12.51 -42.92 -7.49
N VAL B 115 12.21 -43.99 -6.74
CA VAL B 115 13.23 -44.94 -6.27
C VAL B 115 12.73 -46.32 -6.65
N SER B 116 13.14 -46.80 -7.83
CA SER B 116 12.77 -48.14 -8.28
C SER B 116 13.83 -48.65 -9.24
N SER B 117 14.10 -49.96 -9.17
CA SER B 117 15.06 -50.60 -10.04
C SER B 117 14.54 -50.81 -11.46
N ALA B 118 13.33 -50.36 -11.77
CA ALA B 118 12.76 -50.56 -13.09
C ALA B 118 13.57 -49.80 -14.15
N LYS B 119 13.18 -49.99 -15.41
CA LYS B 119 13.90 -49.43 -16.54
C LYS B 119 13.07 -48.33 -17.20
N THR B 120 13.77 -47.35 -17.78
CA THR B 120 13.10 -46.28 -18.51
C THR B 120 12.38 -46.85 -19.73
N THR B 121 11.10 -46.52 -19.87
CA THR B 121 10.25 -47.05 -20.93
C THR B 121 9.54 -45.90 -21.63
N PRO B 122 9.84 -45.60 -22.90
CA PRO B 122 9.07 -44.58 -23.61
C PRO B 122 7.63 -45.03 -23.80
N PRO B 123 6.69 -44.10 -23.91
CA PRO B 123 5.28 -44.47 -24.01
C PRO B 123 4.88 -44.88 -25.43
N SER B 124 3.69 -45.46 -25.51
CA SER B 124 3.04 -45.77 -26.78
C SER B 124 1.77 -44.93 -26.88
N VAL B 125 1.73 -44.04 -27.85
CA VAL B 125 0.60 -43.09 -27.99
C VAL B 125 -0.49 -43.74 -28.81
N TYR B 126 -1.73 -43.63 -28.34
CA TYR B 126 -2.89 -44.20 -29.01
C TYR B 126 -3.91 -43.09 -29.22
N PRO B 127 -4.32 -42.78 -30.46
CA PRO B 127 -5.37 -41.78 -30.65
C PRO B 127 -6.74 -42.36 -30.32
N LEU B 128 -7.59 -41.52 -29.73
CA LEU B 128 -8.94 -41.91 -29.32
C LEU B 128 -9.93 -41.04 -30.09
N ALA B 129 -10.56 -41.60 -31.12
CA ALA B 129 -11.54 -40.88 -31.91
C ALA B 129 -12.94 -41.45 -31.65
N PRO B 130 -13.99 -40.61 -31.77
CA PRO B 130 -15.35 -41.12 -31.55
C PRO B 130 -15.75 -42.16 -32.60
N GLY B 131 -15.94 -41.72 -33.84
CA GLY B 131 -16.28 -42.61 -34.92
C GLY B 131 -17.75 -42.89 -35.09
N SER B 132 -18.61 -42.26 -34.29
CA SER B 132 -20.06 -42.47 -34.40
C SER B 132 -20.76 -41.34 -33.69
N ALA B 133 -21.92 -40.96 -34.23
CA ALA B 133 -22.71 -39.87 -33.66
C ALA B 133 -24.12 -39.97 -34.22
N ALA B 134 -24.97 -39.03 -33.80
CA ALA B 134 -26.35 -38.96 -34.27
C ALA B 134 -26.79 -37.52 -34.43
N GLN B 135 -25.86 -36.61 -34.73
CA GLN B 135 -26.16 -35.18 -34.82
C GLN B 135 -26.84 -34.68 -33.55
N THR B 136 -26.41 -35.24 -32.42
CA THR B 136 -27.03 -34.96 -31.13
C THR B 136 -26.21 -34.02 -30.26
N ASN B 137 -25.06 -33.55 -30.76
CA ASN B 137 -24.20 -32.69 -29.95
C ASN B 137 -23.42 -31.75 -30.86
N SER B 138 -23.47 -30.46 -30.55
CA SER B 138 -22.63 -29.49 -31.24
C SER B 138 -21.18 -29.55 -30.78
N MET B 139 -20.89 -30.30 -29.72
CA MET B 139 -19.54 -30.48 -29.21
C MET B 139 -19.22 -31.96 -29.18
N VAL B 140 -18.06 -32.32 -29.72
CA VAL B 140 -17.58 -33.69 -29.71
C VAL B 140 -16.37 -33.75 -28.76
N THR B 141 -15.99 -34.97 -28.38
CA THR B 141 -14.90 -35.18 -27.42
C THR B 141 -13.88 -36.13 -28.01
N LEU B 142 -12.63 -35.67 -28.12
CA LEU B 142 -11.53 -36.50 -28.58
C LEU B 142 -10.80 -37.08 -27.37
N GLY B 143 -9.69 -37.77 -27.61
CA GLY B 143 -8.89 -38.33 -26.55
C GLY B 143 -7.51 -38.74 -27.01
N CYS B 144 -6.53 -38.64 -26.12
CA CYS B 144 -5.18 -39.11 -26.38
C CYS B 144 -4.77 -40.00 -25.22
N LEU B 145 -4.41 -41.25 -25.53
CA LEU B 145 -4.08 -42.24 -24.52
C LEU B 145 -2.58 -42.47 -24.50
N VAL B 146 -2.00 -42.39 -23.31
CA VAL B 146 -0.59 -42.71 -23.08
C VAL B 146 -0.55 -43.89 -22.12
N LYS B 147 0.06 -44.99 -22.56
CA LYS B 147 0.04 -46.25 -21.81
C LYS B 147 1.44 -46.84 -21.74
N GLY B 148 1.76 -47.39 -20.57
CA GLY B 148 2.96 -48.19 -20.42
C GLY B 148 4.25 -47.40 -20.54
N TYR B 149 4.45 -46.41 -19.66
CA TYR B 149 5.69 -45.63 -19.64
C TYR B 149 6.25 -45.63 -18.24
N PHE B 150 7.52 -45.23 -18.13
CA PHE B 150 8.19 -45.16 -16.85
C PHE B 150 9.49 -44.35 -16.94
N PRO B 151 9.71 -43.42 -15.98
CA PRO B 151 8.86 -43.00 -14.88
C PRO B 151 8.06 -41.74 -15.21
N GLU B 152 7.37 -41.19 -14.22
CA GLU B 152 6.68 -39.92 -14.38
C GLU B 152 7.70 -38.81 -14.62
N PRO B 153 7.28 -37.68 -15.20
CA PRO B 153 5.95 -37.33 -15.70
C PRO B 153 5.91 -37.26 -17.22
N VAL B 154 4.75 -36.92 -17.78
CA VAL B 154 4.59 -36.69 -19.20
C VAL B 154 3.86 -35.37 -19.39
N THR B 155 4.16 -34.71 -20.51
CA THR B 155 3.56 -33.42 -20.85
C THR B 155 2.70 -33.61 -22.09
N VAL B 156 1.38 -33.41 -21.93
CA VAL B 156 0.42 -33.61 -23.01
C VAL B 156 -0.19 -32.26 -23.34
N THR B 157 -0.08 -31.85 -24.60
CA THR B 157 -0.68 -30.61 -25.08
C THR B 157 -1.44 -30.90 -26.37
N TRP B 158 -2.20 -29.90 -26.83
CA TRP B 158 -3.00 -30.01 -28.04
C TRP B 158 -2.56 -28.94 -29.02
N ASN B 159 -2.13 -29.37 -30.20
CA ASN B 159 -1.66 -28.47 -31.25
C ASN B 159 -0.60 -27.50 -30.72
N SER B 160 0.35 -28.05 -29.95
CA SER B 160 1.48 -27.29 -29.43
C SER B 160 1.04 -26.19 -28.46
N GLY B 161 -0.17 -26.28 -27.93
CA GLY B 161 -0.66 -25.33 -26.94
C GLY B 161 -1.76 -24.41 -27.42
N SER B 162 -2.14 -24.48 -28.70
CA SER B 162 -3.17 -23.59 -29.20
C SER B 162 -4.55 -23.97 -28.67
N LEU B 163 -4.76 -25.24 -28.34
CA LEU B 163 -6.03 -25.72 -27.81
C LEU B 163 -5.87 -25.88 -26.29
N SER B 164 -6.36 -24.89 -25.55
CA SER B 164 -6.29 -24.90 -24.09
C SER B 164 -7.65 -25.00 -23.41
N SER B 165 -8.70 -24.48 -24.03
CA SER B 165 -10.04 -24.55 -23.46
C SER B 165 -10.63 -25.94 -23.66
N GLY B 166 -11.35 -26.41 -22.63
CA GLY B 166 -11.98 -27.71 -22.70
C GLY B 166 -11.00 -28.86 -22.72
N VAL B 167 -9.83 -28.70 -22.09
CA VAL B 167 -8.80 -29.73 -22.05
C VAL B 167 -8.76 -30.30 -20.64
N HIS B 168 -8.73 -31.63 -20.55
CA HIS B 168 -8.63 -32.33 -19.27
C HIS B 168 -7.53 -33.37 -19.36
N THR B 169 -6.65 -33.38 -18.36
CA THR B 169 -5.58 -34.38 -18.26
C THR B 169 -5.72 -35.09 -16.93
N PHE B 170 -5.98 -36.40 -16.99
CA PHE B 170 -6.19 -37.20 -15.79
C PHE B 170 -4.85 -37.70 -15.24
N PRO B 171 -4.61 -37.64 -13.94
CA PRO B 171 -3.34 -38.12 -13.40
C PRO B 171 -3.13 -39.60 -13.67
N ALA B 172 -1.87 -39.99 -13.78
CA ALA B 172 -1.54 -41.35 -14.14
C ALA B 172 -1.88 -42.33 -13.03
N VAL B 173 -2.05 -43.59 -13.42
CA VAL B 173 -2.34 -44.70 -12.50
C VAL B 173 -1.29 -45.77 -12.75
N LEU B 174 -0.54 -46.12 -11.71
CA LEU B 174 0.54 -47.09 -11.83
C LEU B 174 -0.01 -48.51 -11.80
N GLN B 175 0.45 -49.34 -12.74
CA GLN B 175 0.11 -50.76 -12.76
C GLN B 175 1.23 -51.53 -13.42
N SER B 176 1.75 -52.54 -12.73
CA SER B 176 2.83 -53.38 -13.26
C SER B 176 4.06 -52.53 -13.60
N ASP B 177 4.44 -51.65 -12.67
CA ASP B 177 5.62 -50.80 -12.82
C ASP B 177 5.53 -49.89 -14.04
N LEU B 178 4.32 -49.67 -14.56
CA LEU B 178 4.11 -48.78 -15.69
C LEU B 178 2.88 -47.93 -15.45
N TYR B 179 2.96 -46.66 -15.87
CA TYR B 179 1.88 -45.71 -15.67
C TYR B 179 0.97 -45.65 -16.89
N THR B 180 -0.31 -45.40 -16.65
CA THR B 180 -1.29 -45.21 -17.71
C THR B 180 -2.15 -44.00 -17.37
N LEU B 181 -2.25 -43.06 -18.32
CA LEU B 181 -3.10 -41.90 -18.15
C LEU B 181 -3.68 -41.52 -19.51
N SER B 182 -4.81 -40.83 -19.46
CA SER B 182 -5.53 -40.43 -20.66
C SER B 182 -5.86 -38.94 -20.59
N SER B 183 -6.02 -38.33 -21.76
CA SER B 183 -6.34 -36.91 -21.86
C SER B 183 -7.51 -36.73 -22.82
N SER B 184 -8.19 -35.59 -22.69
CA SER B 184 -9.35 -35.28 -23.53
C SER B 184 -9.33 -33.82 -23.92
N VAL B 185 -10.02 -33.52 -25.01
CA VAL B 185 -10.20 -32.15 -25.49
C VAL B 185 -11.61 -32.04 -26.07
N THR B 186 -12.24 -30.88 -25.89
CA THR B 186 -13.60 -30.65 -26.34
C THR B 186 -13.63 -29.39 -27.20
N VAL B 187 -13.79 -29.58 -28.51
CA VAL B 187 -13.96 -28.48 -29.46
C VAL B 187 -15.25 -28.72 -30.22
N PRO B 188 -15.76 -27.76 -30.98
CA PRO B 188 -17.01 -27.99 -31.72
C PRO B 188 -16.90 -29.11 -32.75
N SER B 189 -17.98 -29.34 -33.49
CA SER B 189 -18.01 -30.39 -34.50
C SER B 189 -17.73 -29.86 -35.91
N SER B 190 -17.55 -28.56 -36.07
CA SER B 190 -17.26 -27.97 -37.37
C SER B 190 -15.76 -27.97 -37.67
N PRO B 191 -14.88 -27.68 -36.71
CA PRO B 191 -13.45 -27.67 -37.03
C PRO B 191 -12.80 -29.05 -37.06
N ARG B 192 -13.38 -30.05 -36.39
CA ARG B 192 -12.70 -31.33 -36.24
C ARG B 192 -12.59 -32.07 -37.57
N PRO B 193 -13.67 -32.33 -38.31
CA PRO B 193 -13.54 -33.08 -39.56
C PRO B 193 -12.72 -32.36 -40.62
N SER B 194 -12.38 -31.09 -40.43
CA SER B 194 -11.64 -30.31 -41.42
C SER B 194 -10.28 -29.87 -40.93
N GLU B 195 -10.17 -29.37 -39.71
CA GLU B 195 -8.91 -28.86 -39.18
C GLU B 195 -8.17 -29.96 -38.43
N THR B 196 -6.84 -29.96 -38.58
CA THR B 196 -6.01 -31.01 -38.00
C THR B 196 -5.89 -30.80 -36.49
N VAL B 197 -6.20 -31.84 -35.73
CA VAL B 197 -6.02 -31.85 -34.28
C VAL B 197 -4.95 -32.89 -33.97
N THR B 198 -3.86 -32.45 -33.36
CA THR B 198 -2.72 -33.31 -33.07
C THR B 198 -2.47 -33.36 -31.57
N CYS B 199 -2.24 -34.57 -31.06
CA CYS B 199 -1.85 -34.77 -29.69
C CYS B 199 -0.33 -34.74 -29.59
N ASN B 200 0.19 -33.97 -28.63
CA ASN B 200 1.63 -33.80 -28.45
C ASN B 200 2.01 -34.31 -27.07
N VAL B 201 2.89 -35.30 -27.04
CA VAL B 201 3.34 -35.93 -25.80
C VAL B 201 4.86 -35.80 -25.72
N ALA B 202 5.36 -35.56 -24.51
CA ALA B 202 6.79 -35.43 -24.27
C ALA B 202 7.15 -36.18 -23.01
N HIS B 203 8.03 -37.18 -23.14
CA HIS B 203 8.51 -37.96 -22.00
C HIS B 203 9.95 -37.52 -21.71
N PRO B 204 10.16 -36.58 -20.80
CA PRO B 204 11.52 -36.03 -20.61
C PRO B 204 12.54 -37.03 -20.09
N ALA B 205 12.10 -38.18 -19.57
CA ALA B 205 13.04 -39.15 -19.02
C ALA B 205 13.77 -39.91 -20.12
N SER B 206 13.05 -40.29 -21.18
CA SER B 206 13.64 -41.01 -22.30
C SER B 206 14.01 -40.10 -23.46
N SER B 207 13.76 -38.79 -23.33
CA SER B 207 14.08 -37.83 -24.40
C SER B 207 13.34 -38.17 -25.69
N THR B 208 12.11 -38.64 -25.56
CA THR B 208 11.29 -39.04 -26.70
C THR B 208 10.08 -38.13 -26.80
N LYS B 209 9.77 -37.71 -28.04
CA LYS B 209 8.60 -36.90 -28.32
C LYS B 209 7.83 -37.55 -29.46
N VAL B 210 6.51 -37.69 -29.28
CA VAL B 210 5.64 -38.32 -30.26
C VAL B 210 4.42 -37.45 -30.44
N ASP B 211 4.08 -37.15 -31.69
CA ASP B 211 2.88 -36.39 -32.03
C ASP B 211 1.92 -37.29 -32.79
N LYS B 212 0.67 -37.33 -32.36
CA LYS B 212 -0.34 -38.22 -32.94
C LYS B 212 -1.52 -37.39 -33.43
N LYS B 213 -1.79 -37.47 -34.73
CA LYS B 213 -2.94 -36.82 -35.32
C LYS B 213 -4.18 -37.66 -35.09
N ILE B 214 -5.30 -37.00 -34.77
CA ILE B 214 -6.56 -37.68 -34.51
C ILE B 214 -7.33 -37.74 -35.82
N VAL B 215 -7.52 -38.95 -36.33
CA VAL B 215 -8.19 -39.19 -37.61
C VAL B 215 -9.56 -39.79 -37.31
N PRO B 216 -10.64 -39.31 -37.94
CA PRO B 216 -11.95 -39.90 -37.68
C PRO B 216 -12.00 -41.37 -38.09
N ARG B 217 -13.00 -42.07 -37.56
CA ARG B 217 -13.15 -43.50 -37.83
C ARG B 217 -14.23 -43.73 -38.88
N ASP C 1 8.52 -33.21 19.03
CA ASP C 1 7.91 -32.23 18.08
C ASP C 1 6.75 -31.47 18.71
N ILE C 2 6.25 -30.47 17.98
CA ILE C 2 5.04 -29.76 18.37
C ILE C 2 3.97 -30.12 17.36
N VAL C 3 3.28 -31.24 17.59
CA VAL C 3 2.32 -31.74 16.62
C VAL C 3 1.12 -30.81 16.55
N LEU C 4 0.72 -30.47 15.33
CA LEU C 4 -0.50 -29.71 15.10
C LEU C 4 -1.63 -30.71 14.82
N THR C 5 -2.77 -30.25 14.32
CA THR C 5 -3.89 -31.15 14.07
C THR C 5 -4.77 -30.58 12.97
N GLN C 6 -5.85 -31.30 12.70
CA GLN C 6 -6.69 -31.09 11.52
C GLN C 6 -8.14 -30.97 11.96
N SER C 7 -8.81 -29.90 11.56
CA SER C 7 -10.22 -29.71 11.89
C SER C 7 -10.94 -28.80 10.89
N PRO C 8 -11.74 -29.39 9.97
CA PRO C 8 -11.97 -30.80 9.68
C PRO C 8 -11.18 -31.30 8.49
N ALA C 9 -11.14 -32.62 8.29
CA ALA C 9 -10.43 -33.19 7.14
C ALA C 9 -10.83 -32.48 5.86
N SER C 10 -12.12 -32.50 5.54
CA SER C 10 -12.65 -31.76 4.40
C SER C 10 -14.01 -31.19 4.78
N LEU C 11 -14.37 -30.08 4.15
CA LEU C 11 -15.67 -29.47 4.35
C LEU C 11 -16.14 -28.87 3.03
N ALA C 12 -17.39 -29.18 2.66
CA ALA C 12 -17.98 -28.68 1.42
C ALA C 12 -18.75 -27.40 1.76
N VAL C 13 -18.24 -26.26 1.28
CA VAL C 13 -18.84 -24.97 1.56
C VAL C 13 -19.38 -24.39 0.25
N SER C 14 -20.62 -23.92 0.28
CA SER C 14 -21.24 -23.33 -0.88
C SER C 14 -20.58 -22.00 -1.22
N LEU C 15 -20.77 -21.56 -2.45
CA LEU C 15 -20.18 -20.31 -2.92
C LEU C 15 -20.79 -19.13 -2.19
N GLY C 16 -19.94 -18.19 -1.79
CA GLY C 16 -20.38 -17.00 -1.09
C GLY C 16 -20.52 -17.15 0.41
N GLN C 17 -20.23 -18.32 0.96
CA GLN C 17 -20.40 -18.58 2.37
C GLN C 17 -19.07 -18.39 3.10
N ARG C 18 -19.02 -18.84 4.36
CA ARG C 18 -17.84 -18.69 5.20
C ARG C 18 -17.27 -20.06 5.54
N ALA C 19 -16.06 -20.33 5.07
CA ALA C 19 -15.37 -21.58 5.36
C ALA C 19 -14.34 -21.32 6.45
N THR C 20 -14.50 -22.00 7.58
CA THR C 20 -13.62 -21.83 8.73
C THR C 20 -12.81 -23.10 8.94
N ILE C 21 -11.49 -22.97 8.91
CA ILE C 21 -10.57 -24.05 9.24
C ILE C 21 -9.82 -23.63 10.50
N SER C 22 -9.70 -24.54 11.46
CA SER C 22 -9.03 -24.27 12.72
C SER C 22 -8.12 -25.43 13.04
N CYS C 23 -6.92 -25.11 13.53
CA CYS C 23 -5.94 -26.14 13.86
C CYS C 23 -5.30 -25.81 15.19
N LYS C 24 -5.07 -26.86 15.99
CA LYS C 24 -4.68 -26.74 17.39
C LYS C 24 -3.35 -27.45 17.60
N ALA C 25 -2.38 -26.73 18.16
CA ALA C 25 -1.06 -27.26 18.42
C ALA C 25 -0.98 -27.86 19.82
N SER C 26 -0.19 -28.93 19.95
CA SER C 26 -0.02 -29.57 21.24
C SER C 26 0.68 -28.64 22.22
N GLN C 27 1.73 -27.96 21.78
CA GLN C 27 2.42 -26.97 22.61
C GLN C 27 2.03 -25.56 22.19
N SER C 28 2.36 -24.60 23.04
CA SER C 28 2.11 -23.20 22.77
C SER C 28 3.13 -22.69 21.76
N VAL C 29 2.65 -22.30 20.57
CA VAL C 29 3.54 -21.83 19.51
C VAL C 29 3.62 -20.31 19.56
N ASP C 30 3.59 -19.75 20.76
CA ASP C 30 3.73 -18.32 20.97
C ASP C 30 5.02 -18.02 21.71
N PHE C 31 5.44 -16.76 21.63
CA PHE C 31 6.60 -16.30 22.37
C PHE C 31 6.73 -14.79 22.28
N ASP C 32 6.92 -14.12 23.42
CA ASP C 32 7.09 -12.68 23.45
C ASP C 32 5.89 -11.97 22.83
N GLY C 33 4.70 -12.54 22.98
CA GLY C 33 3.51 -11.98 22.39
C GLY C 33 3.40 -12.17 20.91
N TYR C 34 4.28 -12.94 20.30
CA TYR C 34 4.27 -13.19 18.86
C TYR C 34 3.95 -14.66 18.63
N ASN C 35 2.98 -14.92 17.75
CA ASN C 35 2.58 -16.27 17.40
C ASN C 35 3.21 -16.65 16.07
N TYR C 36 4.01 -17.72 16.08
CA TYR C 36 4.69 -18.19 14.89
C TYR C 36 3.84 -19.20 14.10
N LEU C 37 2.62 -18.80 13.75
CA LEU C 37 1.69 -19.67 13.06
C LEU C 37 1.50 -19.16 11.63
N ASN C 38 1.56 -20.08 10.67
CA ASN C 38 1.49 -19.75 9.26
C ASN C 38 0.45 -20.62 8.57
N TRP C 39 -0.09 -20.11 7.47
CA TRP C 39 -1.10 -20.82 6.68
C TRP C 39 -0.66 -20.87 5.23
N TYR C 40 -0.90 -22.00 4.57
CA TYR C 40 -0.49 -22.21 3.20
C TYR C 40 -1.64 -22.77 2.38
N GLN C 41 -1.61 -22.46 1.08
CA GLN C 41 -2.56 -22.99 0.10
C GLN C 41 -1.78 -23.80 -0.93
N GLN C 42 -2.27 -25.00 -1.23
CA GLN C 42 -1.62 -25.87 -2.22
C GLN C 42 -2.67 -26.43 -3.16
N LYS C 43 -2.76 -25.85 -4.35
CA LYS C 43 -3.54 -26.45 -5.40
C LYS C 43 -2.78 -27.64 -5.98
N PRO C 44 -3.49 -28.67 -6.45
CA PRO C 44 -2.79 -29.89 -6.90
C PRO C 44 -1.79 -29.58 -8.01
N GLY C 45 -0.67 -30.30 -7.98
CA GLY C 45 0.38 -30.10 -8.95
C GLY C 45 1.10 -28.78 -8.83
N GLN C 46 0.93 -28.07 -7.73
CA GLN C 46 1.59 -26.79 -7.50
C GLN C 46 2.20 -26.76 -6.09
N PRO C 47 3.27 -26.01 -5.90
CA PRO C 47 3.86 -25.94 -4.56
C PRO C 47 2.97 -25.14 -3.63
N PRO C 48 3.05 -25.39 -2.31
CA PRO C 48 2.26 -24.59 -1.37
C PRO C 48 2.52 -23.10 -1.54
N LYS C 49 1.44 -22.32 -1.43
CA LYS C 49 1.48 -20.88 -1.56
C LYS C 49 1.23 -20.25 -0.21
N LEU C 50 2.11 -19.33 0.19
CA LEU C 50 1.94 -18.65 1.47
C LEU C 50 0.72 -17.74 1.42
N LEU C 51 -0.11 -17.81 2.46
CA LEU C 51 -1.28 -16.95 2.60
C LEU C 51 -1.12 -15.96 3.75
N ILE C 52 -0.96 -16.45 4.97
CA ILE C 52 -0.95 -15.61 6.17
C ILE C 52 0.22 -16.02 7.05
N TYR C 53 0.74 -15.06 7.81
CA TYR C 53 1.85 -15.32 8.71
C TYR C 53 1.69 -14.56 10.02
N ALA C 54 1.96 -15.25 11.12
CA ALA C 54 2.33 -14.63 12.39
C ALA C 54 1.26 -13.88 13.24
N ALA C 55 0.01 -14.36 13.38
CA ALA C 55 -0.62 -15.42 12.61
C ALA C 55 -1.82 -14.80 11.90
N SER C 56 -1.84 -13.46 11.85
CA SER C 56 -2.95 -12.71 11.31
C SER C 56 -2.57 -11.84 10.10
N ASN C 57 -1.28 -11.62 9.86
CA ASN C 57 -0.86 -10.70 8.82
C ASN C 57 -0.95 -11.37 7.46
N LEU C 58 -1.64 -10.71 6.53
CA LEU C 58 -1.84 -11.23 5.19
C LEU C 58 -0.63 -10.96 4.32
N GLU C 59 -0.23 -11.97 3.55
CA GLU C 59 0.88 -11.82 2.63
C GLU C 59 0.49 -10.88 1.49
N SER C 60 1.44 -10.03 1.09
CA SER C 60 1.17 -9.07 0.03
C SER C 60 0.79 -9.79 -1.26
N GLY C 61 -0.36 -9.41 -1.83
CA GLY C 61 -0.88 -10.01 -3.03
C GLY C 61 -1.94 -11.06 -2.81
N ILE C 62 -2.20 -11.44 -1.56
CA ILE C 62 -3.25 -12.41 -1.25
C ILE C 62 -4.57 -11.67 -1.11
N PRO C 63 -5.68 -12.20 -1.63
CA PRO C 63 -6.96 -11.51 -1.50
C PRO C 63 -7.32 -11.26 -0.04
N ALA C 64 -8.17 -10.25 0.17
CA ALA C 64 -8.55 -9.86 1.52
C ALA C 64 -9.53 -10.84 2.15
N ARG C 65 -10.23 -11.66 1.35
CA ARG C 65 -11.17 -12.62 1.90
C ARG C 65 -10.50 -13.64 2.82
N PHE C 66 -9.19 -13.81 2.70
CA PHE C 66 -8.44 -14.66 3.62
C PHE C 66 -8.11 -13.89 4.89
N SER C 67 -8.27 -14.54 6.03
CA SER C 67 -7.98 -13.91 7.32
C SER C 67 -7.71 -15.00 8.35
N GLY C 68 -6.65 -14.82 9.12
CA GLY C 68 -6.25 -15.78 10.14
C GLY C 68 -6.24 -15.13 11.51
N SER C 69 -6.66 -15.89 12.51
CA SER C 69 -6.77 -15.39 13.88
C SER C 69 -6.37 -16.50 14.85
N GLY C 70 -6.05 -16.09 16.07
CA GLY C 70 -5.70 -17.05 17.10
C GLY C 70 -4.55 -16.60 17.99
N SER C 71 -4.32 -17.35 19.07
CA SER C 71 -3.23 -17.07 20.00
C SER C 71 -3.10 -18.26 20.93
N GLY C 72 -1.86 -18.61 21.25
CA GLY C 72 -1.60 -19.75 22.11
C GLY C 72 -1.55 -21.05 21.34
N THR C 73 -2.64 -21.83 21.42
CA THR C 73 -2.71 -23.12 20.74
C THR C 73 -3.98 -23.30 19.91
N ASP C 74 -4.83 -22.28 19.80
CA ASP C 74 -6.08 -22.36 19.05
C ASP C 74 -6.05 -21.28 17.97
N PHE C 75 -5.93 -21.71 16.71
CA PHE C 75 -5.88 -20.80 15.58
C PHE C 75 -6.96 -21.15 14.58
N THR C 76 -7.30 -20.17 13.74
CA THR C 76 -8.40 -20.31 12.78
C THR C 76 -8.01 -19.65 11.47
N LEU C 77 -8.54 -20.20 10.38
CA LEU C 77 -8.39 -19.64 9.04
C LEU C 77 -9.79 -19.35 8.51
N ASN C 78 -10.03 -18.10 8.12
CA ASN C 78 -11.35 -17.64 7.71
C ASN C 78 -11.30 -17.16 6.27
N ILE C 79 -12.19 -17.69 5.44
CA ILE C 79 -12.32 -17.31 4.04
C ILE C 79 -13.70 -16.70 3.87
N HIS C 80 -13.76 -15.41 3.58
CA HIS C 80 -15.02 -14.70 3.52
C HIS C 80 -15.07 -13.65 2.39
N PRO C 81 -15.84 -13.92 1.33
CA PRO C 81 -16.59 -15.14 1.01
C PRO C 81 -15.72 -16.16 0.29
N VAL C 82 -16.30 -17.29 -0.11
CA VAL C 82 -15.57 -18.36 -0.76
C VAL C 82 -15.81 -18.27 -2.26
N GLU C 83 -14.73 -18.39 -3.04
CA GLU C 83 -14.79 -18.37 -4.48
C GLU C 83 -14.67 -19.80 -5.02
N GLU C 84 -14.50 -19.92 -6.34
CA GLU C 84 -14.29 -21.23 -6.96
C GLU C 84 -12.81 -21.56 -7.11
N GLU C 85 -11.96 -20.55 -7.30
CA GLU C 85 -10.52 -20.78 -7.35
C GLU C 85 -9.95 -21.20 -6.00
N ASP C 86 -10.72 -21.07 -4.92
CA ASP C 86 -10.29 -21.45 -3.59
C ASP C 86 -10.31 -22.96 -3.37
N ALA C 87 -10.62 -23.74 -4.40
CA ALA C 87 -10.62 -25.20 -4.28
C ALA C 87 -9.17 -25.69 -4.26
N ALA C 88 -8.69 -26.03 -3.07
CA ALA C 88 -7.32 -26.47 -2.91
C ALA C 88 -7.20 -27.17 -1.56
N THR C 89 -5.98 -27.30 -1.05
CA THR C 89 -5.71 -27.90 0.24
C THR C 89 -4.93 -26.91 1.10
N TYR C 90 -5.34 -26.76 2.36
CA TYR C 90 -4.78 -25.77 3.26
C TYR C 90 -4.09 -26.45 4.43
N PHE C 91 -2.89 -25.99 4.75
CA PHE C 91 -2.10 -26.52 5.85
C PHE C 91 -1.76 -25.40 6.84
N CYS C 92 -1.58 -25.77 8.09
CA CYS C 92 -1.14 -24.86 9.14
C CYS C 92 0.19 -25.35 9.68
N GLN C 93 1.15 -24.44 9.82
CA GLN C 93 2.52 -24.79 10.18
C GLN C 93 3.04 -23.81 11.22
N GLN C 94 3.85 -24.32 12.15
CA GLN C 94 4.41 -23.54 13.25
C GLN C 94 5.90 -23.31 13.01
N SER C 95 6.45 -22.37 13.79
CA SER C 95 7.88 -22.07 13.75
C SER C 95 8.43 -21.73 15.13
N ASN C 96 7.73 -22.10 16.20
CA ASN C 96 8.17 -21.74 17.54
C ASN C 96 9.40 -22.54 17.95
N GLU C 97 9.43 -23.84 17.68
CA GLU C 97 10.52 -24.69 18.11
C GLU C 97 10.88 -25.66 17.00
N ASP C 98 12.15 -26.09 17.00
CA ASP C 98 12.61 -27.09 16.06
C ASP C 98 12.19 -28.49 16.51
N PRO C 99 11.78 -29.35 15.57
CA PRO C 99 11.67 -29.07 14.14
C PRO C 99 10.36 -28.39 13.80
N TYR C 100 10.32 -27.63 12.70
CA TYR C 100 9.06 -27.10 12.22
C TYR C 100 8.13 -28.26 11.87
N THR C 101 6.84 -28.07 12.13
CA THR C 101 5.85 -29.12 11.91
C THR C 101 4.67 -28.57 11.14
N PHE C 102 4.15 -29.37 10.23
CA PHE C 102 2.97 -29.02 9.45
C PHE C 102 1.73 -29.68 10.05
N GLY C 103 0.58 -29.09 9.74
CA GLY C 103 -0.68 -29.63 10.19
C GLY C 103 -1.12 -30.81 9.34
N GLY C 104 -2.30 -31.34 9.70
CA GLY C 104 -2.87 -32.42 8.92
C GLY C 104 -3.33 -32.01 7.54
N GLY C 105 -3.62 -30.72 7.35
CA GLY C 105 -4.04 -30.22 6.06
C GLY C 105 -5.54 -30.34 5.85
N THR C 106 -6.17 -29.30 5.31
CA THR C 106 -7.61 -29.26 5.10
C THR C 106 -7.89 -29.04 3.63
N LYS C 107 -8.63 -29.95 3.01
CA LYS C 107 -8.99 -29.88 1.61
C LYS C 107 -10.40 -29.30 1.48
N LEU C 108 -10.51 -28.13 0.85
CA LEU C 108 -11.78 -27.45 0.70
C LEU C 108 -12.48 -27.88 -0.57
N GLU C 109 -13.80 -28.02 -0.49
CA GLU C 109 -14.63 -28.45 -1.61
C GLU C 109 -15.71 -27.40 -1.85
N ILE C 110 -15.91 -27.04 -3.12
CA ILE C 110 -16.93 -26.08 -3.53
C ILE C 110 -18.15 -26.85 -3.99
N LYS C 111 -19.34 -26.31 -3.70
CA LYS C 111 -20.61 -26.95 -4.01
C LYS C 111 -21.43 -26.03 -4.89
N ARG C 112 -21.84 -26.53 -6.06
CA ARG C 112 -22.69 -25.80 -6.98
C ARG C 112 -23.09 -26.73 -8.12
N ALA C 113 -24.14 -26.34 -8.84
CA ALA C 113 -24.56 -27.01 -10.07
C ALA C 113 -25.22 -28.35 -9.78
N ASP C 114 -24.52 -29.24 -9.06
CA ASP C 114 -25.02 -30.59 -8.81
C ASP C 114 -25.28 -31.30 -10.13
N ALA C 115 -24.37 -31.14 -11.08
CA ALA C 115 -24.57 -31.54 -12.46
C ALA C 115 -24.25 -33.02 -12.66
N ALA C 116 -24.59 -33.52 -13.86
CA ALA C 116 -24.35 -34.89 -14.30
C ALA C 116 -23.14 -34.96 -15.22
N PRO C 117 -22.51 -36.12 -15.32
CA PRO C 117 -21.28 -36.23 -16.13
C PRO C 117 -21.54 -36.31 -17.62
N THR C 118 -20.55 -35.87 -18.39
CA THR C 118 -20.55 -36.00 -19.84
C THR C 118 -19.73 -37.25 -20.19
N VAL C 119 -20.38 -38.22 -20.83
CA VAL C 119 -19.78 -39.52 -21.09
C VAL C 119 -19.35 -39.61 -22.54
N SER C 120 -18.15 -40.16 -22.77
CA SER C 120 -17.65 -40.42 -24.10
C SER C 120 -16.86 -41.72 -24.08
N ILE C 121 -17.13 -42.59 -25.04
CA ILE C 121 -16.50 -43.90 -25.13
C ILE C 121 -15.66 -43.96 -26.39
N PHE C 122 -14.46 -44.54 -26.29
CA PHE C 122 -13.51 -44.58 -27.39
C PHE C 122 -13.11 -46.02 -27.67
N PRO C 123 -13.18 -46.50 -28.92
CA PRO C 123 -12.75 -47.87 -29.20
C PRO C 123 -11.25 -47.98 -29.24
N PRO C 124 -10.70 -49.20 -29.24
CA PRO C 124 -9.25 -49.36 -29.41
C PRO C 124 -8.80 -48.83 -30.76
N SER C 125 -7.72 -48.05 -30.73
CA SER C 125 -7.17 -47.49 -31.96
C SER C 125 -6.54 -48.60 -32.80
N SER C 126 -6.20 -48.25 -34.04
CA SER C 126 -5.53 -49.21 -34.92
C SER C 126 -4.09 -49.44 -34.49
N GLU C 127 -3.42 -48.41 -33.96
CA GLU C 127 -2.03 -48.56 -33.55
C GLU C 127 -1.88 -49.51 -32.36
N GLN C 128 -2.86 -49.51 -31.44
CA GLN C 128 -2.74 -50.35 -30.25
C GLN C 128 -3.11 -51.80 -30.54
N LEU C 129 -4.01 -52.04 -31.48
CA LEU C 129 -4.35 -53.42 -31.83
C LEU C 129 -3.20 -54.13 -32.52
N THR C 130 -2.23 -53.39 -33.07
CA THR C 130 -1.05 -54.03 -33.64
C THR C 130 -0.13 -54.56 -32.56
N SER C 131 -0.06 -53.88 -31.42
CA SER C 131 0.81 -54.29 -30.31
C SER C 131 0.27 -55.48 -29.55
N GLY C 132 -0.85 -56.06 -29.96
CA GLY C 132 -1.40 -57.23 -29.29
C GLY C 132 -2.30 -56.93 -28.13
N GLY C 133 -2.64 -55.67 -27.88
CA GLY C 133 -3.52 -55.30 -26.79
C GLY C 133 -4.69 -54.46 -27.28
N ALA C 134 -5.54 -54.10 -26.32
CA ALA C 134 -6.71 -53.27 -26.61
C ALA C 134 -7.21 -52.65 -25.32
N SER C 135 -7.29 -51.32 -25.28
CA SER C 135 -7.75 -50.59 -24.11
C SER C 135 -8.95 -49.74 -24.52
N VAL C 136 -10.08 -49.97 -23.85
CA VAL C 136 -11.30 -49.19 -24.07
C VAL C 136 -11.40 -48.14 -22.98
N VAL C 137 -11.70 -46.90 -23.37
CA VAL C 137 -11.67 -45.76 -22.46
C VAL C 137 -13.06 -45.16 -22.37
N CYS C 138 -13.45 -44.78 -21.16
CA CYS C 138 -14.69 -44.03 -20.92
C CYS C 138 -14.35 -42.82 -20.07
N PHE C 139 -14.74 -41.63 -20.54
CA PHE C 139 -14.46 -40.37 -19.89
C PHE C 139 -15.72 -39.84 -19.22
N LEU C 140 -15.56 -39.36 -17.99
CA LEU C 140 -16.62 -38.70 -17.24
C LEU C 140 -16.11 -37.31 -16.87
N ASN C 141 -16.74 -36.27 -17.43
CA ASN C 141 -16.27 -34.90 -17.27
C ASN C 141 -17.38 -34.01 -16.72
N ASN C 142 -16.96 -33.00 -15.94
CA ASN C 142 -17.85 -31.94 -15.45
C ASN C 142 -19.05 -32.51 -14.70
N PHE C 143 -18.76 -33.20 -13.60
CA PHE C 143 -19.78 -33.74 -12.72
C PHE C 143 -19.50 -33.40 -11.27
N TYR C 144 -20.58 -33.38 -10.48
CA TYR C 144 -20.51 -33.09 -9.05
C TYR C 144 -21.71 -33.74 -8.37
N PRO C 145 -21.50 -34.37 -7.19
CA PRO C 145 -20.24 -34.52 -6.45
C PRO C 145 -19.32 -35.58 -7.06
N LYS C 146 -18.17 -35.78 -6.43
CA LYS C 146 -17.17 -36.71 -6.94
C LYS C 146 -17.58 -38.17 -6.75
N ASP C 147 -18.57 -38.46 -5.91
CA ASP C 147 -18.98 -39.83 -5.65
C ASP C 147 -19.58 -40.43 -6.92
N ILE C 148 -18.94 -41.48 -7.43
CA ILE C 148 -19.38 -42.13 -8.66
C ILE C 148 -18.63 -43.44 -8.79
N ASN C 149 -19.20 -44.38 -9.56
CA ASN C 149 -18.54 -45.64 -9.84
C ASN C 149 -18.93 -46.08 -11.25
N VAL C 150 -18.12 -46.97 -11.81
CA VAL C 150 -18.26 -47.41 -13.20
C VAL C 150 -18.29 -48.93 -13.25
N LYS C 151 -19.19 -49.47 -14.06
CA LYS C 151 -19.25 -50.90 -14.37
C LYS C 151 -19.01 -51.10 -15.85
N TRP C 152 -18.25 -52.14 -16.19
CA TRP C 152 -17.94 -52.47 -17.57
C TRP C 152 -18.71 -53.74 -17.96
N LYS C 153 -19.52 -53.63 -19.01
CA LYS C 153 -20.30 -54.75 -19.54
C LYS C 153 -19.73 -55.15 -20.89
N ILE C 154 -19.37 -56.42 -21.02
CA ILE C 154 -18.91 -56.99 -22.28
C ILE C 154 -19.97 -57.98 -22.75
N ASP C 155 -20.67 -57.64 -23.83
CA ASP C 155 -21.78 -58.44 -24.33
C ASP C 155 -22.84 -58.67 -23.25
N GLY C 156 -23.04 -57.67 -22.39
CA GLY C 156 -24.02 -57.76 -21.33
C GLY C 156 -23.51 -58.34 -20.03
N SER C 157 -22.28 -58.85 -20.00
CA SER C 157 -21.71 -59.45 -18.81
C SER C 157 -20.70 -58.51 -18.18
N GLU C 158 -20.71 -58.43 -16.85
CA GLU C 158 -19.88 -57.48 -16.14
C GLU C 158 -18.40 -57.89 -16.17
N ARG C 159 -17.53 -56.90 -16.09
CA ARG C 159 -16.10 -57.10 -16.00
C ARG C 159 -15.52 -56.09 -15.03
N GLN C 160 -14.56 -56.52 -14.22
CA GLN C 160 -13.97 -55.67 -13.19
C GLN C 160 -12.44 -55.71 -13.17
N ASN C 161 -11.80 -56.39 -14.11
CA ASN C 161 -10.35 -56.50 -14.15
C ASN C 161 -9.78 -55.60 -15.25
N GLY C 162 -8.51 -55.28 -15.11
CA GLY C 162 -7.89 -54.31 -15.99
C GLY C 162 -8.51 -52.93 -15.91
N VAL C 163 -9.29 -52.67 -14.86
CA VAL C 163 -9.99 -51.40 -14.70
C VAL C 163 -9.07 -50.43 -13.97
N LEU C 164 -8.69 -49.35 -14.66
CA LEU C 164 -7.81 -48.33 -14.11
C LEU C 164 -8.60 -47.02 -14.00
N ASN C 165 -9.15 -46.75 -12.83
CA ASN C 165 -9.88 -45.51 -12.59
C ASN C 165 -8.92 -44.42 -12.16
N SER C 166 -9.23 -43.18 -12.57
CA SER C 166 -8.34 -42.05 -12.30
C SER C 166 -9.21 -40.79 -12.22
N TRP C 167 -9.45 -40.32 -11.00
CA TRP C 167 -10.17 -39.09 -10.78
C TRP C 167 -9.26 -37.88 -10.94
N THR C 168 -9.84 -36.76 -11.33
CA THR C 168 -9.19 -35.46 -11.23
C THR C 168 -9.66 -34.75 -9.96
N ASP C 169 -8.92 -33.72 -9.58
CA ASP C 169 -9.33 -32.89 -8.45
C ASP C 169 -10.41 -31.92 -8.91
N GLN C 170 -10.86 -31.07 -7.98
CA GLN C 170 -11.93 -30.13 -8.29
C GLN C 170 -11.44 -29.07 -9.25
N ASP C 171 -12.23 -28.79 -10.29
CA ASP C 171 -11.84 -27.81 -11.28
C ASP C 171 -11.72 -26.43 -10.64
N SER C 172 -10.74 -25.65 -11.12
CA SER C 172 -10.47 -24.35 -10.53
C SER C 172 -11.56 -23.34 -10.87
N LYS C 173 -12.02 -23.32 -12.12
CA LYS C 173 -13.03 -22.37 -12.57
C LYS C 173 -14.42 -22.98 -12.70
N ASP C 174 -14.55 -24.30 -12.59
CA ASP C 174 -15.84 -24.96 -12.73
C ASP C 174 -16.31 -25.68 -11.48
N SER C 175 -15.41 -26.00 -10.55
CA SER C 175 -15.77 -26.68 -9.30
C SER C 175 -16.40 -28.05 -9.56
N THR C 176 -16.03 -28.68 -10.67
CA THR C 176 -16.53 -29.99 -11.04
C THR C 176 -15.39 -31.00 -11.10
N TYR C 177 -15.74 -32.27 -10.99
CA TYR C 177 -14.79 -33.37 -11.03
C TYR C 177 -14.82 -34.07 -12.38
N SER C 178 -13.74 -34.82 -12.65
CA SER C 178 -13.65 -35.62 -13.87
C SER C 178 -13.01 -36.96 -13.54
N MET C 179 -13.45 -38.00 -14.23
CA MET C 179 -12.98 -39.36 -14.02
C MET C 179 -12.67 -40.01 -15.35
N SER C 180 -11.72 -40.95 -15.33
CA SER C 180 -11.38 -41.72 -16.52
C SER C 180 -11.23 -43.18 -16.12
N SER C 181 -11.98 -44.05 -16.78
CA SER C 181 -11.94 -45.49 -16.51
C SER C 181 -11.34 -46.19 -17.72
N THR C 182 -10.25 -46.92 -17.49
CA THR C 182 -9.54 -47.63 -18.54
C THR C 182 -9.73 -49.13 -18.36
N LEU C 183 -10.21 -49.79 -19.42
CA LEU C 183 -10.41 -51.23 -19.43
C LEU C 183 -9.42 -51.84 -20.41
N THR C 184 -8.44 -52.58 -19.89
CA THR C 184 -7.37 -53.15 -20.70
C THR C 184 -7.62 -54.63 -20.91
N LEU C 185 -7.51 -55.07 -22.17
CA LEU C 185 -7.63 -56.47 -22.52
C LEU C 185 -6.65 -56.79 -23.64
N THR C 186 -6.35 -58.08 -23.78
CA THR C 186 -5.50 -58.52 -24.87
C THR C 186 -6.23 -58.39 -26.20
N LYS C 187 -5.46 -58.50 -27.29
CA LYS C 187 -6.06 -58.37 -28.62
C LYS C 187 -7.01 -59.51 -28.91
N ASP C 188 -6.67 -60.73 -28.50
CA ASP C 188 -7.53 -61.88 -28.77
C ASP C 188 -8.79 -61.84 -27.92
N GLU C 189 -8.70 -61.31 -26.70
CA GLU C 189 -9.88 -61.18 -25.85
C GLU C 189 -10.83 -60.09 -26.34
N TYR C 190 -10.33 -59.12 -27.11
CA TYR C 190 -11.15 -58.01 -27.58
C TYR C 190 -11.91 -58.34 -28.87
N GLU C 191 -11.40 -59.27 -29.67
CA GLU C 191 -11.96 -59.54 -30.99
C GLU C 191 -13.03 -60.63 -30.98
N ARG C 192 -13.27 -61.28 -29.84
CA ARG C 192 -14.29 -62.32 -29.76
C ARG C 192 -15.64 -61.79 -29.29
N HIS C 193 -15.69 -60.57 -28.76
CA HIS C 193 -16.94 -59.94 -28.35
C HIS C 193 -17.21 -58.73 -29.24
N ASN C 194 -18.47 -58.30 -29.22
CA ASN C 194 -18.92 -57.21 -30.10
C ASN C 194 -19.44 -56.00 -29.35
N SER C 195 -20.21 -56.20 -28.29
CA SER C 195 -20.81 -55.10 -27.54
C SER C 195 -19.95 -54.78 -26.32
N TYR C 196 -19.55 -53.52 -26.20
CA TYR C 196 -18.77 -53.03 -25.07
C TYR C 196 -19.53 -51.86 -24.45
N THR C 197 -19.80 -51.97 -23.15
CA THR C 197 -20.68 -51.02 -22.47
C THR C 197 -20.06 -50.63 -21.14
N CYS C 198 -19.88 -49.32 -20.94
CA CYS C 198 -19.53 -48.77 -19.63
C CYS C 198 -20.69 -47.92 -19.13
N GLU C 199 -21.08 -48.14 -17.89
CA GLU C 199 -22.20 -47.42 -17.29
C GLU C 199 -21.81 -46.95 -15.90
N ALA C 200 -22.18 -45.72 -15.58
CA ALA C 200 -21.81 -45.08 -14.33
C ALA C 200 -23.02 -44.92 -13.43
N THR C 201 -22.76 -44.74 -12.14
CA THR C 201 -23.79 -44.55 -11.12
C THR C 201 -23.54 -43.23 -10.43
N HIS C 202 -24.41 -42.25 -10.66
CA HIS C 202 -24.29 -40.93 -10.08
C HIS C 202 -25.61 -40.55 -9.42
N LYS C 203 -25.53 -39.76 -8.35
CA LYS C 203 -26.72 -39.41 -7.59
C LYS C 203 -27.71 -38.59 -8.41
N THR C 204 -27.26 -37.93 -9.49
CA THR C 204 -28.14 -37.14 -10.32
C THR C 204 -28.95 -37.99 -11.30
N SER C 205 -28.97 -39.31 -11.13
CA SER C 205 -29.72 -40.20 -12.01
C SER C 205 -30.09 -41.45 -11.25
N THR C 206 -31.36 -41.84 -11.31
CA THR C 206 -31.80 -43.05 -10.63
C THR C 206 -31.29 -44.29 -11.35
N SER C 207 -31.21 -44.23 -12.71
CA SER C 207 -30.74 -45.36 -13.50
C SER C 207 -29.32 -45.10 -14.00
N PRO C 208 -28.52 -46.15 -14.23
CA PRO C 208 -27.17 -45.93 -14.73
C PRO C 208 -27.18 -45.28 -16.11
N ILE C 209 -26.21 -44.40 -16.33
CA ILE C 209 -26.03 -43.74 -17.63
C ILE C 209 -25.18 -44.65 -18.50
N VAL C 210 -25.70 -45.03 -19.66
CA VAL C 210 -25.08 -46.03 -20.52
C VAL C 210 -24.49 -45.36 -21.74
N LYS C 211 -23.32 -45.84 -22.16
CA LYS C 211 -22.66 -45.36 -23.38
C LYS C 211 -21.86 -46.52 -23.94
N SER C 212 -22.22 -46.98 -25.14
CA SER C 212 -21.66 -48.21 -25.67
C SER C 212 -21.42 -48.08 -27.17
N PHE C 213 -20.61 -49.01 -27.70
CA PHE C 213 -20.38 -49.13 -29.12
C PHE C 213 -20.35 -50.62 -29.47
N ASN C 214 -20.46 -50.91 -30.76
CA ASN C 214 -20.46 -52.27 -31.27
C ASN C 214 -19.29 -52.46 -32.22
N ARG C 215 -18.51 -53.51 -32.00
CA ARG C 215 -17.32 -53.78 -32.80
C ARG C 215 -17.71 -54.23 -34.21
N VAL D 48 38.54 17.91 20.96
CA VAL D 48 37.28 18.64 20.86
C VAL D 48 36.10 17.68 20.94
N ALA D 49 34.95 18.11 20.43
CA ALA D 49 33.75 17.31 20.39
C ALA D 49 33.30 17.13 18.96
N PRO D 50 32.70 16.00 18.61
CA PRO D 50 32.27 15.79 17.23
C PRO D 50 31.11 16.72 16.88
N LEU D 51 30.98 16.97 15.59
CA LEU D 51 29.87 17.77 15.09
C LEU D 51 28.64 16.89 14.93
N HIS D 52 27.52 17.36 15.45
CA HIS D 52 26.26 16.64 15.39
C HIS D 52 25.33 17.34 14.43
N LEU D 53 24.98 16.66 13.35
CA LEU D 53 23.99 17.16 12.42
C LEU D 53 22.61 16.62 12.82
N GLY D 54 21.58 17.34 12.42
CA GLY D 54 20.23 16.92 12.72
C GLY D 54 19.45 16.62 11.46
N LYS D 55 18.91 15.40 11.36
CA LYS D 55 18.07 14.95 10.27
C LYS D 55 18.89 14.64 9.01
N CYS D 56 20.20 14.89 8.99
CA CYS D 56 20.91 14.88 7.72
C CYS D 56 22.33 14.35 7.86
N ASN D 57 22.82 13.76 6.78
CA ASN D 57 24.20 13.34 6.65
C ASN D 57 25.05 14.50 6.12
N ILE D 58 26.36 14.26 5.98
CA ILE D 58 27.24 15.33 5.49
C ILE D 58 26.84 15.75 4.08
N ALA D 59 26.29 14.84 3.30
CA ALA D 59 25.94 15.14 1.92
C ALA D 59 24.93 16.29 1.88
N GLY D 60 23.72 16.06 2.40
CA GLY D 60 22.70 17.09 2.36
C GLY D 60 23.01 18.28 3.24
N TRP D 61 23.76 18.07 4.32
CA TRP D 61 24.11 19.17 5.21
C TRP D 61 24.88 20.25 4.47
N ILE D 62 26.04 19.90 3.91
CA ILE D 62 26.90 20.91 3.32
C ILE D 62 26.45 21.28 1.91
N LEU D 63 25.65 20.43 1.26
CA LEU D 63 25.08 20.82 -0.03
C LEU D 63 24.08 21.94 0.09
N GLY D 64 23.67 22.30 1.30
CA GLY D 64 22.57 23.23 1.48
C GLY D 64 21.21 22.61 1.32
N ASN D 65 21.12 21.28 1.35
CA ASN D 65 19.84 20.60 1.25
C ASN D 65 18.84 21.25 2.21
N PRO D 66 17.64 21.61 1.76
CA PRO D 66 16.63 22.07 2.70
C PRO D 66 16.13 20.89 3.53
N GLU D 67 15.49 21.20 4.65
CA GLU D 67 15.08 20.17 5.60
C GLU D 67 16.27 19.48 6.21
N CYS D 68 17.45 20.08 6.10
CA CYS D 68 18.71 19.54 6.61
C CYS D 68 19.46 20.63 7.37
N GLU D 69 18.74 21.30 8.25
CA GLU D 69 19.26 22.47 8.97
C GLU D 69 19.82 22.01 10.30
N SER D 70 21.13 21.79 10.35
CA SER D 70 21.78 21.53 11.63
C SER D 70 21.78 22.79 12.47
N LEU D 71 21.85 22.61 13.78
CA LEU D 71 21.80 23.72 14.73
C LEU D 71 23.05 23.80 15.60
N SER D 72 24.09 23.04 15.27
CA SER D 72 25.25 22.93 16.15
C SER D 72 25.90 24.28 16.40
N THR D 73 25.98 25.12 15.35
CA THR D 73 26.69 26.41 15.39
C THR D 73 28.11 26.28 15.93
N ALA D 74 28.65 25.07 16.03
CA ALA D 74 30.03 24.88 16.38
C ALA D 74 30.90 25.06 15.14
N SER D 75 31.99 25.82 15.27
CA SER D 75 32.87 26.11 14.16
C SER D 75 34.26 25.51 14.35
N SER D 76 34.39 24.50 15.21
CA SER D 76 35.72 23.96 15.54
C SER D 76 35.69 22.46 15.82
N TRP D 77 34.75 21.74 15.23
CA TRP D 77 34.57 20.33 15.56
C TRP D 77 35.78 19.49 15.15
N SER D 78 35.77 18.24 15.60
CA SER D 78 36.83 17.26 15.30
C SER D 78 36.41 16.31 14.18
N TYR D 79 35.38 15.51 14.41
CA TYR D 79 34.75 14.73 13.36
C TYR D 79 33.25 14.92 13.45
N ILE D 80 32.51 14.29 12.54
CA ILE D 80 31.10 14.57 12.34
C ILE D 80 30.26 13.35 12.70
N VAL D 81 29.10 13.60 13.29
CA VAL D 81 28.10 12.58 13.60
C VAL D 81 26.81 12.99 12.92
N GLU D 82 26.24 12.07 12.13
CA GLU D 82 25.17 12.41 11.19
C GLU D 82 23.93 11.58 11.48
N THR D 83 22.81 12.26 11.71
CA THR D 83 21.53 11.57 11.76
C THR D 83 21.10 11.17 10.35
N PRO D 84 20.65 9.92 10.13
CA PRO D 84 20.42 9.47 8.76
C PRO D 84 18.96 9.19 8.38
N SER D 85 18.64 9.26 7.09
CA SER D 85 17.30 8.91 6.60
C SER D 85 17.23 8.82 5.07
N SER D 86 16.06 9.11 4.49
CA SER D 86 15.74 8.63 3.14
C SER D 86 16.53 9.35 2.05
N ASP D 87 16.44 10.67 2.00
CA ASP D 87 17.28 11.41 1.06
C ASP D 87 18.72 11.29 1.55
N ASN D 88 19.49 10.34 0.99
CA ASN D 88 20.82 10.10 1.54
C ASN D 88 21.64 11.36 1.31
N GLY D 89 21.21 12.45 1.94
CA GLY D 89 21.70 13.78 1.67
C GLY D 89 21.19 14.37 0.37
N THR D 90 21.48 13.71 -0.74
CA THR D 90 21.18 14.24 -2.07
C THR D 90 19.70 14.05 -2.37
N CYS D 91 18.91 15.11 -2.13
CA CYS D 91 17.50 15.09 -2.48
C CYS D 91 17.27 15.00 -3.98
N TYR D 92 18.30 15.21 -4.79
CA TYR D 92 18.24 14.96 -6.22
C TYR D 92 19.09 13.74 -6.54
N PRO D 93 18.55 12.69 -7.19
CA PRO D 93 19.37 11.50 -7.44
C PRO D 93 20.70 11.82 -8.11
N GLY D 94 21.79 11.47 -7.45
CA GLY D 94 23.10 11.70 -8.03
C GLY D 94 24.18 10.98 -7.25
N ASP D 95 25.41 11.27 -7.62
CA ASP D 95 26.58 10.71 -6.97
C ASP D 95 27.48 11.83 -6.48
N PHE D 96 28.01 11.67 -5.27
CA PHE D 96 28.89 12.66 -4.67
C PHE D 96 30.33 12.22 -4.92
N ILE D 97 31.05 12.98 -5.74
CA ILE D 97 32.39 12.59 -6.16
C ILE D 97 33.37 12.83 -5.03
N ASP D 98 34.32 11.93 -4.88
CA ASP D 98 35.32 12.02 -3.81
C ASP D 98 34.66 12.35 -2.48
N TYR D 99 33.53 11.69 -2.21
CA TYR D 99 32.81 11.88 -0.95
C TYR D 99 33.73 11.62 0.23
N GLU D 100 34.31 10.42 0.30
CA GLU D 100 35.18 10.09 1.43
C GLU D 100 36.34 11.06 1.55
N GLU D 101 36.81 11.62 0.43
CA GLU D 101 37.82 12.66 0.49
C GLU D 101 37.27 13.91 1.15
N LEU D 102 35.98 14.19 0.96
CA LEU D 102 35.37 15.35 1.61
C LEU D 102 35.08 15.07 3.07
N ARG D 103 34.72 13.83 3.40
CA ARG D 103 34.49 13.47 4.80
C ARG D 103 35.75 13.65 5.63
N GLU D 104 36.90 13.24 5.09
CA GLU D 104 38.16 13.40 5.81
C GLU D 104 38.71 14.81 5.72
N GLN D 105 38.08 15.68 4.93
CA GLN D 105 38.39 17.11 4.94
C GLN D 105 37.57 17.83 6.01
N LEU D 106 36.28 17.55 6.07
CA LEU D 106 35.41 18.11 7.10
C LEU D 106 35.63 17.38 8.44
N SER D 107 36.88 17.42 8.90
CA SER D 107 37.28 16.72 10.10
C SER D 107 38.56 17.34 10.62
N SER D 108 38.64 17.49 11.93
CA SER D 108 39.73 18.22 12.58
C SER D 108 39.71 19.69 12.15
N VAL D 109 38.54 20.29 12.27
CA VAL D 109 38.30 21.65 11.81
C VAL D 109 38.50 22.61 12.98
N SER D 110 39.16 23.74 12.71
CA SER D 110 39.40 24.77 13.71
C SER D 110 38.81 26.11 13.31
N SER D 111 38.06 26.16 12.22
CA SER D 111 37.35 27.37 11.77
C SER D 111 36.46 26.97 10.61
N PHE D 112 35.32 27.65 10.49
CA PHE D 112 34.36 27.27 9.47
C PHE D 112 33.44 28.43 9.10
N GLU D 113 33.99 29.45 8.44
CA GLU D 113 33.19 30.58 7.98
C GLU D 113 32.50 30.22 6.66
N ARG D 114 31.19 30.41 6.61
CA ARG D 114 30.41 30.22 5.40
C ARG D 114 30.09 31.58 4.79
N PHE D 115 30.55 31.82 3.57
CA PHE D 115 30.30 33.08 2.88
C PHE D 115 29.60 32.80 1.55
N GLU D 116 29.10 33.87 0.94
CA GLU D 116 28.40 33.78 -0.34
C GLU D 116 29.41 34.06 -1.44
N ILE D 117 29.87 33.00 -2.10
CA ILE D 117 30.89 33.13 -3.13
C ILE D 117 30.32 33.83 -4.36
N PHE D 118 29.12 33.44 -4.79
CA PHE D 118 28.49 33.96 -6.00
C PHE D 118 27.12 34.51 -5.62
N PRO D 119 27.04 35.78 -5.21
CA PRO D 119 25.75 36.35 -4.80
C PRO D 119 24.70 36.22 -5.89
N LYS D 120 23.58 35.58 -5.53
CA LYS D 120 22.52 35.32 -6.48
C LYS D 120 22.08 36.59 -7.20
N THR D 121 21.88 37.68 -6.45
CA THR D 121 21.29 38.88 -7.02
C THR D 121 22.19 39.58 -8.03
N SER D 122 23.52 39.39 -7.94
CA SER D 122 24.47 40.19 -8.72
C SER D 122 25.49 39.30 -9.43
N SER D 123 25.14 38.06 -9.74
CA SER D 123 26.08 37.13 -10.37
C SER D 123 25.63 36.59 -11.71
N TRP D 124 24.32 36.36 -11.91
CA TRP D 124 23.82 35.69 -13.10
C TRP D 124 22.79 36.59 -13.78
N PRO D 125 23.24 37.61 -14.52
CA PRO D 125 22.28 38.46 -15.22
C PRO D 125 21.65 37.78 -16.42
N ASN D 126 22.43 37.03 -17.19
CA ASN D 126 21.94 36.41 -18.41
C ASN D 126 21.19 35.11 -18.17
N HIS D 127 21.11 34.63 -16.93
CA HIS D 127 20.42 33.40 -16.59
C HIS D 127 19.62 33.63 -15.32
N ASP D 128 18.41 33.08 -15.27
CA ASP D 128 17.52 33.32 -14.13
C ASP D 128 17.87 32.36 -12.99
N SER D 129 18.26 32.92 -11.85
CA SER D 129 18.57 32.10 -10.70
C SER D 129 17.31 31.43 -10.15
N ASN D 130 16.18 32.12 -10.22
CA ASN D 130 14.91 31.50 -9.86
C ASN D 130 14.58 30.38 -10.85
N LYS D 131 13.47 29.69 -10.59
CA LYS D 131 12.94 28.67 -11.49
C LYS D 131 13.74 27.38 -11.41
N GLY D 132 14.95 27.44 -10.84
CA GLY D 132 15.77 26.25 -10.69
C GLY D 132 15.43 25.46 -9.45
N VAL D 133 14.18 25.00 -9.35
CA VAL D 133 13.72 24.23 -8.21
C VAL D 133 12.80 23.12 -8.70
N THR D 134 12.85 21.98 -8.03
CA THR D 134 12.04 20.82 -8.38
C THR D 134 11.38 20.26 -7.12
N ALA D 135 10.38 19.41 -7.32
CA ALA D 135 9.67 18.80 -6.21
C ALA D 135 10.48 17.70 -5.53
N ALA D 136 11.63 17.32 -6.08
CA ALA D 136 12.48 16.34 -5.43
C ALA D 136 13.27 16.92 -4.27
N CYS D 137 13.37 18.25 -4.18
CA CYS D 137 14.03 18.94 -3.07
C CYS D 137 13.05 19.97 -2.52
N PRO D 138 12.09 19.54 -1.71
CA PRO D 138 11.06 20.46 -1.23
C PRO D 138 11.46 21.17 0.05
N HIS D 139 10.68 22.20 0.38
CA HIS D 139 10.85 22.95 1.62
C HIS D 139 9.46 23.28 2.14
N ALA D 140 8.95 22.44 3.04
CA ALA D 140 7.59 22.56 3.58
C ALA D 140 6.55 22.28 2.49
N GLY D 141 6.69 21.12 1.85
CA GLY D 141 5.74 20.71 0.83
C GLY D 141 5.72 21.56 -0.42
N ALA D 142 6.73 22.40 -0.62
CA ALA D 142 6.81 23.27 -1.80
C ALA D 142 8.17 23.11 -2.44
N LYS D 143 8.19 22.94 -3.76
CA LYS D 143 9.43 22.74 -4.48
C LYS D 143 10.46 23.78 -4.08
N SER D 144 11.69 23.31 -3.85
CA SER D 144 12.79 24.19 -3.45
C SER D 144 14.07 23.63 -4.06
N PHE D 145 15.21 23.97 -3.47
CA PHE D 145 16.50 23.52 -3.96
C PHE D 145 17.53 23.79 -2.88
N TYR D 146 18.74 23.25 -3.09
CA TYR D 146 19.81 23.41 -2.12
C TYR D 146 20.10 24.88 -1.89
N LYS D 147 20.15 25.28 -0.62
CA LYS D 147 20.39 26.69 -0.30
C LYS D 147 21.85 27.08 -0.45
N ASN D 148 22.72 26.16 -0.87
CA ASN D 148 24.13 26.46 -1.12
C ASN D 148 24.48 26.40 -2.60
N LEU D 149 23.55 26.00 -3.46
CA LEU D 149 23.77 25.89 -4.89
C LEU D 149 22.61 26.52 -5.64
N ILE D 150 22.91 27.11 -6.79
CA ILE D 150 21.90 27.71 -7.66
C ILE D 150 21.81 26.89 -8.93
N TRP D 151 20.58 26.53 -9.32
CA TRP D 151 20.32 25.74 -10.51
C TRP D 151 19.93 26.70 -11.63
N LEU D 152 20.90 27.04 -12.47
CA LEU D 152 20.66 27.97 -13.57
C LEU D 152 19.96 27.27 -14.73
N VAL D 153 19.02 27.98 -15.36
CA VAL D 153 18.39 27.53 -16.59
C VAL D 153 18.35 28.71 -17.56
N LYS D 154 18.01 28.41 -18.81
CA LYS D 154 18.07 29.43 -19.84
C LYS D 154 17.11 30.58 -19.51
N LYS D 155 17.56 31.80 -19.80
CA LYS D 155 16.75 33.00 -19.61
C LYS D 155 16.07 33.32 -20.92
N GLY D 156 14.74 33.36 -20.91
CA GLY D 156 13.99 33.48 -22.14
C GLY D 156 14.19 32.22 -22.98
N ASN D 157 14.86 32.37 -24.12
CA ASN D 157 15.18 31.23 -24.98
C ASN D 157 16.69 31.13 -25.25
N SER D 158 17.50 31.78 -24.43
CA SER D 158 18.95 31.83 -24.64
C SER D 158 19.67 31.45 -23.36
N TYR D 159 20.71 30.62 -23.51
CA TYR D 159 21.64 30.30 -22.42
C TYR D 159 23.02 30.72 -22.91
N PRO D 160 23.42 31.97 -22.68
CA PRO D 160 24.77 32.40 -23.09
C PRO D 160 25.88 31.63 -22.40
N LYS D 161 27.13 31.97 -22.73
CA LYS D 161 28.30 31.30 -22.17
C LYS D 161 28.70 32.03 -20.90
N LEU D 162 28.28 31.50 -19.74
CA LEU D 162 28.64 32.11 -18.47
C LEU D 162 30.11 31.86 -18.17
N SER D 163 30.68 32.75 -17.36
CA SER D 163 32.08 32.61 -16.95
C SER D 163 32.30 33.50 -15.73
N LYS D 164 32.25 32.90 -14.55
CA LYS D 164 32.53 33.60 -13.30
C LYS D 164 33.84 33.08 -12.72
N SER D 165 34.40 33.85 -11.78
CA SER D 165 35.69 33.50 -11.18
C SER D 165 35.78 34.09 -9.79
N TYR D 166 36.24 33.26 -8.84
CA TYR D 166 36.52 33.68 -7.47
C TYR D 166 38.00 33.54 -7.21
N ILE D 167 38.59 34.55 -6.57
CA ILE D 167 40.05 34.61 -6.41
C ILE D 167 40.49 34.43 -4.97
N ASN D 168 39.57 34.15 -4.05
CA ASN D 168 39.90 33.74 -2.69
C ASN D 168 40.69 34.83 -1.95
N ASP D 169 39.95 35.89 -1.62
CA ASP D 169 40.45 36.92 -0.72
C ASP D 169 40.47 36.47 0.74
N LYS D 170 39.95 35.29 1.03
CA LYS D 170 40.06 34.72 2.37
C LYS D 170 41.46 34.16 2.59
N GLY D 171 41.91 34.21 3.84
CA GLY D 171 43.23 33.71 4.17
C GLY D 171 43.22 32.22 4.51
N LYS D 172 42.21 31.50 4.05
CA LYS D 172 42.00 30.11 4.42
C LYS D 172 41.57 29.32 3.19
N GLU D 173 41.75 28.00 3.27
CA GLU D 173 41.19 27.11 2.27
C GLU D 173 39.69 27.35 2.18
N VAL D 174 39.18 27.42 0.95
CA VAL D 174 37.76 27.67 0.71
C VAL D 174 37.17 26.45 0.02
N LEU D 175 36.19 25.82 0.66
CA LEU D 175 35.49 24.68 0.07
C LEU D 175 34.43 25.20 -0.88
N VAL D 176 34.52 24.79 -2.15
CA VAL D 176 33.57 25.18 -3.18
C VAL D 176 32.87 23.93 -3.67
N LEU D 177 31.54 23.94 -3.64
CA LEU D 177 30.74 22.83 -4.15
C LEU D 177 29.95 23.29 -5.37
N TRP D 178 29.76 22.38 -6.32
CA TRP D 178 28.94 22.64 -7.49
C TRP D 178 28.33 21.33 -7.95
N GLY D 179 27.50 21.42 -8.98
CA GLY D 179 26.78 20.25 -9.47
C GLY D 179 26.59 20.34 -10.97
N ILE D 180 26.58 19.17 -11.61
CA ILE D 180 26.43 19.05 -13.05
C ILE D 180 25.16 18.26 -13.31
N HIS D 181 24.13 18.93 -13.81
CA HIS D 181 22.88 18.24 -14.09
C HIS D 181 23.02 17.32 -15.30
N HIS D 182 22.49 16.11 -15.18
CA HIS D 182 22.42 15.17 -16.29
C HIS D 182 20.96 14.93 -16.62
N PRO D 183 20.40 15.64 -17.60
CA PRO D 183 18.98 15.41 -17.95
C PRO D 183 18.75 13.98 -18.44
N SER D 184 17.47 13.64 -18.58
CA SER D 184 17.08 12.31 -19.01
C SER D 184 16.79 12.23 -20.50
N THR D 185 16.17 13.26 -21.07
CA THR D 185 15.79 13.29 -22.47
C THR D 185 16.57 14.36 -23.20
N SER D 186 16.67 14.20 -24.53
CA SER D 186 17.26 15.25 -25.35
C SER D 186 16.39 16.49 -25.41
N ALA D 187 15.12 16.37 -25.03
CA ALA D 187 14.23 17.53 -24.99
C ALA D 187 14.34 18.29 -23.68
N ASP D 188 14.51 17.58 -22.56
CA ASP D 188 14.77 18.26 -21.29
C ASP D 188 16.00 19.16 -21.40
N GLN D 189 16.98 18.79 -22.22
CA GLN D 189 18.15 19.63 -22.43
C GLN D 189 17.76 20.94 -23.10
N GLN D 190 17.23 20.87 -24.33
CA GLN D 190 16.90 22.08 -25.07
C GLN D 190 15.89 22.94 -24.32
N SER D 191 14.90 22.31 -23.69
CA SER D 191 13.89 23.07 -22.95
C SER D 191 14.52 23.83 -21.79
N LEU D 192 15.51 23.24 -21.13
CA LEU D 192 16.13 23.87 -19.97
C LEU D 192 17.36 24.68 -20.32
N TYR D 193 18.18 24.20 -21.27
CA TYR D 193 19.44 24.86 -21.61
C TYR D 193 19.54 25.29 -23.06
N GLN D 194 18.71 24.75 -23.95
CA GLN D 194 18.61 25.22 -25.33
C GLN D 194 19.81 24.82 -26.18
N ASN D 195 20.87 24.33 -25.56
CA ASN D 195 22.09 23.95 -26.28
C ASN D 195 22.34 22.46 -26.05
N ALA D 196 22.27 21.68 -27.12
CA ALA D 196 22.52 20.25 -26.98
C ALA D 196 24.00 19.95 -26.76
N ASP D 197 24.88 20.75 -27.36
CA ASP D 197 26.32 20.57 -27.21
C ASP D 197 26.85 21.52 -26.15
N THR D 198 26.44 21.24 -24.91
CA THR D 198 26.89 22.02 -23.77
C THR D 198 28.15 21.41 -23.16
N TYR D 199 28.77 22.19 -22.29
CA TYR D 199 29.92 21.72 -21.53
C TYR D 199 30.05 22.60 -20.30
N VAL D 200 30.58 22.01 -19.24
CA VAL D 200 31.01 22.78 -18.08
C VAL D 200 32.51 22.59 -17.95
N PHE D 201 33.18 23.62 -17.45
CA PHE D 201 34.60 23.54 -17.17
C PHE D 201 34.86 24.29 -15.88
N VAL D 202 35.09 23.56 -14.80
CA VAL D 202 35.61 24.14 -13.57
C VAL D 202 37.11 23.98 -13.61
N GLY D 203 37.82 25.10 -13.51
CA GLY D 203 39.27 25.08 -13.58
C GLY D 203 39.87 25.87 -12.44
N SER D 204 41.02 25.42 -11.99
CA SER D 204 41.75 26.07 -10.92
C SER D 204 43.21 25.66 -11.01
N SER D 205 44.05 26.33 -10.23
CA SER D 205 45.45 25.96 -10.17
C SER D 205 45.60 24.51 -9.70
N ARG D 206 44.73 24.10 -8.78
CA ARG D 206 44.79 22.78 -8.15
C ARG D 206 43.89 21.74 -8.81
N TYR D 207 42.98 22.16 -9.70
CA TYR D 207 41.94 21.28 -10.22
C TYR D 207 41.56 21.72 -11.62
N SER D 208 41.33 20.75 -12.50
CA SER D 208 40.87 21.04 -13.86
C SER D 208 40.08 19.83 -14.36
N LYS D 209 38.92 20.09 -14.95
CA LYS D 209 38.05 19.03 -15.42
C LYS D 209 36.94 19.61 -16.30
N LYS D 210 36.78 19.04 -17.49
CA LYS D 210 35.73 19.44 -18.42
C LYS D 210 34.58 18.45 -18.28
N PHE D 211 33.39 18.98 -18.03
CA PHE D 211 32.20 18.14 -17.87
C PHE D 211 31.36 18.19 -19.15
N LYS D 212 30.40 17.26 -19.23
CA LYS D 212 29.53 17.16 -20.39
C LYS D 212 28.30 16.40 -19.98
N PRO D 213 27.10 16.77 -20.46
CA PRO D 213 25.90 16.02 -20.08
C PRO D 213 26.00 14.55 -20.46
N GLU D 214 25.25 13.74 -19.72
CA GLU D 214 25.12 12.30 -19.99
C GLU D 214 23.62 11.99 -20.06
N ILE D 215 22.98 12.44 -21.15
CA ILE D 215 21.55 12.26 -21.32
C ILE D 215 21.22 10.78 -21.37
N ALA D 216 20.33 10.34 -20.49
CA ALA D 216 19.91 8.95 -20.46
C ALA D 216 18.74 8.80 -19.50
N ILE D 217 17.86 7.86 -19.81
CA ILE D 217 16.73 7.54 -18.93
C ILE D 217 17.24 6.68 -17.78
N ARG D 218 17.34 7.26 -16.62
CA ARG D 218 17.72 6.51 -15.44
C ARG D 218 16.49 5.92 -14.77
N PRO D 219 16.64 4.82 -14.04
CA PRO D 219 15.49 4.26 -13.31
C PRO D 219 14.90 5.27 -12.34
N LYS D 220 13.57 5.19 -12.18
CA LYS D 220 12.86 6.13 -11.33
C LYS D 220 13.44 6.14 -9.92
N VAL D 221 13.84 7.31 -9.46
CA VAL D 221 14.22 7.53 -8.07
C VAL D 221 13.68 8.90 -7.68
N ARG D 222 12.70 8.91 -6.77
CA ARG D 222 12.06 10.16 -6.35
C ARG D 222 11.42 10.87 -7.54
N ASP D 223 10.80 10.08 -8.43
CA ASP D 223 10.15 10.61 -9.62
C ASP D 223 11.13 11.35 -10.53
N GLN D 224 12.39 10.90 -10.54
CA GLN D 224 13.43 11.51 -11.37
C GLN D 224 14.05 10.43 -12.24
N GLU D 225 14.01 10.63 -13.55
CA GLU D 225 14.72 9.77 -14.48
C GLU D 225 16.08 10.34 -14.88
N GLY D 226 16.45 11.50 -14.35
CA GLY D 226 17.77 12.07 -14.54
C GLY D 226 18.61 11.94 -13.29
N ARG D 227 19.81 12.50 -13.37
CA ARG D 227 20.75 12.49 -12.26
C ARG D 227 21.33 13.88 -12.08
N MET D 228 22.24 14.01 -11.11
CA MET D 228 22.90 15.27 -10.83
C MET D 228 24.08 15.02 -9.89
N ASN D 229 25.27 14.89 -10.43
CA ASN D 229 26.44 14.65 -9.61
C ASN D 229 26.92 15.95 -8.97
N TYR D 230 27.62 15.81 -7.85
CA TYR D 230 28.15 16.95 -7.12
C TYR D 230 29.64 16.79 -6.94
N TYR D 231 30.35 17.92 -6.96
CA TYR D 231 31.80 17.92 -6.89
C TYR D 231 32.24 18.98 -5.90
N TRP D 232 33.54 18.99 -5.61
CA TRP D 232 34.08 19.95 -4.65
C TRP D 232 35.58 20.06 -4.88
N THR D 233 36.16 21.11 -4.32
CA THR D 233 37.60 21.32 -4.42
C THR D 233 38.01 22.32 -3.34
N LEU D 234 39.31 22.33 -3.05
CA LEU D 234 39.89 23.29 -2.12
C LEU D 234 40.63 24.36 -2.90
N VAL D 235 40.17 25.61 -2.80
CA VAL D 235 40.81 26.74 -3.44
C VAL D 235 41.82 27.32 -2.46
N GLU D 236 43.11 27.24 -2.81
CA GLU D 236 44.15 27.72 -1.92
C GLU D 236 44.06 29.23 -1.72
N PRO D 237 44.61 29.74 -0.63
CA PRO D 237 44.67 31.20 -0.45
C PRO D 237 45.41 31.85 -1.61
N GLY D 238 44.73 32.79 -2.26
CA GLY D 238 45.31 33.53 -3.35
C GLY D 238 45.15 32.91 -4.72
N ASP D 239 44.44 31.79 -4.82
CA ASP D 239 44.24 31.11 -6.09
C ASP D 239 42.88 31.48 -6.66
N LYS D 240 42.78 31.40 -7.99
CA LYS D 240 41.56 31.77 -8.72
C LYS D 240 40.92 30.51 -9.27
N ILE D 241 39.65 30.29 -8.90
CA ILE D 241 38.87 29.16 -9.40
C ILE D 241 37.91 29.69 -10.45
N THR D 242 38.05 29.19 -11.68
CA THR D 242 37.24 29.63 -12.80
C THR D 242 36.07 28.68 -13.02
N PHE D 243 34.95 29.25 -13.48
CA PHE D 243 33.80 28.48 -13.91
C PHE D 243 33.45 28.90 -15.33
N GLU D 244 33.12 27.93 -16.17
CA GLU D 244 32.81 28.18 -17.57
C GLU D 244 31.80 27.13 -18.01
N ALA D 245 30.62 27.57 -18.44
CA ALA D 245 29.59 26.64 -18.81
C ALA D 245 28.62 27.29 -19.79
N THR D 246 28.01 26.44 -20.64
CA THR D 246 26.93 26.86 -21.52
C THR D 246 25.66 26.06 -21.24
N GLY D 247 25.56 25.44 -20.08
CA GLY D 247 24.41 24.64 -19.71
C GLY D 247 24.80 23.52 -18.76
N ASN D 248 23.84 23.11 -17.94
CA ASN D 248 23.96 21.98 -17.04
C ASN D 248 24.87 22.25 -15.85
N LEU D 249 25.12 23.52 -15.51
CA LEU D 249 25.95 23.87 -14.37
C LEU D 249 25.06 24.31 -13.23
N VAL D 250 25.09 23.55 -12.13
CA VAL D 250 24.49 23.96 -10.88
C VAL D 250 25.58 24.72 -10.14
N VAL D 251 25.45 26.04 -10.11
CA VAL D 251 26.57 26.92 -9.79
C VAL D 251 26.66 27.14 -8.28
N PRO D 252 27.86 27.31 -7.73
CA PRO D 252 27.96 27.62 -6.30
C PRO D 252 27.25 28.91 -5.94
N ARG D 253 26.77 28.97 -4.71
CA ARG D 253 26.32 30.21 -4.10
C ARG D 253 27.02 30.49 -2.77
N TYR D 254 27.17 29.48 -1.93
CA TYR D 254 27.84 29.62 -0.64
C TYR D 254 29.03 28.67 -0.58
N ALA D 255 30.19 29.20 -0.22
CA ALA D 255 31.39 28.41 0.00
C ALA D 255 31.72 28.40 1.50
N PHE D 256 32.87 27.85 1.85
CA PHE D 256 33.24 27.70 3.26
C PHE D 256 34.74 27.88 3.39
N ALA D 257 35.16 28.99 4.01
CA ALA D 257 36.53 29.11 4.46
C ALA D 257 36.73 28.25 5.69
N MET D 258 37.91 27.64 5.81
CA MET D 258 38.15 26.73 6.92
C MET D 258 39.64 26.50 7.11
N GLU D 259 40.02 26.25 8.35
CA GLU D 259 41.32 25.73 8.73
C GLU D 259 41.14 24.34 9.32
N ARG D 260 42.25 23.64 9.52
CA ARG D 260 42.18 22.26 10.00
C ARG D 260 43.34 21.96 10.95
N ASN D 261 43.06 21.06 11.89
CA ASN D 261 44.01 20.61 12.90
C ASN D 261 44.11 21.62 14.05
N GLN E 1 -5.13 12.26 12.58
CA GLN E 1 -6.32 12.99 12.04
C GLN E 1 -5.97 14.45 11.78
N ILE E 2 -5.50 14.74 10.58
CA ILE E 2 -5.10 16.09 10.22
C ILE E 2 -6.33 16.99 10.22
N GLN E 3 -6.24 18.10 10.95
CA GLN E 3 -7.31 19.07 11.05
C GLN E 3 -6.78 20.45 10.72
N LEU E 4 -7.55 21.21 9.95
CA LEU E 4 -7.28 22.63 9.72
C LEU E 4 -8.60 23.37 9.94
N VAL E 5 -8.76 23.94 11.12
CA VAL E 5 -10.01 24.56 11.55
C VAL E 5 -9.87 26.07 11.40
N GLN E 6 -10.92 26.71 10.89
CA GLN E 6 -10.92 28.15 10.66
C GLN E 6 -12.02 28.79 11.49
N SER E 7 -11.75 30.00 11.98
CA SER E 7 -12.73 30.72 12.78
C SER E 7 -14.04 30.88 12.02
N GLY E 8 -15.11 31.13 12.77
CA GLY E 8 -16.43 31.25 12.21
C GLY E 8 -16.57 32.43 11.27
N PRO E 9 -17.79 32.66 10.80
CA PRO E 9 -18.01 33.76 9.85
C PRO E 9 -17.70 35.12 10.49
N GLU E 10 -17.52 36.12 9.63
CA GLU E 10 -17.19 37.46 10.07
C GLU E 10 -18.01 38.46 9.27
N LEU E 11 -18.66 39.38 9.97
CA LEU E 11 -19.40 40.48 9.34
C LEU E 11 -18.77 41.78 9.81
N LYS E 12 -18.15 42.50 8.89
CA LYS E 12 -17.51 43.78 9.17
C LYS E 12 -17.95 44.80 8.14
N LYS E 13 -18.09 46.04 8.61
CA LYS E 13 -18.39 47.14 7.71
C LYS E 13 -17.25 47.34 6.70
N PRO E 14 -17.56 47.79 5.48
CA PRO E 14 -16.50 48.03 4.51
C PRO E 14 -15.49 49.04 5.04
N GLY E 15 -14.22 48.71 4.91
CA GLY E 15 -13.15 49.60 5.32
C GLY E 15 -12.51 49.27 6.66
N GLU E 16 -12.94 48.20 7.34
CA GLU E 16 -12.36 47.82 8.62
C GLU E 16 -11.19 46.87 8.43
N THR E 17 -11.02 45.91 9.34
CA THR E 17 -9.93 44.96 9.30
C THR E 17 -10.42 43.62 9.85
N VAL E 18 -9.80 42.53 9.40
CA VAL E 18 -10.16 41.19 9.80
C VAL E 18 -8.89 40.39 10.10
N ARG E 19 -9.02 39.45 11.03
CA ARG E 19 -7.91 38.55 11.40
C ARG E 19 -8.48 37.14 11.46
N ILE E 20 -8.47 36.45 10.32
CA ILE E 20 -8.96 35.08 10.25
C ILE E 20 -7.89 34.15 10.78
N SER E 21 -8.33 33.05 11.38
CA SER E 21 -7.42 32.07 11.96
C SER E 21 -7.50 30.78 11.17
N CYS E 22 -6.50 29.93 11.41
CA CYS E 22 -6.44 28.60 10.79
C CYS E 22 -5.77 27.71 11.83
N LYS E 23 -6.55 26.82 12.43
CA LYS E 23 -6.08 26.04 13.56
C LYS E 23 -5.61 24.70 13.02
N ALA E 24 -4.31 24.44 13.16
CA ALA E 24 -3.70 23.21 12.67
C ALA E 24 -3.70 22.14 13.75
N SER E 25 -3.99 20.91 13.34
CA SER E 25 -4.04 19.80 14.27
C SER E 25 -3.87 18.50 13.49
N GLY E 26 -3.31 17.49 14.15
CA GLY E 26 -3.10 16.20 13.55
C GLY E 26 -1.82 16.04 12.77
N TYR E 27 -0.91 17.01 12.83
CA TYR E 27 0.35 16.93 12.11
C TYR E 27 1.25 18.05 12.60
N THR E 28 2.53 17.96 12.24
CA THR E 28 3.49 18.99 12.63
C THR E 28 3.26 20.25 11.80
N PHE E 29 2.93 21.36 12.47
CA PHE E 29 2.66 22.60 11.75
C PHE E 29 3.86 23.04 10.94
N THR E 30 5.05 23.03 11.54
CA THR E 30 6.27 23.22 10.78
C THR E 30 6.51 22.00 9.89
N LYS E 31 7.41 22.16 8.91
CA LYS E 31 7.72 21.17 7.89
C LYS E 31 6.67 21.18 6.77
N ASN E 32 5.64 22.02 6.87
CA ASN E 32 4.63 22.13 5.83
C ASN E 32 4.16 23.58 5.76
N GLY E 33 3.79 24.01 4.56
CA GLY E 33 3.36 25.37 4.32
C GLY E 33 1.85 25.51 4.32
N MET E 34 1.40 26.76 4.36
CA MET E 34 -0.03 27.07 4.43
C MET E 34 -0.42 27.91 3.22
N ASN E 35 -1.33 27.38 2.42
CA ASN E 35 -1.91 28.13 1.32
C ASN E 35 -3.21 28.80 1.76
N TRP E 36 -3.56 29.88 1.08
CA TRP E 36 -4.84 30.55 1.30
C TRP E 36 -5.51 30.76 -0.05
N VAL E 37 -6.78 30.38 -0.15
CA VAL E 37 -7.54 30.48 -1.40
C VAL E 37 -8.85 31.18 -1.11
N GLN E 38 -9.28 32.04 -2.02
CA GLN E 38 -10.54 32.76 -1.89
C GLN E 38 -11.52 32.20 -2.92
N GLN E 39 -12.68 31.74 -2.44
CA GLN E 39 -13.71 31.16 -3.28
C GLN E 39 -14.95 32.03 -3.24
N ALA E 40 -15.36 32.51 -4.41
CA ALA E 40 -16.62 33.23 -4.59
C ALA E 40 -17.50 32.37 -5.50
N PRO E 41 -18.67 31.91 -5.05
CA PRO E 41 -19.43 30.94 -5.85
C PRO E 41 -19.73 31.46 -7.25
N GLY E 42 -19.51 30.61 -8.24
CA GLY E 42 -19.66 30.96 -9.64
C GLY E 42 -18.42 31.60 -10.23
N LYS E 43 -17.75 32.45 -9.46
CA LYS E 43 -16.55 33.15 -9.91
C LYS E 43 -15.30 32.29 -9.81
N GLY E 44 -15.41 31.05 -9.33
CA GLY E 44 -14.28 30.14 -9.29
C GLY E 44 -13.36 30.39 -8.11
N LEU E 45 -12.11 29.95 -8.27
CA LEU E 45 -11.11 30.03 -7.22
C LEU E 45 -9.98 30.97 -7.65
N LYS E 46 -9.34 31.58 -6.65
CA LYS E 46 -8.17 32.42 -6.87
C LYS E 46 -7.16 32.14 -5.77
N TRP E 47 -5.89 32.03 -6.16
CA TRP E 47 -4.82 31.69 -5.23
C TRP E 47 -4.33 32.98 -4.58
N VAL E 48 -4.63 33.14 -3.29
CA VAL E 48 -4.17 34.31 -2.55
C VAL E 48 -2.66 34.27 -2.48
N GLY E 49 -2.12 33.33 -1.71
CA GLY E 49 -0.69 33.24 -1.56
C GLY E 49 -0.27 31.97 -0.86
N TRP E 50 0.92 32.03 -0.26
CA TRP E 50 1.58 30.89 0.33
C TRP E 50 2.60 31.38 1.33
N ILE E 51 2.73 30.67 2.45
CA ILE E 51 3.62 31.09 3.53
C ILE E 51 4.43 29.86 3.96
N ASN E 52 5.75 30.01 3.96
CA ASN E 52 6.67 28.94 4.34
C ASN E 52 6.80 28.93 5.86
N THR E 53 6.08 28.00 6.50
CA THR E 53 5.96 28.00 7.96
C THR E 53 7.29 27.77 8.67
N TYR E 54 8.36 27.45 7.95
CA TYR E 54 9.70 27.37 8.55
C TYR E 54 10.48 28.66 8.31
N THR E 55 10.62 29.09 7.06
CA THR E 55 11.34 30.33 6.80
C THR E 55 10.50 31.55 7.15
N GLY E 56 9.17 31.41 7.18
CA GLY E 56 8.30 32.51 7.52
C GLY E 56 8.15 33.56 6.43
N GLU E 57 8.74 33.35 5.25
CA GLU E 57 8.65 34.33 4.18
C GLU E 57 7.40 34.06 3.35
N PRO E 58 6.56 35.06 3.09
CA PRO E 58 5.34 34.85 2.31
C PRO E 58 5.54 35.10 0.82
N SER E 59 4.61 34.55 0.04
CA SER E 59 4.52 34.81 -1.39
C SER E 59 3.06 35.05 -1.73
N TYR E 60 2.76 36.20 -2.31
CA TYR E 60 1.40 36.59 -2.61
C TYR E 60 1.19 36.63 -4.13
N ALA E 61 -0.07 36.49 -4.53
CA ALA E 61 -0.43 36.78 -5.90
C ALA E 61 -0.37 38.29 -6.14
N ASP E 62 -0.46 38.68 -7.41
CA ASP E 62 -0.36 40.10 -7.73
C ASP E 62 -1.60 40.87 -7.29
N ASP E 63 -2.75 40.20 -7.17
CA ASP E 63 -4.00 40.85 -6.79
C ASP E 63 -4.16 41.02 -5.28
N PHE E 64 -3.14 40.70 -4.49
CA PHE E 64 -3.26 40.79 -3.04
C PHE E 64 -2.06 41.45 -2.36
N LYS E 65 -0.95 41.68 -3.05
CA LYS E 65 0.17 42.39 -2.46
C LYS E 65 -0.24 43.82 -2.13
N GLY E 66 -0.44 44.12 -0.86
CA GLY E 66 -0.82 45.45 -0.43
C GLY E 66 -1.82 45.48 0.70
N ARG E 67 -2.93 44.77 0.54
CA ARG E 67 -3.97 44.71 1.56
C ARG E 67 -4.02 43.38 2.29
N PHE E 68 -3.34 42.34 1.80
CA PHE E 68 -3.35 41.02 2.40
C PHE E 68 -1.97 40.68 2.93
N ALA E 69 -1.93 40.07 4.11
CA ALA E 69 -0.68 39.63 4.71
C ALA E 69 -0.87 38.22 5.28
N PHE E 70 0.24 37.58 5.57
CA PHE E 70 0.26 36.29 6.25
C PHE E 70 1.13 36.42 7.50
N SER E 71 0.57 36.03 8.64
CA SER E 71 1.32 35.97 9.89
C SER E 71 1.22 34.56 10.46
N LEU E 72 2.27 34.15 11.15
CA LEU E 72 2.33 32.83 11.78
C LEU E 72 2.39 32.97 13.28
N GLU E 73 1.85 31.96 13.95
CA GLU E 73 2.13 31.67 15.35
C GLU E 73 2.66 30.25 15.36
N THR E 74 3.93 30.08 15.75
CA THR E 74 4.58 28.78 15.69
C THR E 74 4.63 28.07 17.03
N SER E 75 4.81 28.80 18.13
CA SER E 75 4.76 28.20 19.46
C SER E 75 3.42 27.48 19.63
N ALA E 76 2.32 28.24 19.63
CA ALA E 76 1.04 27.67 19.25
C ALA E 76 1.01 27.54 17.73
N SER E 77 0.10 26.71 17.22
CA SER E 77 0.15 26.31 15.81
C SER E 77 -1.07 26.83 15.06
N THR E 78 -1.06 28.12 14.74
CA THR E 78 -2.13 28.73 13.96
C THR E 78 -1.54 29.67 12.93
N ALA E 79 -2.25 29.81 11.81
CA ALA E 79 -1.88 30.74 10.74
C ALA E 79 -3.02 31.74 10.54
N TYR E 80 -2.66 32.99 10.26
CA TYR E 80 -3.63 34.07 10.15
C TYR E 80 -3.59 34.70 8.77
N LEU E 81 -4.76 35.09 8.28
CA LEU E 81 -4.90 35.88 7.07
C LEU E 81 -5.59 37.20 7.43
N GLN E 82 -4.89 38.31 7.24
CA GLN E 82 -5.37 39.63 7.61
C GLN E 82 -5.72 40.43 6.35
N ILE E 83 -6.91 41.01 6.33
CA ILE E 83 -7.42 41.75 5.18
C ILE E 83 -7.78 43.15 5.63
N ASN E 84 -7.25 44.16 4.93
CA ASN E 84 -7.55 45.55 5.24
C ASN E 84 -6.96 46.51 4.21
N ASN E 85 -7.69 47.55 3.78
CA ASN E 85 -9.09 47.79 4.15
C ASN E 85 -9.97 46.92 3.27
N LEU E 86 -11.19 46.66 3.73
CA LEU E 86 -12.12 45.78 3.01
C LEU E 86 -12.95 46.61 2.05
N LYS E 87 -12.53 46.62 0.78
CA LYS E 87 -13.45 47.05 -0.26
C LYS E 87 -14.64 46.10 -0.33
N ASN E 88 -15.74 46.58 -0.89
CA ASN E 88 -16.91 45.72 -1.05
C ASN E 88 -16.63 44.60 -2.03
N GLU E 89 -15.50 44.63 -2.72
CA GLU E 89 -14.99 43.48 -3.46
C GLU E 89 -14.58 42.40 -2.46
N ASP E 90 -13.88 41.38 -2.94
CA ASP E 90 -13.38 40.28 -2.09
C ASP E 90 -14.47 39.76 -1.14
N MET E 91 -15.70 39.74 -1.63
CA MET E 91 -16.84 39.18 -0.90
C MET E 91 -16.90 37.69 -1.23
N ALA E 92 -16.27 36.87 -0.40
CA ALA E 92 -16.07 35.48 -0.78
C ALA E 92 -15.62 34.66 0.42
N ALA E 93 -15.74 33.34 0.28
CA ALA E 93 -15.21 32.42 1.27
C ALA E 93 -13.68 32.35 1.16
N TYR E 94 -13.03 32.02 2.28
CA TYR E 94 -11.58 31.93 2.34
C TYR E 94 -11.18 30.61 2.98
N PHE E 95 -10.34 29.85 2.28
CA PHE E 95 -9.87 28.55 2.75
C PHE E 95 -8.36 28.61 3.01
N CYS E 96 -7.94 27.97 4.10
CA CYS E 96 -6.53 27.74 4.38
C CYS E 96 -6.22 26.28 4.13
N ALA E 97 -5.23 26.01 3.28
CA ALA E 97 -4.88 24.67 2.85
C ALA E 97 -3.39 24.45 3.02
N ARG E 98 -2.98 23.18 3.02
CA ARG E 98 -1.64 22.79 3.39
C ARG E 98 -0.81 22.41 2.17
N MET E 99 0.46 22.79 2.18
CA MET E 99 1.41 22.38 1.16
C MET E 99 1.87 20.96 1.44
N VAL E 100 1.88 20.12 0.41
CA VAL E 100 2.34 18.74 0.59
C VAL E 100 3.24 18.34 -0.58
N ARG E 101 2.73 18.45 -1.80
CA ARG E 101 3.45 17.98 -2.99
C ARG E 101 3.27 18.99 -4.11
N ASP E 102 3.51 20.27 -3.79
CA ASP E 102 3.21 21.38 -4.68
C ASP E 102 1.73 21.46 -5.03
N ALA E 103 0.89 20.84 -4.19
CA ALA E 103 -0.55 20.96 -4.30
C ALA E 103 -1.14 21.31 -2.94
N MET E 104 -2.46 21.18 -2.80
CA MET E 104 -3.12 21.35 -1.51
C MET E 104 -3.94 20.11 -1.22
N ASP E 105 -3.83 19.59 0.00
CA ASP E 105 -4.43 18.31 0.35
C ASP E 105 -5.55 18.49 1.38
N PHE E 106 -5.24 18.92 2.60
CA PHE E 106 -6.23 19.05 3.66
C PHE E 106 -6.68 20.50 3.70
N TRP E 107 -7.75 20.79 2.97
CA TRP E 107 -8.33 22.12 3.00
C TRP E 107 -9.04 22.36 4.32
N GLY E 108 -9.36 23.62 4.58
CA GLY E 108 -9.82 24.04 5.89
C GLY E 108 -11.34 24.12 6.01
N GLN E 109 -11.76 24.36 7.25
CA GLN E 109 -13.17 24.55 7.59
C GLN E 109 -13.87 25.45 6.59
N GLY E 110 -13.47 26.72 6.55
CA GLY E 110 -14.12 27.72 5.72
C GLY E 110 -14.51 28.93 6.52
N THR E 111 -14.21 30.12 6.00
CA THR E 111 -14.49 31.38 6.69
C THR E 111 -15.22 32.30 5.71
N SER E 112 -16.55 32.25 5.76
CA SER E 112 -17.36 33.15 4.93
C SER E 112 -17.29 34.56 5.50
N VAL E 113 -16.73 35.48 4.72
CA VAL E 113 -16.61 36.88 5.11
C VAL E 113 -17.67 37.69 4.38
N THR E 114 -18.32 38.59 5.12
CA THR E 114 -19.33 39.47 4.56
C THR E 114 -18.96 40.91 4.88
N VAL E 115 -19.18 41.80 3.92
CA VAL E 115 -18.74 43.20 4.00
C VAL E 115 -19.96 44.06 3.69
N SER E 116 -20.70 44.45 4.73
CA SER E 116 -21.86 45.32 4.57
C SER E 116 -22.10 46.07 5.87
N SER E 117 -22.53 47.33 5.74
CA SER E 117 -22.83 48.16 6.90
C SER E 117 -24.14 47.80 7.57
N ALA E 118 -24.84 46.76 7.11
CA ALA E 118 -26.12 46.39 7.69
C ALA E 118 -25.95 45.94 9.14
N LYS E 119 -27.08 45.67 9.80
CA LYS E 119 -27.11 45.33 11.21
C LYS E 119 -27.47 43.86 11.40
N THR E 120 -26.95 43.28 12.47
CA THR E 120 -27.28 41.90 12.80
C THR E 120 -28.77 41.78 13.13
N THR E 121 -29.43 40.84 12.48
CA THR E 121 -30.89 40.66 12.62
C THR E 121 -31.19 39.20 12.92
N PRO E 122 -31.69 38.86 14.11
CA PRO E 122 -32.10 37.49 14.37
C PRO E 122 -33.30 37.12 13.49
N PRO E 123 -33.47 35.84 13.17
CA PRO E 123 -34.55 35.44 12.26
C PRO E 123 -35.89 35.33 12.97
N SER E 124 -36.94 35.20 12.17
CA SER E 124 -38.29 34.90 12.64
C SER E 124 -38.69 33.55 12.06
N VAL E 125 -38.90 32.58 12.95
CA VAL E 125 -39.17 31.20 12.54
C VAL E 125 -40.68 31.05 12.33
N TYR E 126 -41.05 30.43 11.21
CA TYR E 126 -42.45 30.20 10.86
C TYR E 126 -42.65 28.72 10.59
N PRO E 127 -43.52 28.02 11.32
CA PRO E 127 -43.78 26.62 10.98
C PRO E 127 -44.66 26.48 9.75
N LEU E 128 -44.36 25.47 8.94
CA LEU E 128 -45.09 25.20 7.70
C LEU E 128 -45.73 23.82 7.81
N ALA E 129 -47.03 23.79 8.07
CA ALA E 129 -47.77 22.55 8.18
C ALA E 129 -48.71 22.37 6.98
N PRO E 130 -48.99 21.13 6.58
CA PRO E 130 -49.91 20.93 5.44
C PRO E 130 -51.31 21.39 5.74
N GLY E 131 -52.02 20.68 6.62
CA GLY E 131 -53.35 21.06 7.03
C GLY E 131 -54.47 20.54 6.15
N SER E 132 -54.16 19.74 5.13
CA SER E 132 -55.17 19.19 4.25
C SER E 132 -54.59 18.02 3.50
N ALA E 133 -55.43 17.01 3.25
CA ALA E 133 -55.01 15.81 2.54
C ALA E 133 -56.24 15.09 2.04
N ALA E 134 -56.02 13.95 1.37
CA ALA E 134 -57.11 13.12 0.87
C ALA E 134 -56.77 11.64 1.01
N GLN E 135 -55.95 11.28 2.00
CA GLN E 135 -55.48 9.91 2.17
C GLN E 135 -54.81 9.41 0.90
N THR E 136 -54.10 10.31 0.22
CA THR E 136 -53.50 10.03 -1.07
C THR E 136 -52.00 9.81 -0.99
N ASN E 137 -51.41 9.86 0.20
CA ASN E 137 -49.96 9.72 0.32
C ASN E 137 -49.62 9.13 1.68
N SER E 138 -48.81 8.08 1.68
CA SER E 138 -48.27 7.53 2.92
C SER E 138 -47.14 8.38 3.49
N MET E 139 -46.66 9.36 2.73
CA MET E 139 -45.63 10.28 3.18
C MET E 139 -46.15 11.71 3.06
N VAL E 140 -45.98 12.48 4.13
CA VAL E 140 -46.36 13.89 4.14
C VAL E 140 -45.08 14.71 4.19
N THR E 141 -45.21 16.01 3.90
CA THR E 141 -44.06 16.91 3.83
C THR E 141 -44.31 18.11 4.74
N LEU E 142 -43.42 18.32 5.71
CA LEU E 142 -43.47 19.48 6.58
C LEU E 142 -42.56 20.58 6.03
N GLY E 143 -42.39 21.65 6.80
CA GLY E 143 -41.51 22.73 6.40
C GLY E 143 -41.21 23.68 7.55
N CYS E 144 -40.01 24.25 7.54
CA CYS E 144 -39.61 25.26 8.50
C CYS E 144 -39.06 26.45 7.71
N LEU E 145 -39.66 27.62 7.92
CA LEU E 145 -39.31 28.82 7.17
C LEU E 145 -38.52 29.77 8.06
N VAL E 146 -37.37 30.21 7.56
CA VAL E 146 -36.55 31.23 8.22
C VAL E 146 -36.49 32.44 7.30
N LYS E 147 -36.96 33.58 7.78
CA LYS E 147 -37.10 34.78 6.96
C LYS E 147 -36.53 35.99 7.68
N GLY E 148 -35.86 36.84 6.92
CA GLY E 148 -35.43 38.13 7.42
C GLY E 148 -34.36 38.07 8.49
N TYR E 149 -33.20 37.51 8.15
CA TYR E 149 -32.07 37.45 9.07
C TYR E 149 -30.83 38.00 8.38
N PHE E 150 -29.82 38.31 9.21
CA PHE E 150 -28.57 38.84 8.68
C PHE E 150 -27.46 38.76 9.74
N PRO E 151 -26.26 38.29 9.36
CA PRO E 151 -25.85 37.72 8.07
C PRO E 151 -25.91 36.20 8.07
N GLU E 152 -25.42 35.57 6.99
CA GLU E 152 -25.29 34.12 6.94
C GLU E 152 -24.30 33.66 8.00
N PRO E 153 -24.36 32.37 8.38
CA PRO E 153 -25.29 31.32 7.98
C PRO E 153 -26.25 30.94 9.10
N VAL E 154 -27.14 29.98 8.83
CA VAL E 154 -28.04 29.43 9.84
C VAL E 154 -27.93 27.92 9.79
N THR E 155 -28.14 27.28 10.95
CA THR E 155 -28.09 25.83 11.08
C THR E 155 -29.48 25.33 11.41
N VAL E 156 -30.05 24.53 10.51
CA VAL E 156 -31.41 24.02 10.66
C VAL E 156 -31.32 22.50 10.79
N THR E 157 -31.86 21.96 11.88
CA THR E 157 -31.91 20.53 12.11
C THR E 157 -33.34 20.14 12.52
N TRP E 158 -33.59 18.83 12.57
CA TRP E 158 -34.89 18.29 12.93
C TRP E 158 -34.74 17.42 14.16
N ASN E 159 -35.44 17.77 15.24
CA ASN E 159 -35.39 17.03 16.49
C ASN E 159 -33.95 16.86 16.97
N SER E 160 -33.17 17.94 16.89
CA SER E 160 -31.79 17.97 17.36
C SER E 160 -30.88 17.01 16.60
N GLY E 161 -31.31 16.57 15.41
CA GLY E 161 -30.49 15.71 14.57
C GLY E 161 -31.01 14.30 14.41
N SER E 162 -32.09 13.92 15.09
CA SER E 162 -32.59 12.55 14.98
C SER E 162 -33.25 12.30 13.64
N LEU E 163 -33.78 13.34 13.01
CA LEU E 163 -34.43 13.23 11.70
C LEU E 163 -33.44 13.74 10.65
N SER E 164 -32.77 12.81 9.97
CA SER E 164 -31.80 13.15 8.92
C SER E 164 -32.22 12.68 7.54
N SER E 165 -32.98 11.60 7.45
CA SER E 165 -33.44 11.09 6.16
C SER E 165 -34.60 11.93 5.65
N GLY E 166 -34.63 12.16 4.34
CA GLY E 166 -35.68 12.94 3.73
C GLY E 166 -35.67 14.40 4.12
N VAL E 167 -34.50 14.95 4.44
CA VAL E 167 -34.35 16.34 4.85
C VAL E 167 -33.72 17.12 3.70
N HIS E 168 -34.30 18.28 3.38
CA HIS E 168 -33.78 19.17 2.35
C HIS E 168 -33.68 20.58 2.90
N THR E 169 -32.54 21.22 2.69
CA THR E 169 -32.31 22.60 3.11
C THR E 169 -31.91 23.41 1.88
N PHE E 170 -32.75 24.40 1.52
CA PHE E 170 -32.50 25.21 0.34
C PHE E 170 -31.59 26.39 0.69
N PRO E 171 -30.59 26.71 -0.13
CA PRO E 171 -29.71 27.84 0.19
C PRO E 171 -30.50 29.14 0.23
N ALA E 172 -30.01 30.08 1.04
CA ALA E 172 -30.72 31.33 1.26
C ALA E 172 -30.68 32.21 0.01
N VAL E 173 -31.66 33.11 -0.07
CA VAL E 173 -31.76 34.09 -1.15
C VAL E 173 -31.84 35.47 -0.51
N LEU E 174 -30.90 36.34 -0.88
CA LEU E 174 -30.82 37.68 -0.30
C LEU E 174 -31.83 38.61 -0.96
N GLN E 175 -32.56 39.35 -0.15
CA GLN E 175 -33.47 40.38 -0.64
C GLN E 175 -33.62 41.46 0.42
N SER E 176 -33.39 42.71 0.03
CA SER E 176 -33.49 43.85 0.94
C SER E 176 -32.56 43.67 2.14
N ASP E 177 -31.31 43.30 1.86
CA ASP E 177 -30.29 43.13 2.87
C ASP E 177 -30.67 42.07 3.91
N LEU E 178 -31.60 41.19 3.59
CA LEU E 178 -32.02 40.13 4.48
C LEU E 178 -32.17 38.83 3.69
N TYR E 179 -31.77 37.72 4.30
CA TYR E 179 -31.81 36.42 3.66
C TYR E 179 -33.10 35.69 4.00
N THR E 180 -33.57 34.87 3.06
CA THR E 180 -34.74 34.03 3.26
C THR E 180 -34.43 32.65 2.71
N LEU E 181 -34.63 31.62 3.55
CA LEU E 181 -34.45 30.24 3.11
C LEU E 181 -35.47 29.38 3.84
N SER E 182 -35.78 28.24 3.23
CA SER E 182 -36.78 27.32 3.76
C SER E 182 -36.20 25.91 3.78
N SER E 183 -36.74 25.08 4.68
CA SER E 183 -36.30 23.70 4.83
C SER E 183 -37.52 22.78 4.84
N SER E 184 -37.28 21.51 4.52
CA SER E 184 -38.35 20.53 4.47
C SER E 184 -37.87 19.21 5.05
N VAL E 185 -38.82 18.39 5.50
CA VAL E 185 -38.56 17.05 6.00
C VAL E 185 -39.70 16.15 5.57
N THR E 186 -39.39 14.89 5.27
CA THR E 186 -40.37 13.93 4.78
C THR E 186 -40.32 12.69 5.66
N VAL E 187 -41.34 12.51 6.48
CA VAL E 187 -41.51 11.32 7.32
C VAL E 187 -42.89 10.74 7.00
N PRO E 188 -43.21 9.53 7.45
CA PRO E 188 -44.53 8.96 7.17
C PRO E 188 -45.67 9.76 7.78
N SER E 189 -46.89 9.28 7.59
CA SER E 189 -48.09 9.95 8.12
C SER E 189 -48.55 9.38 9.45
N SER E 190 -47.92 8.32 9.95
CA SER E 190 -48.30 7.71 11.21
C SER E 190 -47.61 8.39 12.40
N PRO E 191 -46.32 8.76 12.31
CA PRO E 191 -45.68 9.40 13.47
C PRO E 191 -45.99 10.87 13.62
N ARG E 192 -46.39 11.56 12.53
CA ARG E 192 -46.52 13.02 12.61
C ARG E 192 -47.67 13.44 13.51
N PRO E 193 -48.90 12.98 13.32
CA PRO E 193 -50.01 13.44 14.18
C PRO E 193 -49.85 13.02 15.63
N SER E 194 -48.90 12.16 15.96
CA SER E 194 -48.72 11.66 17.33
C SER E 194 -47.38 12.08 17.92
N GLU E 195 -46.29 11.93 17.17
CA GLU E 195 -44.96 12.22 17.69
C GLU E 195 -44.58 13.67 17.38
N THR E 196 -43.89 14.30 18.33
CA THR E 196 -43.54 15.71 18.21
C THR E 196 -42.40 15.89 17.23
N VAL E 197 -42.61 16.76 16.24
CA VAL E 197 -41.58 17.15 15.28
C VAL E 197 -41.26 18.62 15.51
N THR E 198 -40.00 18.90 15.85
CA THR E 198 -39.57 20.25 16.19
C THR E 198 -38.49 20.71 15.22
N CYS E 199 -38.63 21.95 14.76
CA CYS E 199 -37.61 22.59 13.94
C CYS E 199 -36.63 23.33 14.83
N ASN E 200 -35.34 23.12 14.59
CA ASN E 200 -34.28 23.71 15.40
C ASN E 200 -33.44 24.61 14.52
N VAL E 201 -33.37 25.90 14.86
CA VAL E 201 -32.62 26.88 14.09
C VAL E 201 -31.62 27.55 15.01
N ALA E 202 -30.42 27.83 14.48
CA ALA E 202 -29.36 28.47 15.25
C ALA E 202 -28.70 29.54 14.38
N HIS E 203 -28.76 30.79 14.83
CA HIS E 203 -28.13 31.91 14.14
C HIS E 203 -26.89 32.31 14.93
N PRO E 204 -25.70 31.79 14.59
CA PRO E 204 -24.52 32.03 15.42
C PRO E 204 -24.08 33.49 15.47
N ALA E 205 -24.57 34.34 14.57
CA ALA E 205 -24.14 35.74 14.57
C ALA E 205 -24.80 36.53 15.69
N SER E 206 -26.08 36.29 15.95
CA SER E 206 -26.81 36.97 17.02
C SER E 206 -26.88 36.15 18.29
N SER E 207 -26.30 34.94 18.31
CA SER E 207 -26.31 34.09 19.50
C SER E 207 -27.74 33.77 19.93
N THR E 208 -28.62 33.57 18.95
CA THR E 208 -30.02 33.28 19.20
C THR E 208 -30.37 31.90 18.70
N LYS E 209 -31.13 31.15 19.50
CA LYS E 209 -31.62 29.82 19.14
C LYS E 209 -33.11 29.77 19.36
N VAL E 210 -33.85 29.28 18.36
CA VAL E 210 -35.30 29.19 18.41
C VAL E 210 -35.72 27.80 17.95
N ASP E 211 -36.58 27.16 18.72
CA ASP E 211 -37.14 25.86 18.37
C ASP E 211 -38.63 26.01 18.14
N LYS E 212 -39.11 25.50 17.01
CA LYS E 212 -40.51 25.64 16.62
C LYS E 212 -41.11 24.26 16.40
N LYS E 213 -42.14 23.94 17.18
CA LYS E 213 -42.87 22.69 17.00
C LYS E 213 -43.87 22.83 15.87
N ILE E 214 -43.99 21.79 15.06
CA ILE E 214 -44.90 21.78 13.92
C ILE E 214 -46.22 21.20 14.40
N VAL E 215 -47.26 22.03 14.41
CA VAL E 215 -48.59 21.65 14.89
C VAL E 215 -49.51 21.54 13.67
N PRO E 216 -50.31 20.47 13.55
CA PRO E 216 -51.21 20.37 12.40
C PRO E 216 -52.22 21.52 12.38
N ARG E 217 -52.82 21.72 11.21
CA ARG E 217 -53.78 22.80 11.02
C ARG E 217 -55.20 22.26 11.08
N ASP F 1 0.45 35.85 -15.48
CA ASP F 1 -0.04 34.55 -14.94
C ASP F 1 0.06 33.43 -15.97
N ILE F 2 -0.21 32.21 -15.53
CA ILE F 2 -0.31 31.06 -16.43
C ILE F 2 -1.77 30.63 -16.44
N VAL F 3 -2.57 31.28 -17.29
CA VAL F 3 -4.01 31.04 -17.31
C VAL F 3 -4.29 29.63 -17.82
N LEU F 4 -5.15 28.91 -17.11
CA LEU F 4 -5.63 27.61 -17.55
C LEU F 4 -6.96 27.84 -18.28
N THR F 5 -7.72 26.79 -18.54
CA THR F 5 -8.98 26.95 -19.25
C THR F 5 -9.94 25.83 -18.88
N GLN F 6 -11.11 25.86 -19.51
CA GLN F 6 -12.25 25.05 -19.12
C GLN F 6 -12.78 24.31 -20.34
N SER F 7 -12.92 23.00 -20.24
CA SER F 7 -13.46 22.20 -21.34
C SER F 7 -14.09 20.90 -20.87
N PRO F 8 -15.43 20.83 -20.81
CA PRO F 8 -16.44 21.86 -21.04
C PRO F 8 -16.98 22.44 -19.74
N ALA F 9 -17.72 23.55 -19.84
CA ALA F 9 -18.32 24.17 -18.66
C ALA F 9 -19.03 23.13 -17.80
N SER F 10 -20.01 22.44 -18.40
CA SER F 10 -20.70 21.35 -17.74
C SER F 10 -20.98 20.26 -18.77
N LEU F 11 -21.04 19.01 -18.29
CA LEU F 11 -21.39 17.89 -19.15
C LEU F 11 -22.22 16.90 -18.35
N ALA F 12 -23.34 16.47 -18.92
CA ALA F 12 -24.23 15.50 -18.29
C ALA F 12 -23.85 14.11 -18.77
N VAL F 13 -23.29 13.31 -17.86
CA VAL F 13 -22.83 11.95 -18.17
C VAL F 13 -23.72 10.97 -17.42
N SER F 14 -24.20 9.96 -18.14
CA SER F 14 -25.04 8.93 -17.53
C SER F 14 -24.21 8.08 -16.58
N LEU F 15 -24.91 7.39 -15.68
CA LEU F 15 -24.24 6.54 -14.70
C LEU F 15 -23.56 5.36 -15.37
N GLY F 16 -22.34 5.06 -14.93
CA GLY F 16 -21.58 3.97 -15.47
C GLY F 16 -20.77 4.30 -16.70
N GLN F 17 -20.82 5.53 -17.17
CA GLN F 17 -20.13 5.94 -18.39
C GLN F 17 -18.79 6.58 -18.04
N ARG F 18 -18.17 7.21 -19.04
CA ARG F 18 -16.85 7.82 -18.90
C ARG F 18 -16.98 9.33 -19.08
N ALA F 19 -16.70 10.08 -18.02
CA ALA F 19 -16.71 11.53 -18.05
C ALA F 19 -15.27 12.03 -18.15
N THR F 20 -14.98 12.73 -19.24
CA THR F 20 -13.63 13.23 -19.50
C THR F 20 -13.65 14.75 -19.41
N ILE F 21 -12.83 15.29 -18.51
CA ILE F 21 -12.60 16.73 -18.41
C ILE F 21 -11.14 16.99 -18.76
N SER F 22 -10.90 17.99 -19.60
CA SER F 22 -9.57 18.33 -20.05
C SER F 22 -9.36 19.83 -19.95
N CYS F 23 -8.19 20.23 -19.48
CA CYS F 23 -7.90 21.65 -19.33
C CYS F 23 -6.50 21.93 -19.85
N LYS F 24 -6.37 23.08 -20.51
CA LYS F 24 -5.18 23.43 -21.28
C LYS F 24 -4.59 24.73 -20.75
N ALA F 25 -3.30 24.70 -20.40
CA ALA F 25 -2.62 25.87 -19.86
C ALA F 25 -1.97 26.68 -20.97
N SER F 26 -1.96 28.00 -20.79
CA SER F 26 -1.33 28.88 -21.77
C SER F 26 0.16 28.63 -21.87
N GLN F 27 0.83 28.49 -20.73
CA GLN F 27 2.25 28.17 -20.68
C GLN F 27 2.44 26.69 -20.33
N SER F 28 3.66 26.21 -20.55
CA SER F 28 4.01 24.84 -20.20
C SER F 28 4.20 24.74 -18.69
N VAL F 29 3.36 23.94 -18.04
CA VAL F 29 3.42 23.77 -16.59
C VAL F 29 4.25 22.54 -16.26
N ASP F 30 5.29 22.29 -17.06
CA ASP F 30 6.21 21.19 -16.85
C ASP F 30 7.59 21.71 -16.52
N PHE F 31 8.41 20.84 -15.94
CA PHE F 31 9.80 21.17 -15.66
C PHE F 31 10.55 19.93 -15.18
N ASP F 32 11.72 19.67 -15.77
CA ASP F 32 12.55 18.53 -15.35
C ASP F 32 11.79 17.22 -15.49
N GLY F 33 10.91 17.13 -16.49
CA GLY F 33 10.11 15.95 -16.68
C GLY F 33 8.97 15.77 -15.70
N TYR F 34 8.73 16.76 -14.84
CA TYR F 34 7.67 16.70 -13.85
C TYR F 34 6.62 17.75 -14.18
N ASN F 35 5.36 17.33 -14.21
CA ASN F 35 4.24 18.22 -14.50
C ASN F 35 3.58 18.61 -13.18
N TYR F 36 3.53 19.90 -12.90
CA TYR F 36 2.94 20.42 -11.66
C TYR F 36 1.45 20.69 -11.81
N LEU F 37 0.69 19.69 -12.25
CA LEU F 37 -0.73 19.84 -12.50
C LEU F 37 -1.51 19.04 -11.45
N ASN F 38 -2.55 19.67 -10.89
CA ASN F 38 -3.33 19.08 -9.82
C ASN F 38 -4.81 19.17 -10.15
N TRP F 39 -5.59 18.26 -9.57
CA TRP F 39 -7.03 18.21 -9.78
C TRP F 39 -7.73 18.19 -8.44
N TYR F 40 -8.85 18.91 -8.35
CA TYR F 40 -9.60 19.04 -7.11
C TYR F 40 -11.08 18.80 -7.35
N GLN F 41 -11.76 18.32 -6.31
CA GLN F 41 -13.20 18.12 -6.29
C GLN F 41 -13.79 19.01 -5.21
N GLN F 42 -14.86 19.73 -5.54
CA GLN F 42 -15.53 20.61 -4.58
C GLN F 42 -17.03 20.38 -4.66
N LYS F 43 -17.57 19.63 -3.72
CA LYS F 43 -19.00 19.56 -3.55
C LYS F 43 -19.51 20.85 -2.90
N PRO F 44 -20.73 21.28 -3.21
CA PRO F 44 -21.20 22.57 -2.70
C PRO F 44 -21.17 22.61 -1.18
N GLY F 45 -20.82 23.79 -0.65
CA GLY F 45 -20.73 23.96 0.79
C GLY F 45 -19.59 23.21 1.44
N GLN F 46 -18.64 22.73 0.66
CA GLN F 46 -17.48 22.00 1.18
C GLN F 46 -16.22 22.53 0.53
N PRO F 47 -15.07 22.44 1.24
CA PRO F 47 -13.83 22.91 0.65
C PRO F 47 -13.38 21.97 -0.46
N PRO F 48 -12.61 22.47 -1.43
CA PRO F 48 -12.10 21.58 -2.48
C PRO F 48 -11.32 20.41 -1.88
N LYS F 49 -11.50 19.24 -2.49
CA LYS F 49 -10.86 18.01 -2.05
C LYS F 49 -9.82 17.59 -3.09
N LEU F 50 -8.60 17.33 -2.64
CA LEU F 50 -7.54 16.90 -3.54
C LEU F 50 -7.86 15.52 -4.09
N LEU F 51 -7.70 15.35 -5.40
CA LEU F 51 -7.88 14.07 -6.06
C LEU F 51 -6.56 13.51 -6.60
N ILE F 52 -5.92 14.25 -7.51
CA ILE F 52 -4.75 13.79 -8.24
C ILE F 52 -3.71 14.89 -8.24
N TYR F 53 -2.44 14.50 -8.33
CA TYR F 53 -1.35 15.47 -8.41
C TYR F 53 -0.28 14.98 -9.37
N ALA F 54 0.18 15.89 -10.22
CA ALA F 54 1.47 15.81 -10.89
C ALA F 54 1.70 14.83 -12.06
N ALA F 55 0.75 14.58 -12.98
CA ALA F 55 -0.66 14.90 -12.92
C ALA F 55 -1.35 13.54 -12.95
N SER F 56 -0.58 12.52 -12.59
CA SER F 56 -1.00 11.13 -12.70
C SER F 56 -1.12 10.44 -11.35
N ASN F 57 -0.56 11.01 -10.29
CA ASN F 57 -0.53 10.36 -8.99
C ASN F 57 -1.87 10.52 -8.28
N LEU F 58 -2.49 9.40 -7.90
CA LEU F 58 -3.75 9.44 -7.18
C LEU F 58 -3.48 9.67 -5.70
N GLU F 59 -4.25 10.56 -5.09
CA GLU F 59 -4.12 10.79 -3.65
C GLU F 59 -4.61 9.59 -2.86
N SER F 60 -3.88 9.27 -1.79
CA SER F 60 -4.25 8.12 -0.97
C SER F 60 -5.65 8.29 -0.41
N GLY F 61 -6.50 7.30 -0.63
CA GLY F 61 -7.88 7.34 -0.18
C GLY F 61 -8.88 7.74 -1.25
N ILE F 62 -8.41 8.16 -2.42
CA ILE F 62 -9.29 8.55 -3.52
C ILE F 62 -9.62 7.29 -4.32
N PRO F 63 -10.87 7.11 -4.75
CA PRO F 63 -11.21 5.90 -5.52
C PRO F 63 -10.36 5.78 -6.78
N ALA F 64 -10.24 4.54 -7.26
CA ALA F 64 -9.41 4.27 -8.43
C ALA F 64 -10.06 4.73 -9.73
N ARG F 65 -11.39 4.92 -9.74
CA ARG F 65 -12.06 5.36 -10.95
C ARG F 65 -11.58 6.73 -11.42
N PHE F 66 -10.97 7.51 -10.53
CA PHE F 66 -10.35 8.77 -10.92
C PHE F 66 -8.95 8.52 -11.49
N SER F 67 -8.64 9.21 -12.59
CA SER F 67 -7.33 9.06 -13.22
C SER F 67 -7.04 10.31 -14.03
N GLY F 68 -5.83 10.83 -13.89
CA GLY F 68 -5.41 12.04 -14.60
C GLY F 68 -4.21 11.75 -15.48
N SER F 69 -4.19 12.37 -16.66
CA SER F 69 -3.14 12.15 -17.63
C SER F 69 -2.84 13.46 -18.33
N GLY F 70 -1.66 13.52 -18.95
CA GLY F 70 -1.26 14.69 -19.71
C GLY F 70 0.19 15.05 -19.54
N SER F 71 0.67 16.00 -20.35
CA SER F 71 2.04 16.46 -20.28
C SER F 71 2.15 17.72 -21.13
N GLY F 72 2.93 18.69 -20.65
CA GLY F 72 3.08 19.94 -21.37
C GLY F 72 1.97 20.92 -21.06
N THR F 73 1.01 21.05 -21.97
CA THR F 73 -0.09 21.99 -21.79
C THR F 73 -1.46 21.35 -22.01
N ASP F 74 -1.54 20.04 -22.25
CA ASP F 74 -2.79 19.35 -22.49
C ASP F 74 -2.96 18.26 -21.44
N PHE F 75 -3.90 18.44 -20.53
CA PHE F 75 -4.15 17.49 -19.45
C PHE F 75 -5.62 17.07 -19.47
N THR F 76 -5.87 15.91 -18.86
CA THR F 76 -7.20 15.31 -18.88
C THR F 76 -7.49 14.69 -17.52
N LEU F 77 -8.78 14.70 -17.16
CA LEU F 77 -9.28 14.03 -15.96
C LEU F 77 -10.30 12.99 -16.38
N ASN F 78 -10.07 11.74 -15.98
CA ASN F 78 -10.90 10.62 -16.42
C ASN F 78 -11.57 9.97 -15.21
N ILE F 79 -12.88 9.83 -15.28
CA ILE F 79 -13.68 9.18 -14.24
C ILE F 79 -14.30 7.95 -14.87
N HIS F 80 -13.88 6.77 -14.40
CA HIS F 80 -14.32 5.52 -15.02
C HIS F 80 -14.57 4.41 -13.99
N PRO F 81 -15.83 4.05 -13.74
CA PRO F 81 -17.08 4.64 -14.25
C PRO F 81 -17.54 5.81 -13.39
N VAL F 82 -18.69 6.39 -13.71
CA VAL F 82 -19.21 7.55 -12.99
C VAL F 82 -20.27 7.07 -12.00
N GLU F 83 -20.18 7.56 -10.76
CA GLU F 83 -21.13 7.24 -9.72
C GLU F 83 -22.10 8.41 -9.54
N GLU F 84 -22.89 8.36 -8.47
CA GLU F 84 -23.81 9.45 -8.14
C GLU F 84 -23.20 10.44 -7.15
N GLU F 85 -22.31 9.97 -6.27
CA GLU F 85 -21.60 10.87 -5.37
C GLU F 85 -20.62 11.78 -6.10
N ASP F 86 -20.31 11.49 -7.36
CA ASP F 86 -19.39 12.29 -8.14
C ASP F 86 -19.99 13.59 -8.65
N ALA F 87 -21.22 13.91 -8.24
CA ALA F 87 -21.87 15.16 -8.64
C ALA F 87 -21.24 16.30 -7.85
N ALA F 88 -20.36 17.06 -8.49
CA ALA F 88 -19.65 18.15 -7.82
C ALA F 88 -19.07 19.06 -8.90
N THR F 89 -18.09 19.87 -8.52
CA THR F 89 -17.38 20.75 -9.44
C THR F 89 -15.89 20.45 -9.36
N TYR F 90 -15.25 20.36 -10.52
CA TYR F 90 -13.85 19.96 -10.62
C TYR F 90 -13.01 21.10 -11.19
N PHE F 91 -11.87 21.36 -10.57
CA PHE F 91 -10.95 22.40 -10.99
C PHE F 91 -9.59 21.79 -11.28
N CYS F 92 -8.84 22.43 -12.19
CA CYS F 92 -7.47 22.06 -12.48
C CYS F 92 -6.58 23.24 -12.13
N GLN F 93 -5.47 22.96 -11.44
CA GLN F 93 -4.60 24.00 -10.91
C GLN F 93 -3.15 23.64 -11.14
N GLN F 94 -2.33 24.64 -11.42
CA GLN F 94 -0.91 24.47 -11.72
C GLN F 94 -0.07 24.97 -10.55
N SER F 95 1.21 24.61 -10.58
CA SER F 95 2.17 25.06 -9.57
C SER F 95 3.54 25.32 -10.18
N ASN F 96 3.63 25.47 -11.50
CA ASN F 96 4.93 25.63 -12.14
C ASN F 96 5.54 27.00 -11.84
N GLU F 97 4.74 28.05 -11.90
CA GLU F 97 5.23 29.41 -11.72
C GLU F 97 4.27 30.20 -10.87
N ASP F 98 4.80 31.20 -10.17
CA ASP F 98 3.98 32.11 -9.39
C ASP F 98 3.32 33.16 -10.29
N PRO F 99 2.06 33.51 -10.01
CA PRO F 99 1.22 32.95 -8.96
C PRO F 99 0.57 31.65 -9.39
N TYR F 100 0.21 30.79 -8.44
CA TYR F 100 -0.58 29.62 -8.77
C TYR F 100 -1.91 30.06 -9.34
N THR F 101 -2.41 29.30 -10.31
CA THR F 101 -3.65 29.65 -11.01
C THR F 101 -4.56 28.43 -11.07
N PHE F 102 -5.85 28.68 -10.89
CA PHE F 102 -6.87 27.64 -10.98
C PHE F 102 -7.54 27.69 -12.34
N GLY F 103 -8.14 26.57 -12.72
CA GLY F 103 -8.86 26.48 -13.96
C GLY F 103 -10.24 27.12 -13.86
N GLY F 104 -10.97 27.08 -14.98
CA GLY F 104 -12.32 27.60 -15.00
C GLY F 104 -13.29 26.77 -14.17
N GLY F 105 -12.98 25.50 -13.94
CA GLY F 105 -13.82 24.64 -13.15
C GLY F 105 -14.88 23.96 -13.98
N THR F 106 -15.09 22.66 -13.76
CA THR F 106 -16.06 21.87 -14.52
C THR F 106 -17.07 21.27 -13.55
N LYS F 107 -18.35 21.56 -13.77
CA LYS F 107 -19.42 21.05 -12.93
C LYS F 107 -20.05 19.83 -13.62
N LEU F 108 -19.94 18.68 -12.97
CA LEU F 108 -20.44 17.43 -13.52
C LEU F 108 -21.89 17.22 -13.11
N GLU F 109 -22.68 16.70 -14.05
CA GLU F 109 -24.10 16.43 -13.83
C GLU F 109 -24.38 14.97 -14.12
N ILE F 110 -25.13 14.31 -13.23
CA ILE F 110 -25.53 12.92 -13.39
C ILE F 110 -26.93 12.88 -13.98
N LYS F 111 -27.18 11.88 -14.83
CA LYS F 111 -28.44 11.75 -15.55
C LYS F 111 -29.05 10.39 -15.22
N ARG F 112 -30.28 10.41 -14.72
CA ARG F 112 -31.02 9.19 -14.42
C ARG F 112 -32.44 9.57 -14.02
N ALA F 113 -33.33 8.58 -14.07
CA ALA F 113 -34.70 8.71 -13.58
C ALA F 113 -35.56 9.59 -14.49
N ASP F 114 -35.12 10.81 -14.75
CA ASP F 114 -35.91 11.76 -15.52
C ASP F 114 -37.27 11.99 -14.87
N ALA F 115 -37.26 12.12 -13.55
CA ALA F 115 -38.47 12.08 -12.74
C ALA F 115 -39.14 13.45 -12.70
N ALA F 116 -40.36 13.47 -12.14
CA ALA F 116 -41.17 14.67 -11.96
C ALA F 116 -41.08 15.16 -10.52
N PRO F 117 -41.34 16.45 -10.29
CA PRO F 117 -41.18 16.99 -8.94
C PRO F 117 -42.33 16.66 -8.01
N THR F 118 -42.01 16.63 -6.72
CA THR F 118 -43.00 16.47 -5.65
C THR F 118 -43.36 17.87 -5.13
N VAL F 119 -44.63 18.24 -5.26
CA VAL F 119 -45.08 19.59 -4.97
C VAL F 119 -45.80 19.62 -3.63
N SER F 120 -45.51 20.63 -2.82
CA SER F 120 -46.18 20.86 -1.56
C SER F 120 -46.34 22.36 -1.35
N ILE F 121 -47.55 22.78 -0.99
CA ILE F 121 -47.86 24.19 -0.79
C ILE F 121 -48.22 24.41 0.67
N PHE F 122 -47.72 25.52 1.23
CA PHE F 122 -47.89 25.82 2.64
C PHE F 122 -48.54 27.19 2.80
N PRO F 123 -49.61 27.34 3.58
CA PRO F 123 -50.20 28.66 3.79
C PRO F 123 -49.39 29.50 4.75
N PRO F 124 -49.66 30.80 4.83
CA PRO F 124 -49.00 31.62 5.85
C PRO F 124 -49.34 31.16 7.26
N SER F 125 -48.30 31.03 8.09
CA SER F 125 -48.49 30.61 9.47
C SER F 125 -49.19 31.71 10.27
N SER F 126 -49.62 31.34 11.47
CA SER F 126 -50.25 32.32 12.36
C SER F 126 -49.23 33.32 12.91
N GLU F 127 -48.00 32.87 13.16
CA GLU F 127 -46.98 33.76 13.70
C GLU F 127 -46.59 34.84 12.71
N GLN F 128 -46.58 34.54 11.42
CA GLN F 128 -46.16 35.52 10.43
C GLN F 128 -47.26 36.50 10.09
N LEU F 129 -48.53 36.08 10.15
CA LEU F 129 -49.63 37.01 9.92
C LEU F 129 -49.75 38.06 11.01
N THR F 130 -49.18 37.81 12.19
CA THR F 130 -49.17 38.83 13.23
C THR F 130 -48.19 39.95 12.91
N SER F 131 -47.08 39.63 12.25
CA SER F 131 -46.06 40.60 11.91
C SER F 131 -46.46 41.50 10.74
N GLY F 132 -47.67 41.35 10.20
CA GLY F 132 -48.13 42.19 9.12
C GLY F 132 -47.76 41.72 7.73
N GLY F 133 -47.19 40.52 7.60
CA GLY F 133 -46.81 39.98 6.30
C GLY F 133 -47.41 38.61 6.08
N ALA F 134 -47.12 38.06 4.90
CA ALA F 134 -47.59 36.73 4.54
C ALA F 134 -46.75 36.21 3.39
N SER F 135 -46.12 35.05 3.58
CA SER F 135 -45.29 34.43 2.56
C SER F 135 -45.83 33.03 2.28
N VAL F 136 -46.20 32.78 1.03
CA VAL F 136 -46.69 31.48 0.58
C VAL F 136 -45.52 30.74 -0.08
N VAL F 137 -45.36 29.46 0.27
CA VAL F 137 -44.20 28.68 -0.13
C VAL F 137 -44.66 27.48 -0.95
N CYS F 138 -43.93 27.19 -2.01
CA CYS F 138 -44.14 25.99 -2.81
C CYS F 138 -42.80 25.28 -3.00
N PHE F 139 -42.76 23.99 -2.66
CA PHE F 139 -41.56 23.19 -2.72
C PHE F 139 -41.59 22.25 -3.91
N LEU F 140 -40.49 22.21 -4.66
CA LEU F 140 -40.30 21.25 -5.75
C LEU F 140 -39.02 20.48 -5.43
N ASN F 141 -39.16 19.19 -5.13
CA ASN F 141 -38.03 18.39 -4.67
C ASN F 141 -37.91 17.11 -5.49
N ASN F 142 -36.66 16.65 -5.62
CA ASN F 142 -36.34 15.36 -6.24
C ASN F 142 -36.91 15.28 -7.67
N PHE F 143 -36.45 16.18 -8.53
CA PHE F 143 -36.84 16.15 -9.93
C PHE F 143 -35.61 16.31 -10.81
N TYR F 144 -35.74 15.88 -12.06
CA TYR F 144 -34.66 15.97 -13.04
C TYR F 144 -35.24 16.06 -14.45
N PRO F 145 -34.67 16.94 -15.29
CA PRO F 145 -33.53 17.84 -15.08
C PRO F 145 -33.89 19.09 -14.27
N LYS F 146 -32.88 19.95 -14.06
CA LYS F 146 -33.07 21.15 -13.24
C LYS F 146 -33.90 22.22 -13.94
N ASP F 147 -34.08 22.13 -15.26
CA ASP F 147 -34.82 23.15 -15.99
C ASP F 147 -36.28 23.13 -15.56
N ILE F 148 -36.75 24.25 -14.99
CA ILE F 148 -38.11 24.35 -14.49
C ILE F 148 -38.40 25.80 -14.18
N ASN F 149 -39.68 26.17 -14.18
CA ASN F 149 -40.09 27.52 -13.82
C ASN F 149 -41.45 27.44 -13.11
N VAL F 150 -41.77 28.49 -12.37
CA VAL F 150 -42.95 28.52 -11.52
C VAL F 150 -43.75 29.79 -11.82
N LYS F 151 -45.07 29.64 -11.90
CA LYS F 151 -46.00 30.75 -12.01
C LYS F 151 -46.92 30.75 -10.79
N TRP F 152 -47.20 31.95 -10.27
CA TRP F 152 -48.07 32.13 -9.11
C TRP F 152 -49.39 32.74 -9.58
N LYS F 153 -50.49 32.05 -9.30
CA LYS F 153 -51.83 32.51 -9.63
C LYS F 153 -52.56 32.88 -8.36
N ILE F 154 -53.05 34.12 -8.29
CA ILE F 154 -53.86 34.60 -7.18
C ILE F 154 -55.26 34.82 -7.72
N ASP F 155 -56.22 34.00 -7.29
CA ASP F 155 -57.59 34.04 -7.79
C ASP F 155 -57.62 33.90 -9.31
N GLY F 156 -56.70 33.12 -9.86
CA GLY F 156 -56.63 32.89 -11.28
C GLY F 156 -55.77 33.88 -12.05
N SER F 157 -55.27 34.93 -11.40
CA SER F 157 -54.47 35.95 -12.05
C SER F 157 -53.00 35.76 -11.67
N GLU F 158 -52.12 35.95 -12.65
CA GLU F 158 -50.71 35.68 -12.45
C GLU F 158 -50.06 36.77 -11.59
N ARG F 159 -49.00 36.38 -10.89
CA ARG F 159 -48.19 37.28 -10.09
C ARG F 159 -46.73 36.89 -10.23
N GLN F 160 -45.85 37.89 -10.32
CA GLN F 160 -44.42 37.65 -10.53
C GLN F 160 -43.54 38.46 -9.58
N ASN F 161 -44.11 39.18 -8.63
CA ASN F 161 -43.34 39.98 -7.70
C ASN F 161 -43.26 39.30 -6.34
N GLY F 162 -42.25 39.69 -5.56
CA GLY F 162 -41.98 39.01 -4.31
C GLY F 162 -41.62 37.55 -4.47
N VAL F 163 -41.27 37.13 -5.68
CA VAL F 163 -40.98 35.74 -5.98
C VAL F 163 -39.49 35.50 -5.73
N LEU F 164 -39.19 34.64 -4.75
CA LEU F 164 -37.81 34.31 -4.38
C LEU F 164 -37.58 32.84 -4.68
N ASN F 165 -37.01 32.55 -5.85
CA ASN F 165 -36.68 31.19 -6.23
C ASN F 165 -35.30 30.82 -5.71
N SER F 166 -35.14 29.55 -5.35
CA SER F 166 -33.89 29.07 -4.75
C SER F 166 -33.74 27.60 -5.10
N TRP F 167 -32.86 27.32 -6.07
CA TRP F 167 -32.54 25.94 -6.43
C TRP F 167 -31.52 25.35 -5.47
N THR F 168 -31.58 24.03 -5.31
CA THR F 168 -30.51 23.27 -4.69
C THR F 168 -29.62 22.67 -5.77
N ASP F 169 -28.43 22.23 -5.37
CA ASP F 169 -27.55 21.54 -6.28
C ASP F 169 -28.00 20.10 -6.45
N GLN F 170 -27.26 19.32 -7.24
CA GLN F 170 -27.63 17.94 -7.50
C GLN F 170 -27.44 17.10 -6.26
N ASP F 171 -28.44 16.28 -5.94
CA ASP F 171 -28.37 15.44 -4.75
C ASP F 171 -27.22 14.46 -4.85
N SER F 172 -26.58 14.19 -3.72
CA SER F 172 -25.39 13.34 -3.71
C SER F 172 -25.75 11.88 -3.95
N LYS F 173 -26.83 11.39 -3.31
CA LYS F 173 -27.24 10.00 -3.43
C LYS F 173 -28.44 9.80 -4.33
N ASP F 174 -29.10 10.89 -4.76
CA ASP F 174 -30.28 10.79 -5.61
C ASP F 174 -30.10 11.40 -6.99
N SER F 175 -29.11 12.27 -7.18
CA SER F 175 -28.85 12.90 -8.47
C SER F 175 -30.05 13.71 -8.96
N THR F 176 -30.86 14.22 -8.03
CA THR F 176 -32.04 15.01 -8.35
C THR F 176 -31.89 16.42 -7.80
N TYR F 177 -32.65 17.34 -8.37
CA TYR F 177 -32.64 18.74 -7.97
C TYR F 177 -33.88 19.08 -7.13
N SER F 178 -33.79 20.18 -6.40
CA SER F 178 -34.90 20.68 -5.61
C SER F 178 -34.97 22.19 -5.73
N MET F 179 -36.18 22.73 -5.72
CA MET F 179 -36.43 24.15 -5.87
C MET F 179 -37.42 24.61 -4.82
N SER F 180 -37.30 25.89 -4.43
CA SER F 180 -38.23 26.50 -3.48
C SER F 180 -38.60 27.87 -4.00
N SER F 181 -39.90 28.12 -4.15
CA SER F 181 -40.42 29.40 -4.62
C SER F 181 -41.17 30.07 -3.49
N THR F 182 -40.74 31.28 -3.13
CA THR F 182 -41.34 32.05 -2.03
C THR F 182 -42.08 33.24 -2.61
N LEU F 183 -43.36 33.36 -2.28
CA LEU F 183 -44.19 34.49 -2.71
C LEU F 183 -44.53 35.31 -1.47
N THR F 184 -43.98 36.52 -1.39
CA THR F 184 -44.15 37.38 -0.22
C THR F 184 -45.15 38.48 -0.52
N LEU F 185 -46.10 38.67 0.38
CA LEU F 185 -47.09 39.73 0.27
C LEU F 185 -47.38 40.29 1.65
N THR F 186 -47.93 41.51 1.68
CA THR F 186 -48.33 42.11 2.94
C THR F 186 -49.56 41.38 3.49
N LYS F 187 -49.87 41.65 4.75
CA LYS F 187 -51.01 41.00 5.40
C LYS F 187 -52.32 41.42 4.76
N ASP F 188 -52.45 42.71 4.41
CA ASP F 188 -53.69 43.19 3.82
C ASP F 188 -53.87 42.68 2.39
N GLU F 189 -52.77 42.51 1.66
CA GLU F 189 -52.85 41.97 0.30
C GLU F 189 -53.20 40.48 0.29
N TYR F 190 -52.93 39.77 1.39
CA TYR F 190 -53.18 38.34 1.46
C TYR F 190 -54.61 38.00 1.87
N GLU F 191 -55.28 38.89 2.60
CA GLU F 191 -56.59 38.60 3.16
C GLU F 191 -57.75 39.00 2.26
N ARG F 192 -57.47 39.65 1.12
CA ARG F 192 -58.53 40.04 0.20
C ARG F 192 -58.77 39.01 -0.90
N HIS F 193 -57.86 38.05 -1.08
CA HIS F 193 -58.02 36.98 -2.05
C HIS F 193 -58.17 35.66 -1.31
N ASN F 194 -58.69 34.65 -2.02
CA ASN F 194 -58.99 33.36 -1.43
C ASN F 194 -58.22 32.21 -2.07
N SER F 195 -58.10 32.20 -3.40
CA SER F 195 -57.44 31.11 -4.11
C SER F 195 -56.00 31.49 -4.39
N TYR F 196 -55.07 30.64 -3.96
CA TYR F 196 -53.65 30.81 -4.21
C TYR F 196 -53.12 29.57 -4.91
N THR F 197 -52.49 29.77 -6.07
CA THR F 197 -52.11 28.66 -6.93
C THR F 197 -50.69 28.88 -7.44
N CYS F 198 -49.81 27.90 -7.20
CA CYS F 198 -48.49 27.86 -7.81
C CYS F 198 -48.45 26.66 -8.75
N GLU F 199 -47.98 26.88 -9.98
CA GLU F 199 -47.92 25.84 -10.98
C GLU F 199 -46.56 25.88 -11.68
N ALA F 200 -45.97 24.71 -11.89
CA ALA F 200 -44.64 24.57 -12.46
C ALA F 200 -44.71 23.99 -13.87
N THR F 201 -43.64 24.21 -14.62
CA THR F 201 -43.50 23.72 -15.99
C THR F 201 -42.25 22.85 -16.07
N HIS F 202 -42.44 21.54 -16.24
CA HIS F 202 -41.34 20.60 -16.33
C HIS F 202 -41.51 19.74 -17.57
N LYS F 203 -40.38 19.32 -18.15
CA LYS F 203 -40.44 18.56 -19.39
C LYS F 203 -41.14 17.22 -19.24
N THR F 204 -41.25 16.70 -18.01
CA THR F 204 -41.93 15.42 -17.80
C THR F 204 -43.45 15.56 -17.78
N SER F 205 -43.99 16.71 -18.19
CA SER F 205 -45.42 16.92 -18.20
C SER F 205 -45.76 17.96 -19.26
N THR F 206 -46.73 17.64 -20.11
CA THR F 206 -47.15 18.59 -21.14
C THR F 206 -47.91 19.75 -20.53
N SER F 207 -48.70 19.49 -19.48
CA SER F 207 -49.49 20.53 -18.82
C SER F 207 -48.85 20.91 -17.49
N PRO F 208 -49.04 22.15 -17.04
CA PRO F 208 -48.46 22.53 -15.74
C PRO F 208 -49.04 21.71 -14.59
N ILE F 209 -48.20 21.42 -13.61
CA ILE F 209 -48.61 20.71 -12.40
C ILE F 209 -49.11 21.75 -11.41
N VAL F 210 -50.35 21.59 -10.96
CA VAL F 210 -51.03 22.60 -10.14
C VAL F 210 -51.15 22.08 -8.72
N LYS F 211 -50.95 22.99 -7.76
CA LYS F 211 -51.11 22.68 -6.34
C LYS F 211 -51.57 23.96 -5.66
N SER F 212 -52.76 23.95 -5.08
CA SER F 212 -53.38 25.17 -4.58
C SER F 212 -54.13 24.89 -3.28
N PHE F 213 -54.43 25.97 -2.57
CA PHE F 213 -55.27 25.93 -1.37
C PHE F 213 -56.19 27.14 -1.40
N ASN F 214 -57.23 27.09 -0.57
CA ASN F 214 -58.21 28.16 -0.48
C ASN F 214 -58.22 28.72 0.93
N ARG F 215 -58.14 30.05 1.04
CA ARG F 215 -58.08 30.71 2.33
C ARG F 215 -59.43 30.64 3.04
#